data_2ZPM
# 
_entry.id   2ZPM 
# 
_audit_conform.dict_name       mmcif_pdbx.dic 
_audit_conform.dict_version    5.403 
_audit_conform.dict_location   http://mmcif.pdb.org/dictionaries/ascii/mmcif_pdbx.dic 
# 
loop_
_database_2.database_id 
_database_2.database_code 
_database_2.pdbx_database_accession 
_database_2.pdbx_DOI 
PDB   2ZPM         pdb_00002zpm 10.2210/pdb2zpm/pdb 
RCSB  RCSB028266   ?            ?                   
WWPDB D_1000028266 ?            ?                   
# 
loop_
_pdbx_audit_revision_history.ordinal 
_pdbx_audit_revision_history.data_content_type 
_pdbx_audit_revision_history.major_revision 
_pdbx_audit_revision_history.minor_revision 
_pdbx_audit_revision_history.revision_date 
_pdbx_audit_revision_history.part_number 
1 'Structure model' 1 0 2008-10-21 ? 
2 'Structure model' 1 1 2011-07-13 ? 
3 'Structure model' 1 2 2017-10-11 ? 
4 'Structure model' 1 3 2025-03-26 ? 
# 
_pdbx_audit_revision_details.ordinal             1 
_pdbx_audit_revision_details.revision_ordinal    1 
_pdbx_audit_revision_details.data_content_type   'Structure model' 
_pdbx_audit_revision_details.provider            repository 
_pdbx_audit_revision_details.type                'Initial release' 
_pdbx_audit_revision_details.description         ? 
_pdbx_audit_revision_details.details             ? 
# 
loop_
_pdbx_audit_revision_group.ordinal 
_pdbx_audit_revision_group.revision_ordinal 
_pdbx_audit_revision_group.data_content_type 
_pdbx_audit_revision_group.group 
1 2 'Structure model' 'Version format compliance' 
2 3 'Structure model' 'Refinement description'    
3 4 'Structure model' 'Data collection'           
4 4 'Structure model' 'Database references'       
5 4 'Structure model' 'Derived calculations'      
6 4 'Structure model' 'Structure summary'         
# 
loop_
_pdbx_audit_revision_category.ordinal 
_pdbx_audit_revision_category.revision_ordinal 
_pdbx_audit_revision_category.data_content_type 
_pdbx_audit_revision_category.category 
1 3 'Structure model' software                  
2 4 'Structure model' chem_comp_atom            
3 4 'Structure model' chem_comp_bond            
4 4 'Structure model' database_2                
5 4 'Structure model' pdbx_entry_details        
6 4 'Structure model' pdbx_modification_feature 
7 4 'Structure model' struct_conn               
8 4 'Structure model' struct_ref_seq_dif        
# 
loop_
_pdbx_audit_revision_item.ordinal 
_pdbx_audit_revision_item.revision_ordinal 
_pdbx_audit_revision_item.data_content_type 
_pdbx_audit_revision_item.item 
1 4 'Structure model' '_database_2.pdbx_DOI'                
2 4 'Structure model' '_database_2.pdbx_database_accession' 
3 4 'Structure model' '_struct_conn.pdbx_leaving_atom_flag' 
4 4 'Structure model' '_struct_ref_seq_dif.details'         
# 
_pdbx_database_status.status_code                     REL 
_pdbx_database_status.entry_id                        2ZPM 
_pdbx_database_status.recvd_initial_deposition_date   2008-07-17 
_pdbx_database_status.deposit_site                    PDBJ 
_pdbx_database_status.process_site                    PDBJ 
_pdbx_database_status.status_code_sf                  REL 
_pdbx_database_status.status_code_mr                  ? 
_pdbx_database_status.SG_entry                        ? 
_pdbx_database_status.pdb_format_compatible           Y 
_pdbx_database_status.status_code_cs                  ? 
_pdbx_database_status.methods_development_category    ? 
_pdbx_database_status.status_code_nmr_data            ? 
# 
loop_
_audit_author.name 
_audit_author.pdbx_ordinal 
'Inaba, K.'  1 
'Suzuki, M.' 2 
# 
_citation.id                        primary 
_citation.title                     'Crystal Structure analysis of PDZ-domain B' 
_citation.journal_abbrev            'To be Published' 
_citation.journal_volume            ? 
_citation.page_first                ? 
_citation.page_last                 ? 
_citation.year                      ? 
_citation.journal_id_ASTM           ? 
_citation.country                   ? 
_citation.journal_id_ISSN           ? 
_citation.journal_id_CSD            0353 
_citation.book_publisher            ? 
_citation.pdbx_database_id_PubMed   ? 
_citation.pdbx_database_id_DOI      ? 
# 
loop_
_citation_author.citation_id 
_citation_author.name 
_citation_author.ordinal 
_citation_author.identifier_ORCID 
primary 'Inaba, K.'   1 ? 
primary 'Suzuki, M.'  2 ? 
primary 'Maegawa, K.' 3 ? 
primary 'Akiyama, Y.' 4 ? 
# 
loop_
_entity.id 
_entity.type 
_entity.src_method 
_entity.pdbx_description 
_entity.formula_weight 
_entity.pdbx_number_of_molecules 
_entity.pdbx_ec 
_entity.pdbx_mutation 
_entity.pdbx_fragment 
_entity.details 
1 polymer man 'Regulator of sigma E protease' 9815.257 1   3.4.24.- ? 'PDZ-domain B' ? 
2 water   nat water                           18.015   151 ?        ? ?              ? 
# 
_entity_poly.entity_id                      1 
_entity_poly.type                           'polypeptide(L)' 
_entity_poly.nstd_linkage                   no 
_entity_poly.nstd_monomer                   yes 
_entity_poly.pdbx_seq_one_letter_code       
;GIPIEPVLENVQPNSAAS(MLY)AGLQAGDRIV(MLY)VDGQPLTQWVTFV(MSE)LVRDNPG(MLY)SLALEIERQGSP
LSLTLIPES(MLY)PGNG(MLY)AIGFVGIEP(MLY)VI
;
_entity_poly.pdbx_seq_one_letter_code_can   
;GIPIEPVLENVQPNSAASKAGLQAGDRIVKVDGQPLTQWVTFVMLVRDNPGKSLALEIERQGSPLSLTLIPESKPGNGKA
IGFVGIEPKVI
;
_entity_poly.pdbx_strand_id                 A 
_entity_poly.pdbx_target_identifier         ? 
# 
_pdbx_entity_nonpoly.entity_id   2 
_pdbx_entity_nonpoly.name        water 
_pdbx_entity_nonpoly.comp_id     HOH 
# 
loop_
_entity_poly_seq.entity_id 
_entity_poly_seq.num 
_entity_poly_seq.mon_id 
_entity_poly_seq.hetero 
1 1  GLY n 
1 2  ILE n 
1 3  PRO n 
1 4  ILE n 
1 5  GLU n 
1 6  PRO n 
1 7  VAL n 
1 8  LEU n 
1 9  GLU n 
1 10 ASN n 
1 11 VAL n 
1 12 GLN n 
1 13 PRO n 
1 14 ASN n 
1 15 SER n 
1 16 ALA n 
1 17 ALA n 
1 18 SER n 
1 19 MLY n 
1 20 ALA n 
1 21 GLY n 
1 22 LEU n 
1 23 GLN n 
1 24 ALA n 
1 25 GLY n 
1 26 ASP n 
1 27 ARG n 
1 28 ILE n 
1 29 VAL n 
1 30 MLY n 
1 31 VAL n 
1 32 ASP n 
1 33 GLY n 
1 34 GLN n 
1 35 PRO n 
1 36 LEU n 
1 37 THR n 
1 38 GLN n 
1 39 TRP n 
1 40 VAL n 
1 41 THR n 
1 42 PHE n 
1 43 VAL n 
1 44 MSE n 
1 45 LEU n 
1 46 VAL n 
1 47 ARG n 
1 48 ASP n 
1 49 ASN n 
1 50 PRO n 
1 51 GLY n 
1 52 MLY n 
1 53 SER n 
1 54 LEU n 
1 55 ALA n 
1 56 LEU n 
1 57 GLU n 
1 58 ILE n 
1 59 GLU n 
1 60 ARG n 
1 61 GLN n 
1 62 GLY n 
1 63 SER n 
1 64 PRO n 
1 65 LEU n 
1 66 SER n 
1 67 LEU n 
1 68 THR n 
1 69 LEU n 
1 70 ILE n 
1 71 PRO n 
1 72 GLU n 
1 73 SER n 
1 74 MLY n 
1 75 PRO n 
1 76 GLY n 
1 77 ASN n 
1 78 GLY n 
1 79 MLY n 
1 80 ALA n 
1 81 ILE n 
1 82 GLY n 
1 83 PHE n 
1 84 VAL n 
1 85 GLY n 
1 86 ILE n 
1 87 GLU n 
1 88 PRO n 
1 89 MLY n 
1 90 VAL n 
1 91 ILE n 
# 
_entity_src_gen.entity_id                          1 
_entity_src_gen.pdbx_src_id                        1 
_entity_src_gen.pdbx_alt_source_flag               sample 
_entity_src_gen.pdbx_seq_type                      ? 
_entity_src_gen.pdbx_beg_seq_num                   ? 
_entity_src_gen.pdbx_end_seq_num                   ? 
_entity_src_gen.gene_src_common_name               ? 
_entity_src_gen.gene_src_genus                     ? 
_entity_src_gen.pdbx_gene_src_gene                 ? 
_entity_src_gen.gene_src_species                   ? 
_entity_src_gen.gene_src_strain                    K12 
_entity_src_gen.gene_src_tissue                    ? 
_entity_src_gen.gene_src_tissue_fraction           ? 
_entity_src_gen.gene_src_details                   ? 
_entity_src_gen.pdbx_gene_src_fragment             ? 
_entity_src_gen.pdbx_gene_src_scientific_name      'Escherichia coli' 
_entity_src_gen.pdbx_gene_src_ncbi_taxonomy_id     83333 
_entity_src_gen.pdbx_gene_src_variant              ? 
_entity_src_gen.pdbx_gene_src_cell_line            ? 
_entity_src_gen.pdbx_gene_src_atcc                 ? 
_entity_src_gen.pdbx_gene_src_organ                ? 
_entity_src_gen.pdbx_gene_src_organelle            ? 
_entity_src_gen.pdbx_gene_src_cell                 ? 
_entity_src_gen.pdbx_gene_src_cellular_location    ? 
_entity_src_gen.host_org_common_name               ? 
_entity_src_gen.pdbx_host_org_scientific_name      'Escherichia coli' 
_entity_src_gen.pdbx_host_org_ncbi_taxonomy_id     562 
_entity_src_gen.host_org_genus                     ? 
_entity_src_gen.pdbx_host_org_gene                 ? 
_entity_src_gen.pdbx_host_org_organ                ? 
_entity_src_gen.host_org_species                   ? 
_entity_src_gen.pdbx_host_org_tissue               ? 
_entity_src_gen.pdbx_host_org_tissue_fraction      ? 
_entity_src_gen.pdbx_host_org_strain               ? 
_entity_src_gen.pdbx_host_org_variant              ? 
_entity_src_gen.pdbx_host_org_cell_line            ? 
_entity_src_gen.pdbx_host_org_atcc                 ? 
_entity_src_gen.pdbx_host_org_culture_collection   ? 
_entity_src_gen.pdbx_host_org_cell                 ? 
_entity_src_gen.pdbx_host_org_organelle            ? 
_entity_src_gen.pdbx_host_org_cellular_location    ? 
_entity_src_gen.pdbx_host_org_vector_type          plasmid 
_entity_src_gen.pdbx_host_org_vector               ? 
_entity_src_gen.host_org_details                   ? 
_entity_src_gen.expression_system_id               ? 
_entity_src_gen.plasmid_name                       pGEX-5X-1 
_entity_src_gen.plasmid_details                    ? 
_entity_src_gen.pdbx_description                   ? 
# 
loop_
_chem_comp.id 
_chem_comp.type 
_chem_comp.mon_nstd_flag 
_chem_comp.name 
_chem_comp.pdbx_synonyms 
_chem_comp.formula 
_chem_comp.formula_weight 
ALA 'L-peptide linking' y ALANINE           ? 'C3 H7 N O2'     89.093  
ARG 'L-peptide linking' y ARGININE          ? 'C6 H15 N4 O2 1' 175.209 
ASN 'L-peptide linking' y ASPARAGINE        ? 'C4 H8 N2 O3'    132.118 
ASP 'L-peptide linking' y 'ASPARTIC ACID'   ? 'C4 H7 N O4'     133.103 
GLN 'L-peptide linking' y GLUTAMINE         ? 'C5 H10 N2 O3'   146.144 
GLU 'L-peptide linking' y 'GLUTAMIC ACID'   ? 'C5 H9 N O4'     147.129 
GLY 'peptide linking'   y GLYCINE           ? 'C2 H5 N O2'     75.067  
HOH non-polymer         . WATER             ? 'H2 O'           18.015  
ILE 'L-peptide linking' y ISOLEUCINE        ? 'C6 H13 N O2'    131.173 
LEU 'L-peptide linking' y LEUCINE           ? 'C6 H13 N O2'    131.173 
MLY 'L-peptide linking' n N-DIMETHYL-LYSINE ? 'C8 H18 N2 O2'   174.241 
MSE 'L-peptide linking' n SELENOMETHIONINE  ? 'C5 H11 N O2 Se' 196.106 
PHE 'L-peptide linking' y PHENYLALANINE     ? 'C9 H11 N O2'    165.189 
PRO 'L-peptide linking' y PROLINE           ? 'C5 H9 N O2'     115.130 
SER 'L-peptide linking' y SERINE            ? 'C3 H7 N O3'     105.093 
THR 'L-peptide linking' y THREONINE         ? 'C4 H9 N O3'     119.119 
TRP 'L-peptide linking' y TRYPTOPHAN        ? 'C11 H12 N2 O2'  204.225 
VAL 'L-peptide linking' y VALINE            ? 'C5 H11 N O2'    117.146 
# 
loop_
_pdbx_poly_seq_scheme.asym_id 
_pdbx_poly_seq_scheme.entity_id 
_pdbx_poly_seq_scheme.seq_id 
_pdbx_poly_seq_scheme.mon_id 
_pdbx_poly_seq_scheme.ndb_seq_num 
_pdbx_poly_seq_scheme.pdb_seq_num 
_pdbx_poly_seq_scheme.auth_seq_num 
_pdbx_poly_seq_scheme.pdb_mon_id 
_pdbx_poly_seq_scheme.auth_mon_id 
_pdbx_poly_seq_scheme.pdb_strand_id 
_pdbx_poly_seq_scheme.pdb_ins_code 
_pdbx_poly_seq_scheme.hetero 
A 1 1  GLY 1  219 ?   ?   ?   A . n 
A 1 2  ILE 2  220 ?   ?   ?   A . n 
A 1 3  PRO 3  221 ?   ?   ?   A . n 
A 1 4  ILE 4  222 ?   ?   ?   A . n 
A 1 5  GLU 5  223 ?   ?   ?   A . n 
A 1 6  PRO 6  224 224 PRO PRO A . n 
A 1 7  VAL 7  225 225 VAL VAL A . n 
A 1 8  LEU 8  226 226 LEU LEU A . n 
A 1 9  GLU 9  227 227 GLU GLU A . n 
A 1 10 ASN 10 228 228 ASN ASN A . n 
A 1 11 VAL 11 229 229 VAL VAL A . n 
A 1 12 GLN 12 230 230 GLN GLN A . n 
A 1 13 PRO 13 231 231 PRO PRO A . n 
A 1 14 ASN 14 232 232 ASN ASN A . n 
A 1 15 SER 15 233 233 SER SER A . n 
A 1 16 ALA 16 234 234 ALA ALA A . n 
A 1 17 ALA 17 235 235 ALA ALA A . n 
A 1 18 SER 18 236 236 SER SER A . n 
A 1 19 MLY 19 237 237 MLY MLY A . n 
A 1 20 ALA 20 238 238 ALA ALA A . n 
A 1 21 GLY 21 239 239 GLY GLY A . n 
A 1 22 LEU 22 240 240 LEU LEU A . n 
A 1 23 GLN 23 241 241 GLN GLN A . n 
A 1 24 ALA 24 242 242 ALA ALA A . n 
A 1 25 GLY 25 243 243 GLY GLY A . n 
A 1 26 ASP 26 244 244 ASP ASP A . n 
A 1 27 ARG 27 245 245 ARG ARG A . n 
A 1 28 ILE 28 246 246 ILE ILE A . n 
A 1 29 VAL 29 247 247 VAL VAL A . n 
A 1 30 MLY 30 248 248 MLY MLY A . n 
A 1 31 VAL 31 249 249 VAL VAL A . n 
A 1 32 ASP 32 250 250 ASP ASP A . n 
A 1 33 GLY 33 251 251 GLY GLY A . n 
A 1 34 GLN 34 252 252 GLN GLN A . n 
A 1 35 PRO 35 253 253 PRO PRO A . n 
A 1 36 LEU 36 254 254 LEU LEU A . n 
A 1 37 THR 37 255 255 THR THR A . n 
A 1 38 GLN 38 256 256 GLN GLN A . n 
A 1 39 TRP 39 257 257 TRP TRP A . n 
A 1 40 VAL 40 258 258 VAL VAL A . n 
A 1 41 THR 41 259 259 THR THR A . n 
A 1 42 PHE 42 260 260 PHE PHE A . n 
A 1 43 VAL 43 261 261 VAL VAL A . n 
A 1 44 MSE 44 262 262 MSE MSE A . n 
A 1 45 LEU 45 263 263 LEU LEU A . n 
A 1 46 VAL 46 264 264 VAL VAL A . n 
A 1 47 ARG 47 265 265 ARG ARG A . n 
A 1 48 ASP 48 266 266 ASP ASP A . n 
A 1 49 ASN 49 267 267 ASN ASN A . n 
A 1 50 PRO 50 268 268 PRO PRO A . n 
A 1 51 GLY 51 269 269 GLY GLY A . n 
A 1 52 MLY 52 270 270 MLY MLY A . n 
A 1 53 SER 53 271 271 SER SER A . n 
A 1 54 LEU 54 272 272 LEU LEU A . n 
A 1 55 ALA 55 273 273 ALA ALA A . n 
A 1 56 LEU 56 274 274 LEU LEU A . n 
A 1 57 GLU 57 275 275 GLU GLU A . n 
A 1 58 ILE 58 276 276 ILE ILE A . n 
A 1 59 GLU 59 277 277 GLU GLU A . n 
A 1 60 ARG 60 278 278 ARG ARG A . n 
A 1 61 GLN 61 279 279 GLN GLN A . n 
A 1 62 GLY 62 280 280 GLY GLY A . n 
A 1 63 SER 63 281 281 SER SER A . n 
A 1 64 PRO 64 282 282 PRO PRO A . n 
A 1 65 LEU 65 283 283 LEU LEU A . n 
A 1 66 SER 66 284 284 SER SER A . n 
A 1 67 LEU 67 285 285 LEU LEU A . n 
A 1 68 THR 68 286 286 THR THR A . n 
A 1 69 LEU 69 287 287 LEU LEU A . n 
A 1 70 ILE 70 288 288 ILE ILE A . n 
A 1 71 PRO 71 289 289 PRO PRO A . n 
A 1 72 GLU 72 290 290 GLU GLU A . n 
A 1 73 SER 73 291 291 SER SER A . n 
A 1 74 MLY 74 292 292 MLY MLY A . n 
A 1 75 PRO 75 293 293 PRO PRO A . n 
A 1 76 GLY 76 294 294 GLY GLY A . n 
A 1 77 ASN 77 295 295 ASN ASN A . n 
A 1 78 GLY 78 296 296 GLY GLY A . n 
A 1 79 MLY 79 297 297 MLY MLY A . n 
A 1 80 ALA 80 298 298 ALA ALA A . n 
A 1 81 ILE 81 299 299 ILE ILE A . n 
A 1 82 GLY 82 300 300 GLY GLY A . n 
A 1 83 PHE 83 301 301 PHE PHE A . n 
A 1 84 VAL 84 302 302 VAL VAL A . n 
A 1 85 GLY 85 303 303 GLY GLY A . n 
A 1 86 ILE 86 304 304 ILE ILE A . n 
A 1 87 GLU 87 305 305 GLU GLU A . n 
A 1 88 PRO 88 306 306 PRO PRO A . n 
A 1 89 MLY 89 307 307 MLY MLY A . n 
A 1 90 VAL 90 308 308 VAL VAL A . n 
A 1 91 ILE 91 309 309 ILE ILE A . n 
# 
loop_
_pdbx_nonpoly_scheme.asym_id 
_pdbx_nonpoly_scheme.entity_id 
_pdbx_nonpoly_scheme.mon_id 
_pdbx_nonpoly_scheme.ndb_seq_num 
_pdbx_nonpoly_scheme.pdb_seq_num 
_pdbx_nonpoly_scheme.auth_seq_num 
_pdbx_nonpoly_scheme.pdb_mon_id 
_pdbx_nonpoly_scheme.auth_mon_id 
_pdbx_nonpoly_scheme.pdb_strand_id 
_pdbx_nonpoly_scheme.pdb_ins_code 
B 2 HOH 1   1   1   HOH HOH A . 
B 2 HOH 2   2   2   HOH HOH A . 
B 2 HOH 3   3   3   HOH HOH A . 
B 2 HOH 4   4   4   HOH HOH A . 
B 2 HOH 5   5   5   HOH HOH A . 
B 2 HOH 6   6   6   HOH HOH A . 
B 2 HOH 7   7   7   HOH HOH A . 
B 2 HOH 8   8   8   HOH HOH A . 
B 2 HOH 9   9   9   HOH HOH A . 
B 2 HOH 10  10  10  HOH HOH A . 
B 2 HOH 11  11  11  HOH HOH A . 
B 2 HOH 12  12  12  HOH HOH A . 
B 2 HOH 13  13  13  HOH HOH A . 
B 2 HOH 14  14  14  HOH HOH A . 
B 2 HOH 15  15  15  HOH HOH A . 
B 2 HOH 16  16  16  HOH HOH A . 
B 2 HOH 17  17  17  HOH HOH A . 
B 2 HOH 18  18  18  HOH HOH A . 
B 2 HOH 19  19  19  HOH HOH A . 
B 2 HOH 20  20  20  HOH HOH A . 
B 2 HOH 21  21  21  HOH HOH A . 
B 2 HOH 22  22  22  HOH HOH A . 
B 2 HOH 23  23  23  HOH HOH A . 
B 2 HOH 24  24  24  HOH HOH A . 
B 2 HOH 25  25  25  HOH HOH A . 
B 2 HOH 26  26  26  HOH HOH A . 
B 2 HOH 27  27  27  HOH HOH A . 
B 2 HOH 28  28  28  HOH HOH A . 
B 2 HOH 29  29  29  HOH HOH A . 
B 2 HOH 30  30  30  HOH HOH A . 
B 2 HOH 31  31  31  HOH HOH A . 
B 2 HOH 32  32  32  HOH HOH A . 
B 2 HOH 33  33  33  HOH HOH A . 
B 2 HOH 34  34  34  HOH HOH A . 
B 2 HOH 35  35  35  HOH HOH A . 
B 2 HOH 36  36  36  HOH HOH A . 
B 2 HOH 37  37  37  HOH HOH A . 
B 2 HOH 38  38  38  HOH HOH A . 
B 2 HOH 39  39  39  HOH HOH A . 
B 2 HOH 40  40  40  HOH HOH A . 
B 2 HOH 41  41  41  HOH HOH A . 
B 2 HOH 42  42  42  HOH HOH A . 
B 2 HOH 43  43  43  HOH HOH A . 
B 2 HOH 44  44  44  HOH HOH A . 
B 2 HOH 45  45  45  HOH HOH A . 
B 2 HOH 46  46  46  HOH HOH A . 
B 2 HOH 47  47  47  HOH HOH A . 
B 2 HOH 48  48  48  HOH HOH A . 
B 2 HOH 49  49  49  HOH HOH A . 
B 2 HOH 50  50  50  HOH HOH A . 
B 2 HOH 51  51  51  HOH HOH A . 
B 2 HOH 52  52  52  HOH HOH A . 
B 2 HOH 53  53  53  HOH HOH A . 
B 2 HOH 54  54  54  HOH HOH A . 
B 2 HOH 55  55  55  HOH HOH A . 
B 2 HOH 56  56  56  HOH HOH A . 
B 2 HOH 57  57  57  HOH HOH A . 
B 2 HOH 58  58  58  HOH HOH A . 
B 2 HOH 59  59  59  HOH HOH A . 
B 2 HOH 60  60  60  HOH HOH A . 
B 2 HOH 61  61  61  HOH HOH A . 
B 2 HOH 62  62  62  HOH HOH A . 
B 2 HOH 63  63  63  HOH HOH A . 
B 2 HOH 64  64  64  HOH HOH A . 
B 2 HOH 65  65  65  HOH HOH A . 
B 2 HOH 66  66  66  HOH HOH A . 
B 2 HOH 67  67  67  HOH HOH A . 
B 2 HOH 68  68  68  HOH HOH A . 
B 2 HOH 69  69  69  HOH HOH A . 
B 2 HOH 70  70  70  HOH HOH A . 
B 2 HOH 71  71  71  HOH HOH A . 
B 2 HOH 72  72  72  HOH HOH A . 
B 2 HOH 73  73  73  HOH HOH A . 
B 2 HOH 74  74  74  HOH HOH A . 
B 2 HOH 75  75  75  HOH HOH A . 
B 2 HOH 76  76  76  HOH HOH A . 
B 2 HOH 77  77  77  HOH HOH A . 
B 2 HOH 78  78  78  HOH HOH A . 
B 2 HOH 79  79  79  HOH HOH A . 
B 2 HOH 80  80  80  HOH HOH A . 
B 2 HOH 81  81  81  HOH HOH A . 
B 2 HOH 82  82  82  HOH HOH A . 
B 2 HOH 83  83  83  HOH HOH A . 
B 2 HOH 84  84  84  HOH HOH A . 
B 2 HOH 85  85  85  HOH HOH A . 
B 2 HOH 86  86  86  HOH HOH A . 
B 2 HOH 87  87  87  HOH HOH A . 
B 2 HOH 88  88  88  HOH HOH A . 
B 2 HOH 89  89  89  HOH HOH A . 
B 2 HOH 90  90  90  HOH HOH A . 
B 2 HOH 91  91  91  HOH HOH A . 
B 2 HOH 92  92  92  HOH HOH A . 
B 2 HOH 93  93  93  HOH HOH A . 
B 2 HOH 94  94  94  HOH HOH A . 
B 2 HOH 95  95  95  HOH HOH A . 
B 2 HOH 96  96  96  HOH HOH A . 
B 2 HOH 97  97  97  HOH HOH A . 
B 2 HOH 98  98  98  HOH HOH A . 
B 2 HOH 99  99  99  HOH HOH A . 
B 2 HOH 100 100 100 HOH HOH A . 
B 2 HOH 101 101 101 HOH HOH A . 
B 2 HOH 102 102 102 HOH HOH A . 
B 2 HOH 103 103 103 HOH HOH A . 
B 2 HOH 104 104 104 HOH HOH A . 
B 2 HOH 105 105 105 HOH HOH A . 
B 2 HOH 106 106 106 HOH HOH A . 
B 2 HOH 107 107 107 HOH HOH A . 
B 2 HOH 108 108 108 HOH HOH A . 
B 2 HOH 109 109 109 HOH HOH A . 
B 2 HOH 110 110 110 HOH HOH A . 
B 2 HOH 111 111 111 HOH HOH A . 
B 2 HOH 112 112 112 HOH HOH A . 
B 2 HOH 113 113 113 HOH HOH A . 
B 2 HOH 114 114 114 HOH HOH A . 
B 2 HOH 115 115 115 HOH HOH A . 
B 2 HOH 116 116 116 HOH HOH A . 
B 2 HOH 117 117 117 HOH HOH A . 
B 2 HOH 118 118 118 HOH HOH A . 
B 2 HOH 119 119 119 HOH HOH A . 
B 2 HOH 120 120 120 HOH HOH A . 
B 2 HOH 121 121 121 HOH HOH A . 
B 2 HOH 122 122 122 HOH HOH A . 
B 2 HOH 123 123 123 HOH HOH A . 
B 2 HOH 124 124 124 HOH HOH A . 
B 2 HOH 125 125 125 HOH HOH A . 
B 2 HOH 126 126 126 HOH HOH A . 
B 2 HOH 127 127 127 HOH HOH A . 
B 2 HOH 128 128 128 HOH HOH A . 
B 2 HOH 129 129 129 HOH HOH A . 
B 2 HOH 130 130 130 HOH HOH A . 
B 2 HOH 131 131 131 HOH HOH A . 
B 2 HOH 132 132 132 HOH HOH A . 
B 2 HOH 133 133 133 HOH HOH A . 
B 2 HOH 134 134 134 HOH HOH A . 
B 2 HOH 135 135 135 HOH HOH A . 
B 2 HOH 136 136 136 HOH HOH A . 
B 2 HOH 137 137 137 HOH HOH A . 
B 2 HOH 138 138 138 HOH HOH A . 
B 2 HOH 139 139 139 HOH HOH A . 
B 2 HOH 140 140 140 HOH HOH A . 
B 2 HOH 141 141 141 HOH HOH A . 
B 2 HOH 142 142 142 HOH HOH A . 
B 2 HOH 143 143 143 HOH HOH A . 
B 2 HOH 144 144 144 HOH HOH A . 
B 2 HOH 145 145 145 HOH HOH A . 
B 2 HOH 146 146 146 HOH HOH A . 
B 2 HOH 147 147 147 HOH HOH A . 
B 2 HOH 148 148 148 HOH HOH A . 
B 2 HOH 149 149 149 HOH HOH A . 
B 2 HOH 150 150 150 HOH HOH A . 
B 2 HOH 151 152 152 HOH HOH A . 
# 
loop_
_software.name 
_software.classification 
_software.version 
_software.citation_id 
_software.pdbx_ordinal 
REFMAC   refinement       5.5.0035 ? 1 
HKL-2000 'data reduction' .        ? 2 
HKL-2000 'data scaling'   .        ? 3 
SCALA    'data scaling'   .        ? 4 
SHELXCD  phasing          .        ? 5 
SHELXE   'model building' .        ? 6 
# 
_cell.entry_id           2ZPM 
_cell.length_a           70.141 
_cell.length_b           26.867 
_cell.length_c           42.789 
_cell.angle_alpha        90.00 
_cell.angle_beta         112.12 
_cell.angle_gamma        90.00 
_cell.Z_PDB              4 
_cell.pdbx_unique_axis   ? 
_cell.length_a_esd       ? 
_cell.length_b_esd       ? 
_cell.length_c_esd       ? 
_cell.angle_alpha_esd    ? 
_cell.angle_beta_esd     ? 
_cell.angle_gamma_esd    ? 
# 
_symmetry.entry_id                         2ZPM 
_symmetry.space_group_name_H-M             'C 1 2 1' 
_symmetry.pdbx_full_space_group_name_H-M   ? 
_symmetry.cell_setting                     ? 
_symmetry.Int_Tables_number                5 
_symmetry.space_group_name_Hall            ? 
# 
_exptl.entry_id          2ZPM 
_exptl.method            'X-RAY DIFFRACTION' 
_exptl.crystals_number   1 
# 
_exptl_crystal.id                    1 
_exptl_crystal.density_meas          ? 
_exptl_crystal.density_Matthews      1.90 
_exptl_crystal.density_percent_sol   35.35 
_exptl_crystal.description           ? 
_exptl_crystal.F_000                 ? 
_exptl_crystal.preparation           ? 
# 
_exptl_crystal_grow.crystal_id      1 
_exptl_crystal_grow.method          'VAPOR DIFFUSION' 
_exptl_crystal_grow.temp            293 
_exptl_crystal_grow.temp_details    ? 
_exptl_crystal_grow.pH              ? 
_exptl_crystal_grow.pdbx_details    '25% PEG3350, VAPOR DIFFUSION, temperature 293K' 
_exptl_crystal_grow.pdbx_pH_range   . 
# 
_diffrn.id                     1 
_diffrn.ambient_temp           100 
_diffrn.ambient_temp_details   ? 
_diffrn.crystal_id             1 
# 
_diffrn_detector.diffrn_id              1 
_diffrn_detector.detector               CCD 
_diffrn_detector.type                   'Bruker DIP-6040' 
_diffrn_detector.pdbx_collection_date   ? 
_diffrn_detector.details                ? 
# 
_diffrn_radiation.diffrn_id                        1 
_diffrn_radiation.wavelength_id                    1 
_diffrn_radiation.pdbx_monochromatic_or_laue_m_l   M 
_diffrn_radiation.monochromator                    ? 
_diffrn_radiation.pdbx_diffrn_protocol             'SINGLE WAVELENGTH' 
_diffrn_radiation.pdbx_scattering_type             x-ray 
# 
_diffrn_radiation_wavelength.id           1 
_diffrn_radiation_wavelength.wavelength   0.65 
_diffrn_radiation_wavelength.wt           1.0 
# 
_diffrn_source.diffrn_id                   1 
_diffrn_source.source                      SYNCHROTRON 
_diffrn_source.type                        'SPRING-8 BEAMLINE BL44XU' 
_diffrn_source.pdbx_synchrotron_site       SPring-8 
_diffrn_source.pdbx_synchrotron_beamline   BL44XU 
_diffrn_source.pdbx_wavelength             ? 
_diffrn_source.pdbx_wavelength_list        0.65 
# 
_reflns.entry_id                     2ZPM 
_reflns.observed_criterion_sigma_F   ? 
_reflns.observed_criterion_sigma_I   ? 
_reflns.d_resolution_high            0.98 
_reflns.d_resolution_low             21.47 
_reflns.number_all                   ? 
_reflns.number_obs                   42333 
_reflns.percent_possible_obs         99.4 
_reflns.pdbx_Rmerge_I_obs            0.044 
_reflns.pdbx_Rsym_value              ? 
_reflns.pdbx_netI_over_sigmaI        17.1 
_reflns.B_iso_Wilson_estimate        7.3 
_reflns.pdbx_redundancy              3.7 
_reflns.R_free_details               ? 
_reflns.limit_h_max                  ? 
_reflns.limit_h_min                  ? 
_reflns.limit_k_max                  ? 
_reflns.limit_k_min                  ? 
_reflns.limit_l_max                  ? 
_reflns.limit_l_min                  ? 
_reflns.observed_criterion_F_max     ? 
_reflns.observed_criterion_F_min     ? 
_reflns.pdbx_chi_squared             ? 
_reflns.pdbx_scaling_rejects         ? 
_reflns.pdbx_diffrn_id               1 
_reflns.pdbx_ordinal                 1 
# 
_reflns_shell.d_res_high             0.98 
_reflns_shell.d_res_low              1.03 
_reflns_shell.percent_possible_all   99.0 
_reflns_shell.Rmerge_I_obs           0.446 
_reflns_shell.pdbx_Rsym_value        ? 
_reflns_shell.meanI_over_sigI_obs    2.9 
_reflns_shell.pdbx_redundancy        3.7 
_reflns_shell.percent_possible_obs   ? 
_reflns_shell.number_unique_all      ? 
_reflns_shell.number_measured_all    ? 
_reflns_shell.number_measured_obs    ? 
_reflns_shell.number_unique_obs      ? 
_reflns_shell.pdbx_chi_squared       ? 
_reflns_shell.pdbx_diffrn_id         ? 
_reflns_shell.pdbx_ordinal           1 
# 
_refine.entry_id                                 2ZPM 
_refine.ls_number_reflns_obs                     40180 
_refine.ls_number_reflns_all                     ? 
_refine.pdbx_ls_sigma_I                          ? 
_refine.pdbx_ls_sigma_F                          ? 
_refine.pdbx_data_cutoff_high_absF               ? 
_refine.pdbx_data_cutoff_low_absF                ? 
_refine.pdbx_data_cutoff_high_rms_absF           ? 
_refine.ls_d_res_low                             20.75 
_refine.ls_d_res_high                            0.98 
_refine.ls_percent_reflns_obs                    99.38 
_refine.ls_R_factor_obs                          0.15135 
_refine.ls_R_factor_all                          ? 
_refine.ls_R_factor_R_work                       0.14977 
_refine.ls_R_factor_R_free                       0.18043 
_refine.ls_R_factor_R_free_error                 ? 
_refine.ls_R_factor_R_free_error_details         ? 
_refine.ls_percent_reflns_R_free                 5.1 
_refine.ls_number_reflns_R_free                  2140 
_refine.ls_number_parameters                     ? 
_refine.ls_number_restraints                     ? 
_refine.occupancy_min                            ? 
_refine.occupancy_max                            ? 
_refine.correlation_coeff_Fo_to_Fc               0.974 
_refine.correlation_coeff_Fo_to_Fc_free          0.964 
_refine.B_iso_mean                               13.227 
_refine.aniso_B[1][1]                            -0.07 
_refine.aniso_B[2][2]                            -0.22 
_refine.aniso_B[3][3]                            0.38 
_refine.aniso_B[1][2]                            0.00 
_refine.aniso_B[1][3]                            0.13 
_refine.aniso_B[2][3]                            0.00 
_refine.solvent_model_details                    'BABINET MODEL WITH MASK' 
_refine.solvent_model_param_ksol                 ? 
_refine.solvent_model_param_bsol                 ? 
_refine.pdbx_solvent_vdw_probe_radii             1.40 
_refine.pdbx_solvent_ion_probe_radii             0.80 
_refine.pdbx_solvent_shrinkage_radii             0.80 
_refine.pdbx_ls_cross_valid_method               THROUGHOUT 
_refine.details                                  ? 
_refine.pdbx_starting_model                      ? 
_refine.pdbx_method_to_determine_struct          SAD 
_refine.pdbx_isotropic_thermal_model             ? 
_refine.pdbx_stereochemistry_target_values       'MAXIMUM LIKELIHOOD' 
_refine.pdbx_stereochem_target_val_spec_case     ? 
_refine.pdbx_R_Free_selection_details            RANDOM 
_refine.pdbx_overall_ESU_R                       0.025 
_refine.pdbx_overall_ESU_R_Free                  0.027 
_refine.overall_SU_ML                            ? 
_refine.overall_SU_B                             ? 
_refine.ls_redundancy_reflns_obs                 ? 
_refine.B_iso_min                                ? 
_refine.B_iso_max                                ? 
_refine.overall_SU_R_Cruickshank_DPI             ? 
_refine.overall_SU_R_free                        ? 
_refine.ls_wR_factor_R_free                      ? 
_refine.ls_wR_factor_R_work                      ? 
_refine.overall_FOM_free_R_set                   ? 
_refine.overall_FOM_work_R_set                   ? 
_refine.pdbx_overall_phase_error                 ? 
_refine.pdbx_refine_id                           'X-RAY DIFFRACTION' 
_refine.pdbx_diffrn_id                           1 
_refine.pdbx_TLS_residual_ADP_flag               ? 
_refine.pdbx_overall_SU_R_free_Cruickshank_DPI   ? 
_refine.pdbx_overall_SU_R_Blow_DPI               ? 
_refine.pdbx_overall_SU_R_free_Blow_DPI          ? 
# 
_refine_hist.pdbx_refine_id                   'X-RAY DIFFRACTION' 
_refine_hist.cycle_id                         LAST 
_refine_hist.pdbx_number_atoms_protein        733 
_refine_hist.pdbx_number_atoms_nucleic_acid   0 
_refine_hist.pdbx_number_atoms_ligand         0 
_refine_hist.number_atoms_solvent             151 
_refine_hist.number_atoms_total               884 
_refine_hist.d_res_high                       0.98 
_refine_hist.d_res_low                        20.75 
# 
loop_
_refine_ls_restr.type 
_refine_ls_restr.dev_ideal 
_refine_ls_restr.dev_ideal_target 
_refine_ls_restr.weight 
_refine_ls_restr.number 
_refine_ls_restr.pdbx_refine_id 
_refine_ls_restr.pdbx_restraint_function 
r_bond_refined_d       0.023  0.022  ? 758  'X-RAY DIFFRACTION' ? 
r_angle_refined_deg    2.142  2.076  ? 1051 'X-RAY DIFFRACTION' ? 
r_dihedral_angle_1_deg 5.922  5.000  ? 112  'X-RAY DIFFRACTION' ? 
r_dihedral_angle_2_deg 33.159 25.926 ? 27   'X-RAY DIFFRACTION' ? 
r_dihedral_angle_3_deg 10.347 15.000 ? 111  'X-RAY DIFFRACTION' ? 
r_dihedral_angle_4_deg 8.869  15.000 ? 4    'X-RAY DIFFRACTION' ? 
r_chiral_restr         0.136  0.200  ? 132  'X-RAY DIFFRACTION' ? 
r_gen_planes_refined   0.012  0.022  ? 552  'X-RAY DIFFRACTION' ? 
r_mcbond_it            2.493  1.500  ? 472  'X-RAY DIFFRACTION' ? 
r_mcangle_it           3.564  2.000  ? 785  'X-RAY DIFFRACTION' ? 
r_scbond_it            4.864  3.000  ? 286  'X-RAY DIFFRACTION' ? 
r_scangle_it           6.506  4.500  ? 252  'X-RAY DIFFRACTION' ? 
r_rigid_bond_restr     2.775  3.000  ? 758  'X-RAY DIFFRACTION' ? 
r_sphericity_free      12.093 3.000  ? 151  'X-RAY DIFFRACTION' ? 
r_sphericity_bonded    7.083  3.000  ? 733  'X-RAY DIFFRACTION' ? 
# 
_refine_ls_shell.pdbx_total_number_of_bins_used   20 
_refine_ls_shell.d_res_high                       0.981 
_refine_ls_shell.d_res_low                        1.006 
_refine_ls_shell.number_reflns_R_work             2922 
_refine_ls_shell.R_factor_R_work                  0.212 
_refine_ls_shell.percent_reflns_obs               98.88 
_refine_ls_shell.R_factor_R_free                  0.22 
_refine_ls_shell.R_factor_R_free_error            ? 
_refine_ls_shell.percent_reflns_R_free            ? 
_refine_ls_shell.number_reflns_R_free             171 
_refine_ls_shell.number_reflns_all                ? 
_refine_ls_shell.R_factor_all                     ? 
_refine_ls_shell.number_reflns_obs                ? 
_refine_ls_shell.redundancy_reflns_obs            ? 
_refine_ls_shell.pdbx_refine_id                   'X-RAY DIFFRACTION' 
# 
_struct.entry_id                  2ZPM 
_struct.title                     'Crystal structure analysis of PDZ domain B' 
_struct.pdbx_model_details        ? 
_struct.pdbx_CASP_flag            ? 
_struct.pdbx_model_type_details   ? 
# 
_struct_keywords.entry_id        2ZPM 
_struct_keywords.pdbx_keywords   HYDROLASE 
_struct_keywords.text            
;metalloproteinase, membrane protein, PDZ domain, Hydrolase, Inner membrane, Membrane, Metal-binding, Metalloprotease, Protease, Transmembrane, Zinc
;
# 
loop_
_struct_asym.id 
_struct_asym.pdbx_blank_PDB_chainid_flag 
_struct_asym.pdbx_modified 
_struct_asym.entity_id 
_struct_asym.details 
A N N 1 ? 
B N N 2 ? 
# 
_struct_ref.id                         1 
_struct_ref.db_name                    UNP 
_struct_ref.db_code                    RSEP_ECOLI 
_struct_ref.pdbx_db_accession          P0AEH1 
_struct_ref.entity_id                  1 
_struct_ref.pdbx_seq_one_letter_code   
;IEPVLENVQPNSAASKAGLQAGDRIVKVDGQPLTQWVTFVMLVRDNPGKSLALEIERQGSPLSLTLIPESKPGNGKAIGF
VGIEPKVI
;
_struct_ref.pdbx_align_begin           222 
_struct_ref.pdbx_db_isoform            ? 
# 
_struct_ref_seq.align_id                      1 
_struct_ref_seq.ref_id                        1 
_struct_ref_seq.pdbx_PDB_id_code              2ZPM 
_struct_ref_seq.pdbx_strand_id                A 
_struct_ref_seq.seq_align_beg                 4 
_struct_ref_seq.pdbx_seq_align_beg_ins_code   ? 
_struct_ref_seq.seq_align_end                 91 
_struct_ref_seq.pdbx_seq_align_end_ins_code   ? 
_struct_ref_seq.pdbx_db_accession             P0AEH1 
_struct_ref_seq.db_align_beg                  222 
_struct_ref_seq.pdbx_db_align_beg_ins_code    ? 
_struct_ref_seq.db_align_end                  309 
_struct_ref_seq.pdbx_db_align_end_ins_code    ? 
_struct_ref_seq.pdbx_auth_seq_align_beg       222 
_struct_ref_seq.pdbx_auth_seq_align_end       309 
# 
loop_
_struct_ref_seq_dif.align_id 
_struct_ref_seq_dif.pdbx_pdb_id_code 
_struct_ref_seq_dif.mon_id 
_struct_ref_seq_dif.pdbx_pdb_strand_id 
_struct_ref_seq_dif.seq_num 
_struct_ref_seq_dif.pdbx_pdb_ins_code 
_struct_ref_seq_dif.pdbx_seq_db_name 
_struct_ref_seq_dif.pdbx_seq_db_accession_code 
_struct_ref_seq_dif.db_mon_id 
_struct_ref_seq_dif.pdbx_seq_db_seq_num 
_struct_ref_seq_dif.details 
_struct_ref_seq_dif.pdbx_auth_seq_num 
_struct_ref_seq_dif.pdbx_ordinal 
1 2ZPM GLY A 1 ? UNP P0AEH1 ? ? 'expression tag' 219 1 
1 2ZPM ILE A 2 ? UNP P0AEH1 ? ? 'expression tag' 220 2 
1 2ZPM PRO A 3 ? UNP P0AEH1 ? ? 'expression tag' 221 3 
# 
loop_
_pdbx_struct_assembly.id 
_pdbx_struct_assembly.details 
_pdbx_struct_assembly.method_details 
_pdbx_struct_assembly.oligomeric_details 
_pdbx_struct_assembly.oligomeric_count 
1 author_defined_assembly   ?    monomeric 1 
2 software_defined_assembly PISA dimeric   2 
# 
loop_
_pdbx_struct_assembly_prop.biol_id 
_pdbx_struct_assembly_prop.type 
_pdbx_struct_assembly_prop.value 
_pdbx_struct_assembly_prop.details 
2 'ABSA (A^2)' 1150  ? 
2 MORE         -10   ? 
2 'SSA (A^2)'  10020 ? 
# 
loop_
_pdbx_struct_assembly_gen.assembly_id 
_pdbx_struct_assembly_gen.oper_expression 
_pdbx_struct_assembly_gen.asym_id_list 
1 1   A,B 
2 1,2 A,B 
# 
loop_
_pdbx_struct_oper_list.id 
_pdbx_struct_oper_list.type 
_pdbx_struct_oper_list.name 
_pdbx_struct_oper_list.symmetry_operation 
_pdbx_struct_oper_list.matrix[1][1] 
_pdbx_struct_oper_list.matrix[1][2] 
_pdbx_struct_oper_list.matrix[1][3] 
_pdbx_struct_oper_list.vector[1] 
_pdbx_struct_oper_list.matrix[2][1] 
_pdbx_struct_oper_list.matrix[2][2] 
_pdbx_struct_oper_list.matrix[2][3] 
_pdbx_struct_oper_list.vector[2] 
_pdbx_struct_oper_list.matrix[3][1] 
_pdbx_struct_oper_list.matrix[3][2] 
_pdbx_struct_oper_list.matrix[3][3] 
_pdbx_struct_oper_list.vector[3] 
1 'identity operation'         1_555 x,y,z       1.0000000000  0.0000000000 0.0000000000 0.0000000000   0.0000000000 1.0000000000 0.0000000000 0.0000000000  0.0000000000 0.0000000000 1.0000000000  0.0000000000  
2 'crystal symmetry operation' 2_656 -x+1,y,-z+1 -0.9794076080 0.1928889554 0.0596203671 -11.3549059927 0.1928889554 0.8067910328 0.5584640367 -4.9581552071 0.0596203671 0.5584640367 -0.8273834247 19.9629440569 
# 
_struct_biol.id        1 
_struct_biol.details   ? 
# 
loop_
_struct_conf.conf_type_id 
_struct_conf.id 
_struct_conf.pdbx_PDB_helix_id 
_struct_conf.beg_label_comp_id 
_struct_conf.beg_label_asym_id 
_struct_conf.beg_label_seq_id 
_struct_conf.pdbx_beg_PDB_ins_code 
_struct_conf.end_label_comp_id 
_struct_conf.end_label_asym_id 
_struct_conf.end_label_seq_id 
_struct_conf.pdbx_end_PDB_ins_code 
_struct_conf.beg_auth_comp_id 
_struct_conf.beg_auth_asym_id 
_struct_conf.beg_auth_seq_id 
_struct_conf.end_auth_comp_id 
_struct_conf.end_auth_asym_id 
_struct_conf.end_auth_seq_id 
_struct_conf.pdbx_PDB_helix_class 
_struct_conf.details 
_struct_conf.pdbx_PDB_helix_length 
HELX_P HELX_P1 1 SER A 15 ? ALA A 20 ? SER A 233 ALA A 238 1 ? 6  
HELX_P HELX_P2 2 GLN A 38 ? ASN A 49 ? GLN A 256 ASN A 267 1 ? 12 
# 
_struct_conf_type.id          HELX_P 
_struct_conf_type.criteria    ? 
_struct_conf_type.reference   ? 
# 
loop_
_struct_conn.id 
_struct_conn.conn_type_id 
_struct_conn.pdbx_leaving_atom_flag 
_struct_conn.pdbx_PDB_id 
_struct_conn.ptnr1_label_asym_id 
_struct_conn.ptnr1_label_comp_id 
_struct_conn.ptnr1_label_seq_id 
_struct_conn.ptnr1_label_atom_id 
_struct_conn.pdbx_ptnr1_label_alt_id 
_struct_conn.pdbx_ptnr1_PDB_ins_code 
_struct_conn.pdbx_ptnr1_standard_comp_id 
_struct_conn.ptnr1_symmetry 
_struct_conn.ptnr2_label_asym_id 
_struct_conn.ptnr2_label_comp_id 
_struct_conn.ptnr2_label_seq_id 
_struct_conn.ptnr2_label_atom_id 
_struct_conn.pdbx_ptnr2_label_alt_id 
_struct_conn.pdbx_ptnr2_PDB_ins_code 
_struct_conn.ptnr1_auth_asym_id 
_struct_conn.ptnr1_auth_comp_id 
_struct_conn.ptnr1_auth_seq_id 
_struct_conn.ptnr2_auth_asym_id 
_struct_conn.ptnr2_auth_comp_id 
_struct_conn.ptnr2_auth_seq_id 
_struct_conn.ptnr2_symmetry 
_struct_conn.pdbx_ptnr3_label_atom_id 
_struct_conn.pdbx_ptnr3_label_seq_id 
_struct_conn.pdbx_ptnr3_label_comp_id 
_struct_conn.pdbx_ptnr3_label_asym_id 
_struct_conn.pdbx_ptnr3_label_alt_id 
_struct_conn.pdbx_ptnr3_PDB_ins_code 
_struct_conn.details 
_struct_conn.pdbx_dist_value 
_struct_conn.pdbx_value_order 
_struct_conn.pdbx_role 
covale1  covale both ? A SER 18 C ? ? ? 1_555 A MLY 19 N ? ? A SER 236 A MLY 237 1_555 ? ? ? ? ? ? ? 1.342 ? ? 
covale2  covale both ? A MLY 19 C ? ? ? 1_555 A ALA 20 N ? ? A MLY 237 A ALA 238 1_555 ? ? ? ? ? ? ? 1.306 ? ? 
covale3  covale both ? A VAL 29 C ? ? ? 1_555 A MLY 30 N ? ? A VAL 247 A MLY 248 1_555 ? ? ? ? ? ? ? 1.348 ? ? 
covale4  covale both ? A MLY 30 C ? ? ? 1_555 A VAL 31 N ? ? A MLY 248 A VAL 249 1_555 ? ? ? ? ? ? ? 1.328 ? ? 
covale5  covale both ? A VAL 43 C ? ? ? 1_555 A MSE 44 N ? ? A VAL 261 A MSE 262 1_555 ? ? ? ? ? ? ? 1.347 ? ? 
covale6  covale both ? A MSE 44 C ? ? ? 1_555 A LEU 45 N ? ? A MSE 262 A LEU 263 1_555 ? ? ? ? ? ? ? 1.331 ? ? 
covale7  covale both ? A GLY 51 C ? ? ? 1_555 A MLY 52 N ? ? A GLY 269 A MLY 270 1_555 ? ? ? ? ? ? ? 1.329 ? ? 
covale8  covale both ? A MLY 52 C ? ? ? 1_555 A SER 53 N ? ? A MLY 270 A SER 271 1_555 ? ? ? ? ? ? ? 1.327 ? ? 
covale9  covale both ? A SER 73 C ? ? ? 1_555 A MLY 74 N ? ? A SER 291 A MLY 292 1_555 ? ? ? ? ? ? ? 1.321 ? ? 
covale10 covale both ? A MLY 74 C ? ? ? 1_555 A PRO 75 N ? ? A MLY 292 A PRO 293 1_555 ? ? ? ? ? ? ? 1.346 ? ? 
covale11 covale both ? A GLY 78 C ? ? ? 1_555 A MLY 79 N ? ? A GLY 296 A MLY 297 1_555 ? ? ? ? ? ? ? 1.306 ? ? 
covale12 covale both ? A MLY 79 C ? ? ? 1_555 A ALA 80 N ? ? A MLY 297 A ALA 298 1_555 ? ? ? ? ? ? ? 1.332 ? ? 
covale13 covale both ? A PRO 88 C ? ? ? 1_555 A MLY 89 N ? ? A PRO 306 A MLY 307 1_555 ? ? ? ? ? ? ? 1.319 ? ? 
covale14 covale both ? A MLY 89 C ? ? ? 1_555 A VAL 90 N ? ? A MLY 307 A VAL 308 1_555 ? ? ? ? ? ? ? 1.332 ? ? 
# 
_struct_conn_type.id          covale 
_struct_conn_type.criteria    ? 
_struct_conn_type.reference   ? 
# 
loop_
_pdbx_modification_feature.ordinal 
_pdbx_modification_feature.label_comp_id 
_pdbx_modification_feature.label_asym_id 
_pdbx_modification_feature.label_seq_id 
_pdbx_modification_feature.label_alt_id 
_pdbx_modification_feature.modified_residue_label_comp_id 
_pdbx_modification_feature.modified_residue_label_asym_id 
_pdbx_modification_feature.modified_residue_label_seq_id 
_pdbx_modification_feature.modified_residue_label_alt_id 
_pdbx_modification_feature.auth_comp_id 
_pdbx_modification_feature.auth_asym_id 
_pdbx_modification_feature.auth_seq_id 
_pdbx_modification_feature.PDB_ins_code 
_pdbx_modification_feature.symmetry 
_pdbx_modification_feature.modified_residue_auth_comp_id 
_pdbx_modification_feature.modified_residue_auth_asym_id 
_pdbx_modification_feature.modified_residue_auth_seq_id 
_pdbx_modification_feature.modified_residue_PDB_ins_code 
_pdbx_modification_feature.modified_residue_symmetry 
_pdbx_modification_feature.comp_id_linking_atom 
_pdbx_modification_feature.modified_residue_id_linking_atom 
_pdbx_modification_feature.modified_residue_id 
_pdbx_modification_feature.ref_pcm_id 
_pdbx_modification_feature.ref_comp_id 
_pdbx_modification_feature.type 
_pdbx_modification_feature.category 
1 MLY A 19 ? . . . . MLY A 237 ? 1_555 . . . . . . . LYS 1 MLY Methylation      'Named protein modification' 
2 MLY A 30 ? . . . . MLY A 248 ? 1_555 . . . . . . . LYS 1 MLY Methylation      'Named protein modification' 
3 MSE A 44 ? . . . . MSE A 262 ? 1_555 . . . . . . . MET 1 MSE Selenomethionine 'Named protein modification' 
4 MLY A 52 ? . . . . MLY A 270 ? 1_555 . . . . . . . LYS 1 MLY Methylation      'Named protein modification' 
5 MLY A 74 ? . . . . MLY A 292 ? 1_555 . . . . . . . LYS 1 MLY Methylation      'Named protein modification' 
6 MLY A 79 ? . . . . MLY A 297 ? 1_555 . . . . . . . LYS 1 MLY Methylation      'Named protein modification' 
7 MLY A 89 ? . . . . MLY A 307 ? 1_555 . . . . . . . LYS 1 MLY Methylation      'Named protein modification' 
# 
loop_
_struct_sheet.id 
_struct_sheet.type 
_struct_sheet.number_strands 
_struct_sheet.details 
A ? 2 ? 
B ? 4 ? 
C ? 2 ? 
# 
loop_
_struct_sheet_order.sheet_id 
_struct_sheet_order.range_id_1 
_struct_sheet_order.range_id_2 
_struct_sheet_order.offset 
_struct_sheet_order.sense 
A 1 2 ? anti-parallel 
B 1 2 ? anti-parallel 
B 2 3 ? anti-parallel 
B 3 4 ? anti-parallel 
C 1 2 ? anti-parallel 
# 
loop_
_struct_sheet_range.sheet_id 
_struct_sheet_range.id 
_struct_sheet_range.beg_label_comp_id 
_struct_sheet_range.beg_label_asym_id 
_struct_sheet_range.beg_label_seq_id 
_struct_sheet_range.pdbx_beg_PDB_ins_code 
_struct_sheet_range.end_label_comp_id 
_struct_sheet_range.end_label_asym_id 
_struct_sheet_range.end_label_seq_id 
_struct_sheet_range.pdbx_end_PDB_ins_code 
_struct_sheet_range.beg_auth_comp_id 
_struct_sheet_range.beg_auth_asym_id 
_struct_sheet_range.beg_auth_seq_id 
_struct_sheet_range.end_auth_comp_id 
_struct_sheet_range.end_auth_asym_id 
_struct_sheet_range.end_auth_seq_id 
A 1 ASN A 10 ? VAL A 11 ? ASN A 228 VAL A 229 
A 2 ILE A 86 ? GLU A 87 ? ILE A 304 GLU A 305 
B 1 GLN A 34 ? PRO A 35 ? GLN A 252 PRO A 253 
B 2 ARG A 27 ? VAL A 31 ? ARG A 245 VAL A 249 
B 3 LEU A 54 ? ARG A 60 ? LEU A 272 ARG A 278 
B 4 SER A 63 ? LEU A 69 ? SER A 281 LEU A 287 
C 1 GLU A 72 ? MLY A 74 ? GLU A 290 MLY A 292 
C 2 ILE A 81 ? PHE A 83 ? ILE A 299 PHE A 301 
# 
loop_
_pdbx_struct_sheet_hbond.sheet_id 
_pdbx_struct_sheet_hbond.range_id_1 
_pdbx_struct_sheet_hbond.range_id_2 
_pdbx_struct_sheet_hbond.range_1_label_atom_id 
_pdbx_struct_sheet_hbond.range_1_label_comp_id 
_pdbx_struct_sheet_hbond.range_1_label_asym_id 
_pdbx_struct_sheet_hbond.range_1_label_seq_id 
_pdbx_struct_sheet_hbond.range_1_PDB_ins_code 
_pdbx_struct_sheet_hbond.range_1_auth_atom_id 
_pdbx_struct_sheet_hbond.range_1_auth_comp_id 
_pdbx_struct_sheet_hbond.range_1_auth_asym_id 
_pdbx_struct_sheet_hbond.range_1_auth_seq_id 
_pdbx_struct_sheet_hbond.range_2_label_atom_id 
_pdbx_struct_sheet_hbond.range_2_label_comp_id 
_pdbx_struct_sheet_hbond.range_2_label_asym_id 
_pdbx_struct_sheet_hbond.range_2_label_seq_id 
_pdbx_struct_sheet_hbond.range_2_PDB_ins_code 
_pdbx_struct_sheet_hbond.range_2_auth_atom_id 
_pdbx_struct_sheet_hbond.range_2_auth_comp_id 
_pdbx_struct_sheet_hbond.range_2_auth_asym_id 
_pdbx_struct_sheet_hbond.range_2_auth_seq_id 
A 1 2 N ASN A 10 ? N ASN A 228 O GLU A 87 ? O GLU A 305 
B 1 2 O GLN A 34 ? O GLN A 252 N VAL A 31 ? N VAL A 249 
B 2 3 N VAL A 29 ? N VAL A 247 O GLU A 57 ? O GLU A 275 
B 3 4 N LEU A 54 ? N LEU A 272 O LEU A 69 ? O LEU A 287 
C 1 2 N GLU A 72 ? N GLU A 290 O PHE A 83 ? O PHE A 301 
# 
_pdbx_entry_details.entry_id                   2ZPM 
_pdbx_entry_details.compound_details           ? 
_pdbx_entry_details.source_details             ? 
_pdbx_entry_details.nonpolymer_details         ? 
_pdbx_entry_details.sequence_details           ? 
_pdbx_entry_details.has_ligand_of_interest     ? 
_pdbx_entry_details.has_protein_modification   Y 
# 
loop_
_pdbx_validate_close_contact.id 
_pdbx_validate_close_contact.PDB_model_num 
_pdbx_validate_close_contact.auth_atom_id_1 
_pdbx_validate_close_contact.auth_asym_id_1 
_pdbx_validate_close_contact.auth_comp_id_1 
_pdbx_validate_close_contact.auth_seq_id_1 
_pdbx_validate_close_contact.PDB_ins_code_1 
_pdbx_validate_close_contact.label_alt_id_1 
_pdbx_validate_close_contact.auth_atom_id_2 
_pdbx_validate_close_contact.auth_asym_id_2 
_pdbx_validate_close_contact.auth_comp_id_2 
_pdbx_validate_close_contact.auth_seq_id_2 
_pdbx_validate_close_contact.PDB_ins_code_2 
_pdbx_validate_close_contact.label_alt_id_2 
_pdbx_validate_close_contact.dist 
1 1 NH1 A ARG 265 ? A O A HOH 129 ? ? 2.02 
2 1 CG2 A VAL 249 ? A O A HOH 132 ? ? 2.03 
3 1 O   A HOH 35  ? ? O A HOH 140 ? ? 2.17 
# 
_pdbx_validate_symm_contact.id                1 
_pdbx_validate_symm_contact.PDB_model_num     1 
_pdbx_validate_symm_contact.auth_atom_id_1    O 
_pdbx_validate_symm_contact.auth_asym_id_1    A 
_pdbx_validate_symm_contact.auth_comp_id_1    HOH 
_pdbx_validate_symm_contact.auth_seq_id_1     143 
_pdbx_validate_symm_contact.PDB_ins_code_1    ? 
_pdbx_validate_symm_contact.label_alt_id_1    ? 
_pdbx_validate_symm_contact.site_symmetry_1   1_555 
_pdbx_validate_symm_contact.auth_atom_id_2    O 
_pdbx_validate_symm_contact.auth_asym_id_2    A 
_pdbx_validate_symm_contact.auth_comp_id_2    HOH 
_pdbx_validate_symm_contact.auth_seq_id_2     145 
_pdbx_validate_symm_contact.PDB_ins_code_2    ? 
_pdbx_validate_symm_contact.label_alt_id_2    ? 
_pdbx_validate_symm_contact.site_symmetry_2   1_565 
_pdbx_validate_symm_contact.dist              2.18 
# 
loop_
_pdbx_validate_rmsd_angle.id 
_pdbx_validate_rmsd_angle.PDB_model_num 
_pdbx_validate_rmsd_angle.auth_atom_id_1 
_pdbx_validate_rmsd_angle.auth_asym_id_1 
_pdbx_validate_rmsd_angle.auth_comp_id_1 
_pdbx_validate_rmsd_angle.auth_seq_id_1 
_pdbx_validate_rmsd_angle.PDB_ins_code_1 
_pdbx_validate_rmsd_angle.label_alt_id_1 
_pdbx_validate_rmsd_angle.auth_atom_id_2 
_pdbx_validate_rmsd_angle.auth_asym_id_2 
_pdbx_validate_rmsd_angle.auth_comp_id_2 
_pdbx_validate_rmsd_angle.auth_seq_id_2 
_pdbx_validate_rmsd_angle.PDB_ins_code_2 
_pdbx_validate_rmsd_angle.label_alt_id_2 
_pdbx_validate_rmsd_angle.auth_atom_id_3 
_pdbx_validate_rmsd_angle.auth_asym_id_3 
_pdbx_validate_rmsd_angle.auth_comp_id_3 
_pdbx_validate_rmsd_angle.auth_seq_id_3 
_pdbx_validate_rmsd_angle.PDB_ins_code_3 
_pdbx_validate_rmsd_angle.label_alt_id_3 
_pdbx_validate_rmsd_angle.angle_value 
_pdbx_validate_rmsd_angle.angle_target_value 
_pdbx_validate_rmsd_angle.angle_deviation 
_pdbx_validate_rmsd_angle.angle_standard_deviation 
_pdbx_validate_rmsd_angle.linker_flag 
1 1 NE A ARG 245 ? ? CZ A ARG 245 ? ? NH1 A ARG 245 ? ? 116.63 120.30 -3.67 0.50 N 
2 1 NE A ARG 265 ? A CZ A ARG 265 ? A NH2 A ARG 265 ? A 123.56 120.30 3.26  0.50 N 
# 
loop_
_pdbx_struct_mod_residue.id 
_pdbx_struct_mod_residue.label_asym_id 
_pdbx_struct_mod_residue.label_comp_id 
_pdbx_struct_mod_residue.label_seq_id 
_pdbx_struct_mod_residue.auth_asym_id 
_pdbx_struct_mod_residue.auth_comp_id 
_pdbx_struct_mod_residue.auth_seq_id 
_pdbx_struct_mod_residue.PDB_ins_code 
_pdbx_struct_mod_residue.parent_comp_id 
_pdbx_struct_mod_residue.details 
1 A MLY 19 A MLY 237 ? LYS N-DIMETHYL-LYSINE 
2 A MLY 30 A MLY 248 ? LYS N-DIMETHYL-LYSINE 
3 A MSE 44 A MSE 262 ? MET SELENOMETHIONINE  
4 A MLY 52 A MLY 270 ? LYS N-DIMETHYL-LYSINE 
5 A MLY 74 A MLY 292 ? LYS N-DIMETHYL-LYSINE 
6 A MLY 79 A MLY 297 ? LYS N-DIMETHYL-LYSINE 
7 A MLY 89 A MLY 307 ? LYS N-DIMETHYL-LYSINE 
# 
loop_
_pdbx_struct_special_symmetry.id 
_pdbx_struct_special_symmetry.PDB_model_num 
_pdbx_struct_special_symmetry.auth_asym_id 
_pdbx_struct_special_symmetry.auth_comp_id 
_pdbx_struct_special_symmetry.auth_seq_id 
_pdbx_struct_special_symmetry.PDB_ins_code 
_pdbx_struct_special_symmetry.label_asym_id 
_pdbx_struct_special_symmetry.label_comp_id 
_pdbx_struct_special_symmetry.label_seq_id 
1 1 A HOH 13  ? B HOH . 
2 1 A HOH 51  ? B HOH . 
3 1 A HOH 138 ? B HOH . 
# 
loop_
_pdbx_unobs_or_zero_occ_residues.id 
_pdbx_unobs_or_zero_occ_residues.PDB_model_num 
_pdbx_unobs_or_zero_occ_residues.polymer_flag 
_pdbx_unobs_or_zero_occ_residues.occupancy_flag 
_pdbx_unobs_or_zero_occ_residues.auth_asym_id 
_pdbx_unobs_or_zero_occ_residues.auth_comp_id 
_pdbx_unobs_or_zero_occ_residues.auth_seq_id 
_pdbx_unobs_or_zero_occ_residues.PDB_ins_code 
_pdbx_unobs_or_zero_occ_residues.label_asym_id 
_pdbx_unobs_or_zero_occ_residues.label_comp_id 
_pdbx_unobs_or_zero_occ_residues.label_seq_id 
1 1 Y 1 A GLY 219 ? A GLY 1 
2 1 Y 1 A ILE 220 ? A ILE 2 
3 1 Y 1 A PRO 221 ? A PRO 3 
4 1 Y 1 A ILE 222 ? A ILE 4 
5 1 Y 1 A GLU 223 ? A GLU 5 
# 
loop_
_chem_comp_atom.comp_id 
_chem_comp_atom.atom_id 
_chem_comp_atom.type_symbol 
_chem_comp_atom.pdbx_aromatic_flag 
_chem_comp_atom.pdbx_stereo_config 
_chem_comp_atom.pdbx_ordinal 
ALA N    N  N N 1   
ALA CA   C  N S 2   
ALA C    C  N N 3   
ALA O    O  N N 4   
ALA CB   C  N N 5   
ALA OXT  O  N N 6   
ALA H    H  N N 7   
ALA H2   H  N N 8   
ALA HA   H  N N 9   
ALA HB1  H  N N 10  
ALA HB2  H  N N 11  
ALA HB3  H  N N 12  
ALA HXT  H  N N 13  
ARG N    N  N N 14  
ARG CA   C  N S 15  
ARG C    C  N N 16  
ARG O    O  N N 17  
ARG CB   C  N N 18  
ARG CG   C  N N 19  
ARG CD   C  N N 20  
ARG NE   N  N N 21  
ARG CZ   C  N N 22  
ARG NH1  N  N N 23  
ARG NH2  N  N N 24  
ARG OXT  O  N N 25  
ARG H    H  N N 26  
ARG H2   H  N N 27  
ARG HA   H  N N 28  
ARG HB2  H  N N 29  
ARG HB3  H  N N 30  
ARG HG2  H  N N 31  
ARG HG3  H  N N 32  
ARG HD2  H  N N 33  
ARG HD3  H  N N 34  
ARG HE   H  N N 35  
ARG HH11 H  N N 36  
ARG HH12 H  N N 37  
ARG HH21 H  N N 38  
ARG HH22 H  N N 39  
ARG HXT  H  N N 40  
ASN N    N  N N 41  
ASN CA   C  N S 42  
ASN C    C  N N 43  
ASN O    O  N N 44  
ASN CB   C  N N 45  
ASN CG   C  N N 46  
ASN OD1  O  N N 47  
ASN ND2  N  N N 48  
ASN OXT  O  N N 49  
ASN H    H  N N 50  
ASN H2   H  N N 51  
ASN HA   H  N N 52  
ASN HB2  H  N N 53  
ASN HB3  H  N N 54  
ASN HD21 H  N N 55  
ASN HD22 H  N N 56  
ASN HXT  H  N N 57  
ASP N    N  N N 58  
ASP CA   C  N S 59  
ASP C    C  N N 60  
ASP O    O  N N 61  
ASP CB   C  N N 62  
ASP CG   C  N N 63  
ASP OD1  O  N N 64  
ASP OD2  O  N N 65  
ASP OXT  O  N N 66  
ASP H    H  N N 67  
ASP H2   H  N N 68  
ASP HA   H  N N 69  
ASP HB2  H  N N 70  
ASP HB3  H  N N 71  
ASP HD2  H  N N 72  
ASP HXT  H  N N 73  
GLN N    N  N N 74  
GLN CA   C  N S 75  
GLN C    C  N N 76  
GLN O    O  N N 77  
GLN CB   C  N N 78  
GLN CG   C  N N 79  
GLN CD   C  N N 80  
GLN OE1  O  N N 81  
GLN NE2  N  N N 82  
GLN OXT  O  N N 83  
GLN H    H  N N 84  
GLN H2   H  N N 85  
GLN HA   H  N N 86  
GLN HB2  H  N N 87  
GLN HB3  H  N N 88  
GLN HG2  H  N N 89  
GLN HG3  H  N N 90  
GLN HE21 H  N N 91  
GLN HE22 H  N N 92  
GLN HXT  H  N N 93  
GLU N    N  N N 94  
GLU CA   C  N S 95  
GLU C    C  N N 96  
GLU O    O  N N 97  
GLU CB   C  N N 98  
GLU CG   C  N N 99  
GLU CD   C  N N 100 
GLU OE1  O  N N 101 
GLU OE2  O  N N 102 
GLU OXT  O  N N 103 
GLU H    H  N N 104 
GLU H2   H  N N 105 
GLU HA   H  N N 106 
GLU HB2  H  N N 107 
GLU HB3  H  N N 108 
GLU HG2  H  N N 109 
GLU HG3  H  N N 110 
GLU HE2  H  N N 111 
GLU HXT  H  N N 112 
GLY N    N  N N 113 
GLY CA   C  N N 114 
GLY C    C  N N 115 
GLY O    O  N N 116 
GLY OXT  O  N N 117 
GLY H    H  N N 118 
GLY H2   H  N N 119 
GLY HA2  H  N N 120 
GLY HA3  H  N N 121 
GLY HXT  H  N N 122 
HOH O    O  N N 123 
HOH H1   H  N N 124 
HOH H2   H  N N 125 
ILE N    N  N N 126 
ILE CA   C  N S 127 
ILE C    C  N N 128 
ILE O    O  N N 129 
ILE CB   C  N S 130 
ILE CG1  C  N N 131 
ILE CG2  C  N N 132 
ILE CD1  C  N N 133 
ILE OXT  O  N N 134 
ILE H    H  N N 135 
ILE H2   H  N N 136 
ILE HA   H  N N 137 
ILE HB   H  N N 138 
ILE HG12 H  N N 139 
ILE HG13 H  N N 140 
ILE HG21 H  N N 141 
ILE HG22 H  N N 142 
ILE HG23 H  N N 143 
ILE HD11 H  N N 144 
ILE HD12 H  N N 145 
ILE HD13 H  N N 146 
ILE HXT  H  N N 147 
LEU N    N  N N 148 
LEU CA   C  N S 149 
LEU C    C  N N 150 
LEU O    O  N N 151 
LEU CB   C  N N 152 
LEU CG   C  N N 153 
LEU CD1  C  N N 154 
LEU CD2  C  N N 155 
LEU OXT  O  N N 156 
LEU H    H  N N 157 
LEU H2   H  N N 158 
LEU HA   H  N N 159 
LEU HB2  H  N N 160 
LEU HB3  H  N N 161 
LEU HG   H  N N 162 
LEU HD11 H  N N 163 
LEU HD12 H  N N 164 
LEU HD13 H  N N 165 
LEU HD21 H  N N 166 
LEU HD22 H  N N 167 
LEU HD23 H  N N 168 
LEU HXT  H  N N 169 
MLY N    N  N N 170 
MLY CA   C  N S 171 
MLY CB   C  N N 172 
MLY CG   C  N N 173 
MLY CD   C  N N 174 
MLY CE   C  N N 175 
MLY NZ   N  N N 176 
MLY CH1  C  N N 177 
MLY CH2  C  N N 178 
MLY C    C  N N 179 
MLY O    O  N N 180 
MLY OXT  O  N N 181 
MLY H    H  N N 182 
MLY H2   H  N N 183 
MLY HA   H  N N 184 
MLY HB2  H  N N 185 
MLY HB3  H  N N 186 
MLY HG2  H  N N 187 
MLY HG3  H  N N 188 
MLY HD2  H  N N 189 
MLY HD3  H  N N 190 
MLY HE2  H  N N 191 
MLY HE3  H  N N 192 
MLY HH11 H  N N 193 
MLY HH12 H  N N 194 
MLY HH13 H  N N 195 
MLY HH21 H  N N 196 
MLY HH22 H  N N 197 
MLY HH23 H  N N 198 
MLY HXT  H  N N 199 
MSE N    N  N N 200 
MSE CA   C  N S 201 
MSE C    C  N N 202 
MSE O    O  N N 203 
MSE OXT  O  N N 204 
MSE CB   C  N N 205 
MSE CG   C  N N 206 
MSE SE   SE N N 207 
MSE CE   C  N N 208 
MSE H    H  N N 209 
MSE H2   H  N N 210 
MSE HA   H  N N 211 
MSE HXT  H  N N 212 
MSE HB2  H  N N 213 
MSE HB3  H  N N 214 
MSE HG2  H  N N 215 
MSE HG3  H  N N 216 
MSE HE1  H  N N 217 
MSE HE2  H  N N 218 
MSE HE3  H  N N 219 
PHE N    N  N N 220 
PHE CA   C  N S 221 
PHE C    C  N N 222 
PHE O    O  N N 223 
PHE CB   C  N N 224 
PHE CG   C  Y N 225 
PHE CD1  C  Y N 226 
PHE CD2  C  Y N 227 
PHE CE1  C  Y N 228 
PHE CE2  C  Y N 229 
PHE CZ   C  Y N 230 
PHE OXT  O  N N 231 
PHE H    H  N N 232 
PHE H2   H  N N 233 
PHE HA   H  N N 234 
PHE HB2  H  N N 235 
PHE HB3  H  N N 236 
PHE HD1  H  N N 237 
PHE HD2  H  N N 238 
PHE HE1  H  N N 239 
PHE HE2  H  N N 240 
PHE HZ   H  N N 241 
PHE HXT  H  N N 242 
PRO N    N  N N 243 
PRO CA   C  N S 244 
PRO C    C  N N 245 
PRO O    O  N N 246 
PRO CB   C  N N 247 
PRO CG   C  N N 248 
PRO CD   C  N N 249 
PRO OXT  O  N N 250 
PRO H    H  N N 251 
PRO HA   H  N N 252 
PRO HB2  H  N N 253 
PRO HB3  H  N N 254 
PRO HG2  H  N N 255 
PRO HG3  H  N N 256 
PRO HD2  H  N N 257 
PRO HD3  H  N N 258 
PRO HXT  H  N N 259 
SER N    N  N N 260 
SER CA   C  N S 261 
SER C    C  N N 262 
SER O    O  N N 263 
SER CB   C  N N 264 
SER OG   O  N N 265 
SER OXT  O  N N 266 
SER H    H  N N 267 
SER H2   H  N N 268 
SER HA   H  N N 269 
SER HB2  H  N N 270 
SER HB3  H  N N 271 
SER HG   H  N N 272 
SER HXT  H  N N 273 
THR N    N  N N 274 
THR CA   C  N S 275 
THR C    C  N N 276 
THR O    O  N N 277 
THR CB   C  N R 278 
THR OG1  O  N N 279 
THR CG2  C  N N 280 
THR OXT  O  N N 281 
THR H    H  N N 282 
THR H2   H  N N 283 
THR HA   H  N N 284 
THR HB   H  N N 285 
THR HG1  H  N N 286 
THR HG21 H  N N 287 
THR HG22 H  N N 288 
THR HG23 H  N N 289 
THR HXT  H  N N 290 
TRP N    N  N N 291 
TRP CA   C  N S 292 
TRP C    C  N N 293 
TRP O    O  N N 294 
TRP CB   C  N N 295 
TRP CG   C  Y N 296 
TRP CD1  C  Y N 297 
TRP CD2  C  Y N 298 
TRP NE1  N  Y N 299 
TRP CE2  C  Y N 300 
TRP CE3  C  Y N 301 
TRP CZ2  C  Y N 302 
TRP CZ3  C  Y N 303 
TRP CH2  C  Y N 304 
TRP OXT  O  N N 305 
TRP H    H  N N 306 
TRP H2   H  N N 307 
TRP HA   H  N N 308 
TRP HB2  H  N N 309 
TRP HB3  H  N N 310 
TRP HD1  H  N N 311 
TRP HE1  H  N N 312 
TRP HE3  H  N N 313 
TRP HZ2  H  N N 314 
TRP HZ3  H  N N 315 
TRP HH2  H  N N 316 
TRP HXT  H  N N 317 
VAL N    N  N N 318 
VAL CA   C  N S 319 
VAL C    C  N N 320 
VAL O    O  N N 321 
VAL CB   C  N N 322 
VAL CG1  C  N N 323 
VAL CG2  C  N N 324 
VAL OXT  O  N N 325 
VAL H    H  N N 326 
VAL H2   H  N N 327 
VAL HA   H  N N 328 
VAL HB   H  N N 329 
VAL HG11 H  N N 330 
VAL HG12 H  N N 331 
VAL HG13 H  N N 332 
VAL HG21 H  N N 333 
VAL HG22 H  N N 334 
VAL HG23 H  N N 335 
VAL HXT  H  N N 336 
# 
loop_
_chem_comp_bond.comp_id 
_chem_comp_bond.atom_id_1 
_chem_comp_bond.atom_id_2 
_chem_comp_bond.value_order 
_chem_comp_bond.pdbx_aromatic_flag 
_chem_comp_bond.pdbx_stereo_config 
_chem_comp_bond.pdbx_ordinal 
ALA N   CA   sing N N 1   
ALA N   H    sing N N 2   
ALA N   H2   sing N N 3   
ALA CA  C    sing N N 4   
ALA CA  CB   sing N N 5   
ALA CA  HA   sing N N 6   
ALA C   O    doub N N 7   
ALA C   OXT  sing N N 8   
ALA CB  HB1  sing N N 9   
ALA CB  HB2  sing N N 10  
ALA CB  HB3  sing N N 11  
ALA OXT HXT  sing N N 12  
ARG N   CA   sing N N 13  
ARG N   H    sing N N 14  
ARG N   H2   sing N N 15  
ARG CA  C    sing N N 16  
ARG CA  CB   sing N N 17  
ARG CA  HA   sing N N 18  
ARG C   O    doub N N 19  
ARG C   OXT  sing N N 20  
ARG CB  CG   sing N N 21  
ARG CB  HB2  sing N N 22  
ARG CB  HB3  sing N N 23  
ARG CG  CD   sing N N 24  
ARG CG  HG2  sing N N 25  
ARG CG  HG3  sing N N 26  
ARG CD  NE   sing N N 27  
ARG CD  HD2  sing N N 28  
ARG CD  HD3  sing N N 29  
ARG NE  CZ   sing N N 30  
ARG NE  HE   sing N N 31  
ARG CZ  NH1  sing N N 32  
ARG CZ  NH2  doub N N 33  
ARG NH1 HH11 sing N N 34  
ARG NH1 HH12 sing N N 35  
ARG NH2 HH21 sing N N 36  
ARG NH2 HH22 sing N N 37  
ARG OXT HXT  sing N N 38  
ASN N   CA   sing N N 39  
ASN N   H    sing N N 40  
ASN N   H2   sing N N 41  
ASN CA  C    sing N N 42  
ASN CA  CB   sing N N 43  
ASN CA  HA   sing N N 44  
ASN C   O    doub N N 45  
ASN C   OXT  sing N N 46  
ASN CB  CG   sing N N 47  
ASN CB  HB2  sing N N 48  
ASN CB  HB3  sing N N 49  
ASN CG  OD1  doub N N 50  
ASN CG  ND2  sing N N 51  
ASN ND2 HD21 sing N N 52  
ASN ND2 HD22 sing N N 53  
ASN OXT HXT  sing N N 54  
ASP N   CA   sing N N 55  
ASP N   H    sing N N 56  
ASP N   H2   sing N N 57  
ASP CA  C    sing N N 58  
ASP CA  CB   sing N N 59  
ASP CA  HA   sing N N 60  
ASP C   O    doub N N 61  
ASP C   OXT  sing N N 62  
ASP CB  CG   sing N N 63  
ASP CB  HB2  sing N N 64  
ASP CB  HB3  sing N N 65  
ASP CG  OD1  doub N N 66  
ASP CG  OD2  sing N N 67  
ASP OD2 HD2  sing N N 68  
ASP OXT HXT  sing N N 69  
GLN N   CA   sing N N 70  
GLN N   H    sing N N 71  
GLN N   H2   sing N N 72  
GLN CA  C    sing N N 73  
GLN CA  CB   sing N N 74  
GLN CA  HA   sing N N 75  
GLN C   O    doub N N 76  
GLN C   OXT  sing N N 77  
GLN CB  CG   sing N N 78  
GLN CB  HB2  sing N N 79  
GLN CB  HB3  sing N N 80  
GLN CG  CD   sing N N 81  
GLN CG  HG2  sing N N 82  
GLN CG  HG3  sing N N 83  
GLN CD  OE1  doub N N 84  
GLN CD  NE2  sing N N 85  
GLN NE2 HE21 sing N N 86  
GLN NE2 HE22 sing N N 87  
GLN OXT HXT  sing N N 88  
GLU N   CA   sing N N 89  
GLU N   H    sing N N 90  
GLU N   H2   sing N N 91  
GLU CA  C    sing N N 92  
GLU CA  CB   sing N N 93  
GLU CA  HA   sing N N 94  
GLU C   O    doub N N 95  
GLU C   OXT  sing N N 96  
GLU CB  CG   sing N N 97  
GLU CB  HB2  sing N N 98  
GLU CB  HB3  sing N N 99  
GLU CG  CD   sing N N 100 
GLU CG  HG2  sing N N 101 
GLU CG  HG3  sing N N 102 
GLU CD  OE1  doub N N 103 
GLU CD  OE2  sing N N 104 
GLU OE2 HE2  sing N N 105 
GLU OXT HXT  sing N N 106 
GLY N   CA   sing N N 107 
GLY N   H    sing N N 108 
GLY N   H2   sing N N 109 
GLY CA  C    sing N N 110 
GLY CA  HA2  sing N N 111 
GLY CA  HA3  sing N N 112 
GLY C   O    doub N N 113 
GLY C   OXT  sing N N 114 
GLY OXT HXT  sing N N 115 
HOH O   H1   sing N N 116 
HOH O   H2   sing N N 117 
ILE N   CA   sing N N 118 
ILE N   H    sing N N 119 
ILE N   H2   sing N N 120 
ILE CA  C    sing N N 121 
ILE CA  CB   sing N N 122 
ILE CA  HA   sing N N 123 
ILE C   O    doub N N 124 
ILE C   OXT  sing N N 125 
ILE CB  CG1  sing N N 126 
ILE CB  CG2  sing N N 127 
ILE CB  HB   sing N N 128 
ILE CG1 CD1  sing N N 129 
ILE CG1 HG12 sing N N 130 
ILE CG1 HG13 sing N N 131 
ILE CG2 HG21 sing N N 132 
ILE CG2 HG22 sing N N 133 
ILE CG2 HG23 sing N N 134 
ILE CD1 HD11 sing N N 135 
ILE CD1 HD12 sing N N 136 
ILE CD1 HD13 sing N N 137 
ILE OXT HXT  sing N N 138 
LEU N   CA   sing N N 139 
LEU N   H    sing N N 140 
LEU N   H2   sing N N 141 
LEU CA  C    sing N N 142 
LEU CA  CB   sing N N 143 
LEU CA  HA   sing N N 144 
LEU C   O    doub N N 145 
LEU C   OXT  sing N N 146 
LEU CB  CG   sing N N 147 
LEU CB  HB2  sing N N 148 
LEU CB  HB3  sing N N 149 
LEU CG  CD1  sing N N 150 
LEU CG  CD2  sing N N 151 
LEU CG  HG   sing N N 152 
LEU CD1 HD11 sing N N 153 
LEU CD1 HD12 sing N N 154 
LEU CD1 HD13 sing N N 155 
LEU CD2 HD21 sing N N 156 
LEU CD2 HD22 sing N N 157 
LEU CD2 HD23 sing N N 158 
LEU OXT HXT  sing N N 159 
MLY N   CA   sing N N 160 
MLY N   H    sing N N 161 
MLY N   H2   sing N N 162 
MLY CA  CB   sing N N 163 
MLY CA  C    sing N N 164 
MLY CA  HA   sing N N 165 
MLY CB  CG   sing N N 166 
MLY CB  HB2  sing N N 167 
MLY CB  HB3  sing N N 168 
MLY CG  CD   sing N N 169 
MLY CG  HG2  sing N N 170 
MLY CG  HG3  sing N N 171 
MLY CD  CE   sing N N 172 
MLY CD  HD2  sing N N 173 
MLY CD  HD3  sing N N 174 
MLY CE  NZ   sing N N 175 
MLY CE  HE2  sing N N 176 
MLY CE  HE3  sing N N 177 
MLY NZ  CH1  sing N N 178 
MLY NZ  CH2  sing N N 179 
MLY CH1 HH11 sing N N 180 
MLY CH1 HH12 sing N N 181 
MLY CH1 HH13 sing N N 182 
MLY CH2 HH21 sing N N 183 
MLY CH2 HH22 sing N N 184 
MLY CH2 HH23 sing N N 185 
MLY C   O    doub N N 186 
MLY C   OXT  sing N N 187 
MLY OXT HXT  sing N N 188 
MSE N   CA   sing N N 189 
MSE N   H    sing N N 190 
MSE N   H2   sing N N 191 
MSE CA  C    sing N N 192 
MSE CA  CB   sing N N 193 
MSE CA  HA   sing N N 194 
MSE C   O    doub N N 195 
MSE C   OXT  sing N N 196 
MSE OXT HXT  sing N N 197 
MSE CB  CG   sing N N 198 
MSE CB  HB2  sing N N 199 
MSE CB  HB3  sing N N 200 
MSE CG  SE   sing N N 201 
MSE CG  HG2  sing N N 202 
MSE CG  HG3  sing N N 203 
MSE SE  CE   sing N N 204 
MSE CE  HE1  sing N N 205 
MSE CE  HE2  sing N N 206 
MSE CE  HE3  sing N N 207 
PHE N   CA   sing N N 208 
PHE N   H    sing N N 209 
PHE N   H2   sing N N 210 
PHE CA  C    sing N N 211 
PHE CA  CB   sing N N 212 
PHE CA  HA   sing N N 213 
PHE C   O    doub N N 214 
PHE C   OXT  sing N N 215 
PHE CB  CG   sing N N 216 
PHE CB  HB2  sing N N 217 
PHE CB  HB3  sing N N 218 
PHE CG  CD1  doub Y N 219 
PHE CG  CD2  sing Y N 220 
PHE CD1 CE1  sing Y N 221 
PHE CD1 HD1  sing N N 222 
PHE CD2 CE2  doub Y N 223 
PHE CD2 HD2  sing N N 224 
PHE CE1 CZ   doub Y N 225 
PHE CE1 HE1  sing N N 226 
PHE CE2 CZ   sing Y N 227 
PHE CE2 HE2  sing N N 228 
PHE CZ  HZ   sing N N 229 
PHE OXT HXT  sing N N 230 
PRO N   CA   sing N N 231 
PRO N   CD   sing N N 232 
PRO N   H    sing N N 233 
PRO CA  C    sing N N 234 
PRO CA  CB   sing N N 235 
PRO CA  HA   sing N N 236 
PRO C   O    doub N N 237 
PRO C   OXT  sing N N 238 
PRO CB  CG   sing N N 239 
PRO CB  HB2  sing N N 240 
PRO CB  HB3  sing N N 241 
PRO CG  CD   sing N N 242 
PRO CG  HG2  sing N N 243 
PRO CG  HG3  sing N N 244 
PRO CD  HD2  sing N N 245 
PRO CD  HD3  sing N N 246 
PRO OXT HXT  sing N N 247 
SER N   CA   sing N N 248 
SER N   H    sing N N 249 
SER N   H2   sing N N 250 
SER CA  C    sing N N 251 
SER CA  CB   sing N N 252 
SER CA  HA   sing N N 253 
SER C   O    doub N N 254 
SER C   OXT  sing N N 255 
SER CB  OG   sing N N 256 
SER CB  HB2  sing N N 257 
SER CB  HB3  sing N N 258 
SER OG  HG   sing N N 259 
SER OXT HXT  sing N N 260 
THR N   CA   sing N N 261 
THR N   H    sing N N 262 
THR N   H2   sing N N 263 
THR CA  C    sing N N 264 
THR CA  CB   sing N N 265 
THR CA  HA   sing N N 266 
THR C   O    doub N N 267 
THR C   OXT  sing N N 268 
THR CB  OG1  sing N N 269 
THR CB  CG2  sing N N 270 
THR CB  HB   sing N N 271 
THR OG1 HG1  sing N N 272 
THR CG2 HG21 sing N N 273 
THR CG2 HG22 sing N N 274 
THR CG2 HG23 sing N N 275 
THR OXT HXT  sing N N 276 
TRP N   CA   sing N N 277 
TRP N   H    sing N N 278 
TRP N   H2   sing N N 279 
TRP CA  C    sing N N 280 
TRP CA  CB   sing N N 281 
TRP CA  HA   sing N N 282 
TRP C   O    doub N N 283 
TRP C   OXT  sing N N 284 
TRP CB  CG   sing N N 285 
TRP CB  HB2  sing N N 286 
TRP CB  HB3  sing N N 287 
TRP CG  CD1  doub Y N 288 
TRP CG  CD2  sing Y N 289 
TRP CD1 NE1  sing Y N 290 
TRP CD1 HD1  sing N N 291 
TRP CD2 CE2  doub Y N 292 
TRP CD2 CE3  sing Y N 293 
TRP NE1 CE2  sing Y N 294 
TRP NE1 HE1  sing N N 295 
TRP CE2 CZ2  sing Y N 296 
TRP CE3 CZ3  doub Y N 297 
TRP CE3 HE3  sing N N 298 
TRP CZ2 CH2  doub Y N 299 
TRP CZ2 HZ2  sing N N 300 
TRP CZ3 CH2  sing Y N 301 
TRP CZ3 HZ3  sing N N 302 
TRP CH2 HH2  sing N N 303 
TRP OXT HXT  sing N N 304 
VAL N   CA   sing N N 305 
VAL N   H    sing N N 306 
VAL N   H2   sing N N 307 
VAL CA  C    sing N N 308 
VAL CA  CB   sing N N 309 
VAL CA  HA   sing N N 310 
VAL C   O    doub N N 311 
VAL C   OXT  sing N N 312 
VAL CB  CG1  sing N N 313 
VAL CB  CG2  sing N N 314 
VAL CB  HB   sing N N 315 
VAL CG1 HG11 sing N N 316 
VAL CG1 HG12 sing N N 317 
VAL CG1 HG13 sing N N 318 
VAL CG2 HG21 sing N N 319 
VAL CG2 HG22 sing N N 320 
VAL CG2 HG23 sing N N 321 
VAL OXT HXT  sing N N 322 
# 
_atom_sites.entry_id                    2ZPM 
_atom_sites.fract_transf_matrix[1][1]   -0.01436744 
_atom_sites.fract_transf_matrix[1][2]   -0.00017047 
_atom_sites.fract_transf_matrix[1][3]   0.00551392 
_atom_sites.fract_transf_matrix[2][1]   -0.00377672 
_atom_sites.fract_transf_matrix[2][2]   -0.03537654 
_atom_sites.fract_transf_matrix[2][3]   -0.01093459 
_atom_sites.fract_transf_matrix[3][1]   -0.00083519 
_atom_sites.fract_transf_matrix[3][2]   -0.00736449 
_atom_sites.fract_transf_matrix[3][3]   0.02411470 
_atom_sites.fract_transf_vector[1]      0.362991 
_atom_sites.fract_transf_vector[2]      0.343019 
_atom_sites.fract_transf_vector[3]      0.236315 
# 
loop_
_atom_type.symbol 
C  
N  
O  
SE 
# 
loop_
_atom_site.group_PDB 
_atom_site.id 
_atom_site.type_symbol 
_atom_site.label_atom_id 
_atom_site.label_alt_id 
_atom_site.label_comp_id 
_atom_site.label_asym_id 
_atom_site.label_entity_id 
_atom_site.label_seq_id 
_atom_site.pdbx_PDB_ins_code 
_atom_site.Cartn_x 
_atom_site.Cartn_y 
_atom_site.Cartn_z 
_atom_site.occupancy 
_atom_site.B_iso_or_equiv 
_atom_site.pdbx_formal_charge 
_atom_site.auth_seq_id 
_atom_site.auth_comp_id 
_atom_site.auth_asym_id 
_atom_site.auth_atom_id 
_atom_site.pdbx_PDB_model_num 
ATOM   1   N  N   . PRO A 1 6  ? 4.189   -0.635  10.029  1.00 17.23 ? 224 PRO A N   1 
ATOM   2   C  CA  . PRO A 1 6  ? 3.470   -0.621  8.766   1.00 12.99 ? 224 PRO A CA  1 
ATOM   3   C  C   . PRO A 1 6  ? 3.966   -1.829  8.006   1.00 10.66 ? 224 PRO A C   1 
ATOM   4   O  O   . PRO A 1 6  ? 4.551   -1.750  6.946   1.00 10.96 ? 224 PRO A O   1 
ATOM   5   C  CB  . PRO A 1 6  ? 3.885   0.641   8.137   1.00 13.31 ? 224 PRO A CB  1 
ATOM   6   C  CG  . PRO A 1 6  ? 5.321   0.807   8.592   1.00 16.92 ? 224 PRO A CG  1 
ATOM   7   C  CD  . PRO A 1 6  ? 5.317   0.349   9.984   1.00 21.19 ? 224 PRO A CD  1 
ATOM   8   N  N   . VAL A 1 7  ? 3.684   -2.981  8.589   1.00 13.43 ? 225 VAL A N   1 
ATOM   9   C  CA  . VAL A 1 7  ? 4.119   -4.298  8.098   1.00 11.61 ? 225 VAL A CA  1 
ATOM   10  C  C   . VAL A 1 7  ? 2.894   -4.966  7.600   1.00 11.25 ? 225 VAL A C   1 
ATOM   11  O  O   . VAL A 1 7  ? 1.927   -5.161  8.405   1.00 15.18 ? 225 VAL A O   1 
ATOM   12  C  CB  . VAL A 1 7  ? 4.869   -5.127  9.129   1.00 13.64 ? 225 VAL A CB  1 
ATOM   13  C  CG1 . VAL A 1 7  ? 5.186   -6.482  8.619   1.00 13.81 ? 225 VAL A CG1 1 
ATOM   14  C  CG2 . VAL A 1 7  ? 6.131   -4.325  9.581   1.00 14.81 ? 225 VAL A CG2 1 
ATOM   15  N  N   . LEU A 1 8  ? 2.817   -5.361  6.356   1.00 9.72  ? 226 LEU A N   1 
ATOM   16  C  CA  . LEU A 1 8  ? 1.628   -5.939  5.799   1.00 9.57  ? 226 LEU A CA  1 
ATOM   17  C  C   . LEU A 1 8  ? 1.370   -7.309  6.358   1.00 9.34  ? 226 LEU A C   1 
ATOM   18  O  O   . LEU A 1 8  ? 2.306   -8.156  6.365   1.00 10.94 ? 226 LEU A O   1 
ATOM   19  C  CB  . LEU A 1 8  ? 1.750   -6.050  4.266   1.00 9.13  ? 226 LEU A CB  1 
ATOM   20  C  CG  . LEU A 1 8  ? 2.227   -4.783  3.584   1.00 9.67  ? 226 LEU A CG  1 
ATOM   21  C  CD1 . LEU A 1 8  ? 2.083   -4.975  2.077   1.00 10.34 ? 226 LEU A CD1 1 
ATOM   22  C  CD2 . LEU A 1 8  ? 1.518   -3.571  4.047   1.00 10.40 ? 226 LEU A CD2 1 
ATOM   23  N  N   . GLU A 1 9  ? 0.149   -7.623  6.815   1.00 8.83  ? 227 GLU A N   1 
ATOM   24  C  CA  . GLU A 1 9  ? -0.094  -8.992  7.256   1.00 8.99  ? 227 GLU A CA  1 
ATOM   25  C  C   . GLU A 1 9  ? -0.178  -9.916  6.066   1.00 8.92  ? 227 GLU A C   1 
ATOM   26  O  O   . GLU A 1 9  ? 0.371   -11.024 6.070   1.00 10.81 ? 227 GLU A O   1 
ATOM   27  C  CB  . GLU A 1 9  ? -1.364  -9.094  8.084   1.00 9.42  ? 227 GLU A CB  1 
ATOM   28  C  CG  . GLU A 1 9  ? -1.437  -10.392 8.824   1.00 12.72 ? 227 GLU A CG  1 
ATOM   29  C  CD  . GLU A 1 9  ? -0.581  -10.384 10.114  1.00 12.88 ? 227 GLU A CD  1 
ATOM   30  O  OE1 . GLU A 1 9  ? -0.210  -9.349  10.689  1.00 13.93 ? 227 GLU A OE1 1 
ATOM   31  O  OE2 . GLU A 1 9  ? -0.377  -11.509 10.692  1.00 19.54 ? 227 GLU A OE2 1 
ATOM   32  N  N   . ASN A 1 10 ? -0.856  -9.467  5.038   1.00 8.72  ? 228 ASN A N   1 
ATOM   33  C  CA  A ASN A 1 10 ? -1.098  -10.290 3.849   0.50 9.24  ? 228 ASN A CA  1 
ATOM   34  C  CA  B ASN A 1 10 ? -1.075  -10.259 3.880   0.50 9.25  ? 228 ASN A CA  1 
ATOM   35  C  C   . ASN A 1 10 ? -1.527  -9.387  2.703   1.00 8.57  ? 228 ASN A C   1 
ATOM   36  O  O   . ASN A 1 10 ? -1.972  -8.272  2.924   1.00 8.58  ? 228 ASN A O   1 
ATOM   37  C  CB  A ASN A 1 10 ? -2.203  -11.357 4.079   0.50 10.04 ? 228 ASN A CB  1 
ATOM   38  C  CB  B ASN A 1 10 ? -2.138  -11.304 4.206   0.50 10.58 ? 228 ASN A CB  1 
ATOM   39  C  CG  A ASN A 1 10 ? -1.702  -12.581 4.761   0.50 11.40 ? 228 ASN A CG  1 
ATOM   40  C  CG  B ASN A 1 10 ? -2.260  -12.298 3.128   0.50 11.73 ? 228 ASN A CG  1 
ATOM   41  O  OD1 A ASN A 1 10 ? -0.770  -13.249 4.246   0.50 11.13 ? 228 ASN A OD1 1 
ATOM   42  O  OD1 B ASN A 1 10 ? -1.244  -12.803 2.673   0.50 13.38 ? 228 ASN A OD1 1 
ATOM   43  N  ND2 A ASN A 1 10 ? -2.292  -12.890 5.894   0.50 12.96 ? 228 ASN A ND2 1 
ATOM   44  N  ND2 B ASN A 1 10 ? -3.461  -12.577 2.646   0.50 15.08 ? 228 ASN A ND2 1 
ATOM   45  N  N   . VAL A 1 11 ? -1.394  -9.919  1.482   1.00 9.12  ? 229 VAL A N   1 
ATOM   46  C  CA  . VAL A 1 11 ? -1.784  -9.266  0.274   1.00 9.28  ? 229 VAL A CA  1 
ATOM   47  C  C   . VAL A 1 11 ? -2.727  -10.169 -0.484  1.00 10.04 ? 229 VAL A C   1 
ATOM   48  O  O   . VAL A 1 11 ? -2.371  -11.344 -0.786  1.00 12.28 ? 229 VAL A O   1 
ATOM   49  C  CB  . VAL A 1 11 ? -0.497  -8.912  -0.556  1.00 9.37  ? 229 VAL A CB  1 
ATOM   50  C  CG1 . VAL A 1 11 ? -0.871  -8.401  -1.934  1.00 10.40 ? 229 VAL A CG1 1 
ATOM   51  C  CG2 . VAL A 1 11 ? 0.326   -7.871  0.175   1.00 9.34  ? 229 VAL A CG2 1 
ATOM   52  N  N   . GLN A 1 12 ? -3.896  -9.672  -0.879  1.00 10.01 ? 230 GLN A N   1 
ATOM   53  C  CA  . GLN A 1 12 ? -4.843  -10.478 -1.648  1.00 11.66 ? 230 GLN A CA  1 
ATOM   54  C  C   . GLN A 1 12 ? -4.378  -10.688 -3.019  1.00 11.11 ? 230 GLN A C   1 
ATOM   55  O  O   . GLN A 1 12 ? -3.816  -9.812  -3.635  1.00 10.64 ? 230 GLN A O   1 
ATOM   56  C  CB  . GLN A 1 12 ? -6.218  -9.778  -1.635  1.00 14.13 ? 230 GLN A CB  1 
ATOM   57  C  CG  . GLN A 1 12 ? -6.850  -9.631  -0.290  1.00 16.37 ? 230 GLN A CG  1 
ATOM   58  C  CD  . GLN A 1 12 ? -8.247  -8.957  -0.387  1.00 15.77 ? 230 GLN A CD  1 
ATOM   59  O  OE1 . GLN A 1 12 ? -8.583  -8.194  -1.342  1.00 21.15 ? 230 GLN A OE1 1 
ATOM   60  N  NE2 . GLN A 1 12 ? -9.051  -9.217  0.605   1.00 21.17 ? 230 GLN A NE2 1 
ATOM   61  N  N   . PRO A 1 13 ? -4.627  -11.864 -3.618  1.00 12.53 ? 231 PRO A N   1 
ATOM   62  C  CA  . PRO A 1 13 ? -4.289  -12.054 -4.981  1.00 13.46 ? 231 PRO A CA  1 
ATOM   63  C  C   . PRO A 1 13 ? -5.196  -11.195 -5.861  1.00 12.64 ? 231 PRO A C   1 
ATOM   64  O  O   . PRO A 1 13 ? -6.320  -10.740 -5.470  1.00 13.86 ? 231 PRO A O   1 
ATOM   65  C  CB  . PRO A 1 13 ? -4.476  -13.574 -5.222  1.00 14.77 ? 231 PRO A CB  1 
ATOM   66  C  CG  . PRO A 1 13 ? -5.497  -13.911 -4.287  1.00 14.10 ? 231 PRO A CG  1 
ATOM   67  C  CD  . PRO A 1 13 ? -5.195  -13.099 -3.043  1.00 13.76 ? 231 PRO A CD  1 
ATOM   68  N  N   . ASN A 1 14 ? -4.736  -10.924 -7.018  1.00 13.38 ? 232 ASN A N   1 
ATOM   69  C  CA  . ASN A 1 14 ? -5.497  -10.186 -7.987  1.00 13.92 ? 232 ASN A CA  1 
ATOM   70  C  C   . ASN A 1 14 ? -5.861  -8.767  -7.518  1.00 13.91 ? 232 ASN A C   1 
ATOM   71  O  O   . ASN A 1 14 ? -6.984  -8.295  -7.783  1.00 17.55 ? 232 ASN A O   1 
ATOM   72  C  CB  . ASN A 1 14 ? -6.762  -10.895 -8.486  1.00 16.01 ? 232 ASN A CB  1 
ATOM   73  C  CG  . ASN A 1 14 ? -6.466  -12.286 -9.039  1.00 17.22 ? 232 ASN A CG  1 
ATOM   74  O  OD1 . ASN A 1 14 ? -7.040  -13.230 -8.591  1.00 17.07 ? 232 ASN A OD1 1 
ATOM   75  N  ND2 . ASN A 1 14 ? -5.433  -12.428 -9.864  1.00 20.06 ? 232 ASN A ND2 1 
ATOM   76  N  N   . SER A 1 15 ? -4.990  -8.152  -6.748  1.00 11.54 ? 233 SER A N   1 
ATOM   77  C  CA  . SER A 1 15 ? -5.232  -6.851  -6.172  1.00 9.30  ? 233 SER A CA  1 
ATOM   78  C  C   . SER A 1 15 ? -4.215  -5.841  -6.706  1.00 8.13  ? 233 SER A C   1 
ATOM   79  O  O   . SER A 1 15 ? -3.169  -6.226  -7.261  1.00 8.49  ? 233 SER A O   1 
ATOM   80  C  CB  . SER A 1 15 ? -5.111  -6.880  -4.671  1.00 9.39  ? 233 SER A CB  1 
ATOM   81  O  OG  . SER A 1 15 ? -3.789  -7.227  -4.248  1.00 9.33  ? 233 SER A OG  1 
ATOM   82  N  N   . ALA A 1 16 ? -4.451  -4.580  -6.430  1.00 7.05  ? 234 ALA A N   1 
ATOM   83  C  CA  . ALA A 1 16 ? -3.449  -3.587  -6.763  1.00 6.91  ? 234 ALA A CA  1 
ATOM   84  C  C   . ALA A 1 16 ? -2.137  -3.891  -6.042  1.00 6.21  ? 234 ALA A C   1 
ATOM   85  O  O   . ALA A 1 16 ? -1.054  -3.700  -6.601  1.00 6.47  ? 234 ALA A O   1 
ATOM   86  C  CB  . ALA A 1 16 ? -3.934  -2.214  -6.429  1.00 7.61  ? 234 ALA A CB  1 
ATOM   87  N  N   . ALA A 1 17 ? -2.217  -4.306  -4.780  1.00 6.29  ? 235 ALA A N   1 
ATOM   88  C  CA  . ALA A 1 17 ? -0.986  -4.588  -4.030  1.00 6.45  ? 235 ALA A CA  1 
ATOM   89  C  C   . ALA A 1 17 ? -0.251  -5.792  -4.636  1.00 6.01  ? 235 ALA A C   1 
ATOM   90  O  O   . ALA A 1 17 ? 0.982   -5.764  -4.703  1.00 7.02  ? 235 ALA A O   1 
ATOM   91  C  CB  . ALA A 1 17 ? -1.298  -4.766  -2.564  1.00 6.71  ? 235 ALA A CB  1 
ATOM   92  N  N   . SER A 1 18 ? -0.971  -6.815  -5.053  1.00 7.22  ? 236 SER A N   1 
ATOM   93  C  CA  A SER A 1 18 ? -0.328  -7.928  -5.713  0.50 8.40  ? 236 SER A CA  1 
ATOM   94  C  CA  B SER A 1 18 ? -0.274  -7.938  -5.672  0.50 7.86  ? 236 SER A CA  1 
ATOM   95  C  C   . SER A 1 18 ? 0.381   -7.478  -6.983  1.00 7.80  ? 236 SER A C   1 
ATOM   96  O  O   . SER A 1 18 ? 1.542   -7.849  -7.247  1.00 8.81  ? 236 SER A O   1 
ATOM   97  C  CB  A SER A 1 18 ? -1.364  -8.940  -6.093  0.50 9.81  ? 236 SER A CB  1 
ATOM   98  C  CB  B SER A 1 18 ? -1.169  -9.177  -5.837  0.50 8.56  ? 236 SER A CB  1 
ATOM   99  O  OG  A SER A 1 18 ? -0.722  -10.018 -6.627  0.50 13.14 ? 236 SER A OG  1 
ATOM   100 O  OG  B SER A 1 18 ? -2.170  -8.999  -6.873  0.50 10.23 ? 236 SER A OG  1 
HETATM 101 N  N   . MLY A 1 19 ? -0.306  -6.649  -7.784  1.00 7.59  ? 237 MLY A N   1 
HETATM 102 C  CA  . MLY A 1 19 ? 0.304   -6.104  -9.023  1.00 8.55  ? 237 MLY A CA  1 
HETATM 103 C  CB  . MLY A 1 19 ? -0.757  -5.296  -9.818  1.00 8.60  ? 237 MLY A CB  1 
HETATM 104 C  CG  . MLY A 1 19 ? -1.887  -6.096  -10.350 1.00 10.40 ? 237 MLY A CG  1 
HETATM 105 C  CD  . MLY A 1 19 ? -2.904  -5.146  -11.002 1.00 11.95 ? 237 MLY A CD  1 
HETATM 106 C  CE  . MLY A 1 19 ? -4.089  -5.909  -11.494 1.00 15.87 ? 237 MLY A CE  1 
HETATM 107 N  NZ  . MLY A 1 19 ? -5.297  -5.077  -11.767 1.00 23.41 ? 237 MLY A NZ  1 
HETATM 108 C  CH1 . MLY A 1 19 ? -6.425  -5.919  -12.083 1.00 23.08 ? 237 MLY A CH1 1 
HETATM 109 C  CH2 . MLY A 1 19 ? -5.072  -4.083  -12.852 1.00 20.24 ? 237 MLY A CH2 1 
HETATM 110 C  C   . MLY A 1 19 ? 1.517   -5.271  -8.760  1.00 7.57  ? 237 MLY A C   1 
HETATM 111 O  O   . MLY A 1 19 ? 2.483   -5.263  -9.567  1.00 9.19  ? 237 MLY A O   1 
ATOM   112 N  N   . ALA A 1 20 ? 1.540   -4.575  -7.656  1.00 6.91  ? 238 ALA A N   1 
ATOM   113 C  CA  . ALA A 1 20 ? 2.661   -3.760  -7.281  1.00 7.79  ? 238 ALA A CA  1 
ATOM   114 C  C   . ALA A 1 20 ? 3.858   -4.624  -6.840  1.00 8.06  ? 238 ALA A C   1 
ATOM   115 O  O   . ALA A 1 20 ? 4.930   -4.073  -6.649  1.00 11.29 ? 238 ALA A O   1 
ATOM   116 C  CB  . ALA A 1 20 ? 2.273   -2.821  -6.131  1.00 8.23  ? 238 ALA A CB  1 
ATOM   117 N  N   . GLY A 1 21 ? 3.644   -5.903  -6.588  1.00 7.71  ? 239 GLY A N   1 
ATOM   118 C  CA  . GLY A 1 21 ? 4.698   -6.789  -6.082  1.00 8.25  ? 239 GLY A CA  1 
ATOM   119 C  C   . GLY A 1 21 ? 4.787   -6.867  -4.605  1.00 6.76  ? 239 GLY A C   1 
ATOM   120 O  O   . GLY A 1 21 ? 5.738   -7.450  -4.102  1.00 8.16  ? 239 GLY A O   1 
ATOM   121 N  N   . LEU A 1 22 ? 3.833   -6.290  -3.865  1.00 6.20  ? 240 LEU A N   1 
ATOM   122 C  CA  . LEU A 1 22 ? 3.873   -6.336  -2.411  1.00 6.28  ? 240 LEU A CA  1 
ATOM   123 C  C   . LEU A 1 22 ? 3.540   -7.740  -1.893  1.00 6.71  ? 240 LEU A C   1 
ATOM   124 O  O   . LEU A 1 22 ? 2.768   -8.484  -2.520  1.00 7.66  ? 240 LEU A O   1 
ATOM   125 C  CB  . LEU A 1 22 ? 2.863   -5.337  -1.861  1.00 6.31  ? 240 LEU A CB  1 
ATOM   126 C  CG  . LEU A 1 22 ? 3.266   -3.857  -2.007  1.00 6.55  ? 240 LEU A CG  1 
ATOM   127 C  CD1 . LEU A 1 22 ? 2.077   -2.959  -1.812  1.00 7.73  ? 240 LEU A CD1 1 
ATOM   128 C  CD2 . LEU A 1 22 ? 4.398   -3.489  -1.048  1.00 7.23  ? 240 LEU A CD2 1 
ATOM   129 N  N   . GLN A 1 23 ? 4.056   -8.034  -0.719  1.00 6.79  ? 241 GLN A N   1 
ATOM   130 C  CA  . GLN A 1 23 ? 3.911   -9.355  -0.062  1.00 7.56  ? 241 GLN A CA  1 
ATOM   131 C  C   . GLN A 1 23 ? 3.716   -9.230  1.401   1.00 7.40  ? 241 GLN A C   1 
ATOM   132 O  O   . GLN A 1 23 ? 4.119   -8.247  2.034   1.00 7.68  ? 241 GLN A O   1 
ATOM   133 C  CB  . GLN A 1 23 ? 5.188   -10.201 -0.331  1.00 8.70  ? 241 GLN A CB  1 
ATOM   134 C  CG  . GLN A 1 23 ? 5.380   -10.521 -1.797  1.00 8.54  ? 241 GLN A CG  1 
ATOM   135 C  CD  . GLN A 1 23 ? 6.660   -11.222 -2.049  1.00 9.12  ? 241 GLN A CD  1 
ATOM   136 O  OE1 . GLN A 1 23 ? 7.376   -11.615 -1.113  1.00 10.83 ? 241 GLN A OE1 1 
ATOM   137 N  NE2 . GLN A 1 23 ? 7.012   -11.320 -3.323  1.00 10.02 ? 241 GLN A NE2 1 
ATOM   138 N  N   . ALA A 1 24 ? 3.125   -10.266 1.982   1.00 8.05  ? 242 ALA A N   1 
ATOM   139 C  CA  . ALA A 1 24 ? 3.076   -10.431 3.419   1.00 8.92  ? 242 ALA A CA  1 
ATOM   140 C  C   . ALA A 1 24 ? 4.469   -10.135 4.027   1.00 8.64  ? 242 ALA A C   1 
ATOM   141 O  O   . ALA A 1 24 ? 5.477   -10.626 3.534   1.00 9.67  ? 242 ALA A O   1 
ATOM   142 C  CB  . ALA A 1 24 ? 2.672   -11.830 3.762   1.00 9.98  ? 242 ALA A CB  1 
ATOM   143 N  N   . GLY A 1 25 ? 4.456   -9.379  5.101   1.00 8.88  ? 243 GLY A N   1 
ATOM   144 C  CA  . GLY A 1 25 ? 5.680   -9.133  5.802   1.00 10.20 ? 243 GLY A CA  1 
ATOM   145 C  C   . GLY A 1 25 ? 6.466   -7.896  5.335   1.00 8.80  ? 243 GLY A C   1 
ATOM   146 O  O   . GLY A 1 25 ? 7.402   -7.452  6.003   1.00 10.26 ? 243 GLY A O   1 
ATOM   147 N  N   . ASP A 1 26 ? 6.061   -7.326  4.177   1.00 8.16  ? 244 ASP A N   1 
ATOM   148 C  CA  . ASP A 1 26 ? 6.782   -6.124  3.698   1.00 7.53  ? 244 ASP A CA  1 
ATOM   149 C  C   . ASP A 1 26 ? 6.514   -4.982  4.668   1.00 7.27  ? 244 ASP A C   1 
ATOM   150 O  O   . ASP A 1 26 ? 5.403   -4.822  5.162   1.00 8.00  ? 244 ASP A O   1 
ATOM   151 C  CB  . ASP A 1 26 ? 6.290   -5.752  2.318   1.00 7.15  ? 244 ASP A CB  1 
ATOM   152 C  CG  . ASP A 1 26 ? 6.809   -6.635  1.186   1.00 7.24  ? 244 ASP A CG  1 
ATOM   153 O  OD1 . ASP A 1 26 ? 7.770   -7.455  1.420   1.00 7.79  ? 244 ASP A OD1 1 
ATOM   154 O  OD2 . ASP A 1 26 ? 6.268   -6.501  0.072   1.00 6.95  ? 244 ASP A OD2 1 
ATOM   155 N  N   . ARG A 1 27 ? 7.546   -4.155  4.848   1.00 7.23  ? 245 ARG A N   1 
ATOM   156 C  CA  . ARG A 1 27 ? 7.415   -2.929  5.657   1.00 7.79  ? 245 ARG A CA  1 
ATOM   157 C  C   . ARG A 1 27 ? 7.398   -1.754  4.728   1.00 7.13  ? 245 ARG A C   1 
ATOM   158 O  O   . ARG A 1 27 ? 8.323   -1.601  3.918   1.00 7.99  ? 245 ARG A O   1 
ATOM   159 C  CB  . ARG A 1 27 ? 8.599   -2.808  6.608   1.00 9.68  ? 245 ARG A CB  1 
ATOM   160 C  CG  . ARG A 1 27 ? 8.525   -1.606  7.495   1.00 12.42 ? 245 ARG A CG  1 
ATOM   161 C  CD  . ARG A 1 27 ? 9.764   -1.524  8.384   1.00 17.08 ? 245 ARG A CD  1 
ATOM   162 N  NE  . ARG A 1 27 ? 9.657   -2.483  9.453   1.00 23.12 ? 245 ARG A NE  1 
ATOM   163 C  CZ  . ARG A 1 27 ? 9.096   -2.168  10.626  1.00 22.08 ? 245 ARG A CZ  1 
ATOM   164 N  NH1 . ARG A 1 27 ? 8.624   -0.941  10.746  1.00 23.29 ? 245 ARG A NH1 1 
ATOM   165 N  NH2 . ARG A 1 27 ? 8.968   -3.062  11.596  1.00 28.81 ? 245 ARG A NH2 1 
ATOM   166 N  N   . ILE A 1 28 ? 6.377   -0.895  4.821   1.00 7.15  ? 246 ILE A N   1 
ATOM   167 C  CA  A ILE A 1 28 ? 6.286   0.326   4.033   0.50 7.00  ? 246 ILE A CA  1 
ATOM   168 C  CA  B ILE A 1 28 ? 6.375   0.301   3.974   0.50 7.67  ? 246 ILE A CA  1 
ATOM   169 C  C   . ILE A 1 28 ? 7.118   1.396   4.716   1.00 7.44  ? 246 ILE A C   1 
ATOM   170 O  O   . ILE A 1 28 ? 6.750   1.781   5.808   1.00 10.25 ? 246 ILE A O   1 
ATOM   171 C  CB  A ILE A 1 28 ? 4.819   0.808   3.899   0.50 7.47  ? 246 ILE A CB  1 
ATOM   172 C  CB  B ILE A 1 28 ? 4.953   0.710   3.566   0.50 8.20  ? 246 ILE A CB  1 
ATOM   173 C  CG1 A ILE A 1 28 ? 3.843   -0.321  3.437   0.50 7.62  ? 246 ILE A CG1 1 
ATOM   174 C  CG1 B ILE A 1 28 ? 4.255   -0.420  2.799   0.50 7.13  ? 246 ILE A CG1 1 
ATOM   175 C  CG2 A ILE A 1 28 ? 4.844   2.025   2.961   0.50 9.03  ? 246 ILE A CG2 1 
ATOM   176 C  CG2 B ILE A 1 28 ? 5.029   1.911   2.643   0.50 8.94  ? 246 ILE A CG2 1 
ATOM   177 C  CD1 A ILE A 1 28 ? 4.312   -1.053  2.213   0.50 10.52 ? 246 ILE A CD1 1 
ATOM   178 C  CD1 B ILE A 1 28 ? 2.828   -0.156  2.463   0.50 10.80 ? 246 ILE A CD1 1 
ATOM   179 N  N   . VAL A 1 29 ? 8.229   1.825   4.102   1.00 7.01  ? 247 VAL A N   1 
ATOM   180 C  CA  . VAL A 1 29 ? 9.117   2.772   4.684   1.00 7.61  ? 247 VAL A CA  1 
ATOM   181 C  C   . VAL A 1 29 ? 8.838   4.186   4.248   1.00 7.77  ? 247 VAL A C   1 
ATOM   182 O  O   . VAL A 1 29 ? 8.849   5.118   5.074   1.00 8.25  ? 247 VAL A O   1 
ATOM   183 C  CB  . VAL A 1 29 ? 10.599  2.391   4.338   1.00 10.49 ? 247 VAL A CB  1 
ATOM   184 C  CG1 . VAL A 1 29 ? 11.580  3.369   4.946   1.00 12.03 ? 247 VAL A CG1 1 
ATOM   185 C  CG2 . VAL A 1 29 ? 10.891  0.975   4.837   1.00 11.71 ? 247 VAL A CG2 1 
HETATM 186 N  N   . MLY A 1 30 ? 8.605   4.405   2.938   1.00 7.39  ? 248 MLY A N   1 
HETATM 187 C  CA  A MLY A 1 30 ? 8.315   5.709   2.394   0.50 7.49  ? 248 MLY A CA  1 
HETATM 188 C  CA  B MLY A 1 30 ? 8.270   5.718   2.424   0.50 7.75  ? 248 MLY A CA  1 
HETATM 189 C  CB  A MLY A 1 30 ? 9.549   6.314   1.664   0.50 8.25  ? 248 MLY A CB  1 
HETATM 190 C  CB  B MLY A 1 30 ? 9.431   6.508   1.740   0.50 8.81  ? 248 MLY A CB  1 
HETATM 191 C  CG  A MLY A 1 30 ? 10.658  6.596   2.698   0.50 7.14  ? 248 MLY A CG  1 
HETATM 192 C  CG  B MLY A 1 30 ? 10.757  6.291   2.454   0.50 10.67 ? 248 MLY A CG  1 
HETATM 193 C  CD  A MLY A 1 30 ? 11.696  7.602   2.196   0.50 7.71  ? 248 MLY A CD  1 
HETATM 194 C  CD  B MLY A 1 30 ? 11.750  7.281   1.827   0.50 12.20 ? 248 MLY A CD  1 
HETATM 195 C  CE  A MLY A 1 30 ? 12.903  7.580   3.106   0.50 8.28  ? 248 MLY A CE  1 
HETATM 196 C  CE  B MLY A 1 30 ? 13.036  7.249   2.648   0.50 13.99 ? 248 MLY A CE  1 
HETATM 197 N  NZ  A MLY A 1 30 ? 13.943  8.588   2.822   0.50 10.76 ? 248 MLY A NZ  1 
HETATM 198 N  NZ  B MLY A 1 30 ? 13.878  8.470   2.480   0.50 13.51 ? 248 MLY A NZ  1 
HETATM 199 C  CH1 A MLY A 1 30 ? 14.946  8.518   3.910   0.50 15.17 ? 248 MLY A CH1 1 
HETATM 200 C  CH1 B MLY A 1 30 ? 14.288  8.697   1.112   0.50 16.95 ? 248 MLY A CH1 1 
HETATM 201 C  CH2 A MLY A 1 30 ? 13.387  9.928   2.801   0.50 10.06 ? 248 MLY A CH2 1 
HETATM 202 C  CH2 B MLY A 1 30 ? 15.152  8.329   3.222   0.50 12.32 ? 248 MLY A CH2 1 
HETATM 203 C  C   . MLY A 1 30 ? 7.161   5.601   1.387   1.00 6.93  ? 248 MLY A C   1 
HETATM 204 O  O   . MLY A 1 30 ? 7.040   4.591   0.695   1.00 6.82  ? 248 MLY A O   1 
ATOM   205 N  N   . VAL A 1 31 ? 6.400   6.686   1.290   1.00 7.32  ? 249 VAL A N   1 
ATOM   206 C  CA  A VAL A 1 31 ? 5.353   6.870   0.329   0.50 7.36  ? 249 VAL A CA  1 
ATOM   207 C  CA  B VAL A 1 31 ? 5.434   6.837   0.182   0.50 7.06  ? 249 VAL A CA  1 
ATOM   208 C  C   . VAL A 1 31 ? 5.662   8.203   -0.414  1.00 7.44  ? 249 VAL A C   1 
ATOM   209 O  O   . VAL A 1 31 ? 5.729   9.211   0.281   1.00 9.63  ? 249 VAL A O   1 
ATOM   210 C  CB  A VAL A 1 31 ? 4.007   6.892   1.111   0.50 8.49  ? 249 VAL A CB  1 
ATOM   211 C  CB  B VAL A 1 31 ? 3.922   6.659   0.570   0.50 8.40  ? 249 VAL A CB  1 
ATOM   212 C  CG1 A VAL A 1 31 ? 3.655   5.531   1.616   0.50 11.13 ? 249 VAL A CG1 1 
ATOM   213 C  CG1 B VAL A 1 31 ? 3.061   6.802   -0.642  0.50 9.64  ? 249 VAL A CG1 1 
ATOM   214 C  CG2 A VAL A 1 31 ? 3.992   7.851   2.325   0.50 9.87  ? 249 VAL A CG2 1 
ATOM   215 C  CG2 B VAL A 1 31 ? 3.725   5.362   1.275   0.50 9.07  ? 249 VAL A CG2 1 
ATOM   216 N  N   . ASP A 1 32 ? 5.835   8.195   -1.719  1.00 7.73  ? 250 ASP A N   1 
ATOM   217 C  CA  . ASP A 1 32 ? 6.111   9.505   -2.419  1.00 9.97  ? 250 ASP A CA  1 
ATOM   218 C  C   . ASP A 1 32 ? 7.219   10.309  -1.744  1.00 11.98 ? 250 ASP A C   1 
ATOM   219 O  O   . ASP A 1 32 ? 7.122   11.556  -1.597  1.00 13.51 ? 250 ASP A O   1 
ATOM   220 C  CB  . ASP A 1 32 ? 4.884   10.303  -2.659  1.00 10.32 ? 250 ASP A CB  1 
ATOM   221 C  CG  . ASP A 1 32 ? 3.930   9.621   -3.622  1.00 11.42 ? 250 ASP A CG  1 
ATOM   222 O  OD1 . ASP A 1 32 ? 4.280   8.667   -4.320  1.00 12.45 ? 250 ASP A OD1 1 
ATOM   223 O  OD2 . ASP A 1 32 ? 2.837   10.169  -3.711  1.00 17.79 ? 250 ASP A OD2 1 
ATOM   224 N  N   . GLY A 1 33 ? 8.274   9.544   -1.343  1.00 12.71 ? 251 GLY A N   1 
ATOM   225 C  CA  . GLY A 1 33 ? 9.570   10.013  -0.852  1.00 15.29 ? 251 GLY A CA  1 
ATOM   226 C  C   . GLY A 1 33 ? 9.572   10.490  0.524   1.00 15.99 ? 251 GLY A C   1 
ATOM   227 O  O   . GLY A 1 33 ? 10.538  10.952  1.041   1.00 19.33 ? 251 GLY A O   1 
ATOM   228 N  N   . GLN A 1 34 ? 8.423   10.368  1.161   1.00 13.44 ? 252 GLN A N   1 
ATOM   229 C  CA  . GLN A 1 34 ? 8.214   10.840  2.528   1.00 14.16 ? 252 GLN A CA  1 
ATOM   230 C  C   . GLN A 1 34 ? 8.240   9.590   3.480   1.00 12.22 ? 252 GLN A C   1 
ATOM   231 O  O   . GLN A 1 34 ? 7.472   8.609   3.238   1.00 13.69 ? 252 GLN A O   1 
ATOM   232 C  CB  . GLN A 1 34 ? 6.827   11.563  2.645   1.00 13.26 ? 252 GLN A CB  1 
ATOM   233 C  CG  . GLN A 1 34 ? 6.699   12.704  1.618   1.00 17.76 ? 252 GLN A CG  1 
ATOM   234 C  CD  . GLN A 1 34 ? 5.485   13.654  1.922   1.00 25.93 ? 252 GLN A CD  1 
ATOM   235 O  OE1 . GLN A 1 34 ? 4.422   13.223  2.393   1.00 35.20 ? 252 GLN A OE1 1 
ATOM   236 N  NE2 . GLN A 1 34 ? 5.659   14.946  1.633   1.00 31.18 ? 252 GLN A NE2 1 
ATOM   237 N  N   . PRO A 1 35 ? 8.917   9.656   4.624   1.00 11.02 ? 253 PRO A N   1 
ATOM   238 C  CA  . PRO A 1 35 ? 8.834   8.526   5.599   1.00 10.08 ? 253 PRO A CA  1 
ATOM   239 C  C   . PRO A 1 35 ? 7.422   8.317   6.004   1.00 10.41 ? 253 PRO A C   1 
ATOM   240 O  O   . PRO A 1 35 ? 6.700   9.236   6.292   1.00 12.49 ? 253 PRO A O   1 
ATOM   241 C  CB  . PRO A 1 35 ? 9.699   9.003   6.773   1.00 11.09 ? 253 PRO A CB  1 
ATOM   242 C  CG  . PRO A 1 35 ? 10.657  9.951   6.122   1.00 14.21 ? 253 PRO A CG  1 
ATOM   243 C  CD  . PRO A 1 35 ? 9.841   10.710  5.100   1.00 12.41 ? 253 PRO A CD  1 
ATOM   244 N  N   . LEU A 1 36 ? 7.025   7.033   6.088   1.00 9.55  ? 254 LEU A N   1 
ATOM   245 C  CA  . LEU A 1 36 ? 5.706   6.654   6.557   1.00 10.50 ? 254 LEU A CA  1 
ATOM   246 C  C   . LEU A 1 36 ? 5.757   6.493   8.082   1.00 11.10 ? 254 LEU A C   1 
ATOM   247 O  O   . LEU A 1 36 ? 6.333   5.530   8.600   1.00 15.81 ? 254 LEU A O   1 
ATOM   248 C  CB  . LEU A 1 36 ? 5.200   5.383   5.913   1.00 9.98  ? 254 LEU A CB  1 
ATOM   249 C  CG  . LEU A 1 36 ? 3.760   4.988   6.282   1.00 10.43 ? 254 LEU A CG  1 
ATOM   250 C  CD1 . LEU A 1 36 ? 2.766   6.010   5.723   1.00 12.03 ? 254 LEU A CD1 1 
ATOM   251 C  CD2 . LEU A 1 36 ? 3.465   3.618   5.800   1.00 13.48 ? 254 LEU A CD2 1 
ATOM   252 N  N   . THR A 1 37 ? 5.261   7.481   8.784   1.00 12.17 ? 255 THR A N   1 
ATOM   253 C  CA  . THR A 1 37 ? 5.342   7.522   10.217  1.00 14.64 ? 255 THR A CA  1 
ATOM   254 C  C   . THR A 1 37 ? 4.024   7.172   10.881  1.00 13.86 ? 255 THR A C   1 
ATOM   255 O  O   . THR A 1 37 ? 3.995   7.026   12.096  1.00 16.61 ? 255 THR A O   1 
ATOM   256 C  CB  . THR A 1 37 ? 5.837   8.845   10.764  1.00 16.06 ? 255 THR A CB  1 
ATOM   257 O  OG1 . THR A 1 37 ? 4.951   9.865   10.345  1.00 22.46 ? 255 THR A OG1 1 
ATOM   258 C  CG2 . THR A 1 37 ? 7.212   9.160   10.265  1.00 21.24 ? 255 THR A CG2 1 
ATOM   259 N  N   . GLN A 1 38 ? 2.899   7.132   10.122  1.00 13.19 ? 256 GLN A N   1 
ATOM   260 C  CA  . GLN A 1 38 ? 1.583   6.715   10.648  1.00 13.46 ? 256 GLN A CA  1 
ATOM   261 C  C   . GLN A 1 38 ? 0.949   5.815   9.615   1.00 11.72 ? 256 GLN A C   1 
ATOM   262 O  O   . GLN A 1 38 ? 0.849   6.185   8.488   1.00 13.01 ? 256 GLN A O   1 
ATOM   263 C  CB  . GLN A 1 38 ? 0.626   7.901   10.888  1.00 15.78 ? 256 GLN A CB  1 
ATOM   264 C  CG  . GLN A 1 38 ? 1.094   8.850   11.915  1.00 17.75 ? 256 GLN A CG  1 
ATOM   265 C  CD  . GLN A 1 38 ? -0.012  9.681   12.561  1.00 22.50 ? 256 GLN A CD  1 
ATOM   266 O  OE1 . GLN A 1 38 ? -1.200  9.738   12.161  1.00 25.14 ? 256 GLN A OE1 1 
ATOM   267 N  NE2 . GLN A 1 38 ? 0.417   10.411  13.594  1.00 27.40 ? 256 GLN A NE2 1 
ATOM   268 N  N   . TRP A 1 39 ? 0.498   4.654   10.033  1.00 12.47 ? 257 TRP A N   1 
ATOM   269 C  CA  . TRP A 1 39 ? -0.255  3.751   9.159   1.00 12.72 ? 257 TRP A CA  1 
ATOM   270 C  C   . TRP A 1 39 ? -1.426  4.444   8.502   1.00 11.74 ? 257 TRP A C   1 
ATOM   271 O  O   . TRP A 1 39 ? -1.682  4.228   7.336   1.00 10.98 ? 257 TRP A O   1 
ATOM   272 C  CB  . TRP A 1 39 ? -0.647  2.498   9.939   1.00 13.06 ? 257 TRP A CB  1 
ATOM   273 C  CG  . TRP A 1 39 ? -1.449  1.524   9.120   1.00 11.78 ? 257 TRP A CG  1 
ATOM   274 C  CD1 . TRP A 1 39 ? -2.765  1.203   9.313   1.00 11.57 ? 257 TRP A CD1 1 
ATOM   275 C  CD2 . TRP A 1 39 ? -1.028  0.740   7.967   1.00 10.35 ? 257 TRP A CD2 1 
ATOM   276 N  NE1 . TRP A 1 39 ? -3.209  0.275   8.369   1.00 11.09 ? 257 TRP A NE1 1 
ATOM   277 C  CE2 . TRP A 1 39 ? -2.148  -0.016  7.548   1.00 10.48 ? 257 TRP A CE2 1 
ATOM   278 C  CE3 . TRP A 1 39 ? 0.174   0.596   7.293   1.00 12.84 ? 257 TRP A CE3 1 
ATOM   279 C  CZ2 . TRP A 1 39 ? -2.069  -0.943  6.486   1.00 11.55 ? 257 TRP A CZ2 1 
ATOM   280 C  CZ3 . TRP A 1 39 ? 0.263   -0.368  6.242   1.00 13.73 ? 257 TRP A CZ3 1 
ATOM   281 C  CH2 . TRP A 1 39 ? -0.835  -1.087  5.861   1.00 13.57 ? 257 TRP A CH2 1 
ATOM   282 N  N   . VAL A 1 40 ? -2.167  5.297   9.223   1.00 12.11 ? 258 VAL A N   1 
ATOM   283 C  CA  . VAL A 1 40 ? -3.397  5.931   8.691   1.00 12.85 ? 258 VAL A CA  1 
ATOM   284 C  C   . VAL A 1 40 ? -3.088  6.796   7.465   1.00 11.01 ? 258 VAL A C   1 
ATOM   285 O  O   . VAL A 1 40 ? -3.930  6.972   6.584   1.00 11.68 ? 258 VAL A O   1 
ATOM   286 C  CB  . VAL A 1 40 ? -4.127  6.750   9.719   1.00 13.61 ? 258 VAL A CB  1 
ATOM   287 C  CG1 . VAL A 1 40 ? -3.435  8.061   10.112  1.00 15.70 ? 258 VAL A CG1 1 
ATOM   288 C  CG2 . VAL A 1 40 ? -5.583  6.912   9.285   1.00 17.02 ? 258 VAL A CG2 1 
ATOM   289 N  N   . THR A 1 41 ? -1.874  7.383   7.402   1.00 11.21 ? 259 THR A N   1 
ATOM   290 C  CA  . THR A 1 41 ? -1.487  8.140   6.225   1.00 10.21 ? 259 THR A CA  1 
ATOM   291 C  C   . THR A 1 41 ? -1.573  7.255   4.963   1.00 9.30  ? 259 THR A C   1 
ATOM   292 O  O   . THR A 1 41 ? -2.029  7.716   3.922   1.00 9.72  ? 259 THR A O   1 
ATOM   293 C  CB  . THR A 1 41 ? -0.079  8.691   6.436   1.00 11.39 ? 259 THR A CB  1 
ATOM   294 O  OG1 . THR A 1 41 ? -0.092  9.509   7.597   1.00 16.98 ? 259 THR A OG1 1 
ATOM   295 C  CG2 . THR A 1 41 ? 0.406   9.440   5.209   1.00 12.78 ? 259 THR A CG2 1 
ATOM   296 N  N   . PHE A 1 42 ? -1.038  6.035   5.079   1.00 9.86  ? 260 PHE A N   1 
ATOM   297 C  CA  . PHE A 1 42 ? -1.076  5.117   3.941   1.00 9.40  ? 260 PHE A CA  1 
ATOM   298 C  C   . PHE A 1 42 ? -2.531  4.781   3.590   1.00 8.85  ? 260 PHE A C   1 
ATOM   299 O  O   . PHE A 1 42 ? -2.912  4.744   2.429   1.00 8.81  ? 260 PHE A O   1 
ATOM   300 C  CB  . PHE A 1 42 ? -0.231  3.862   4.245   1.00 10.52 ? 260 PHE A CB  1 
ATOM   301 C  CG  . PHE A 1 42 ? -0.231  2.877   3.157   1.00 9.51  ? 260 PHE A CG  1 
ATOM   302 C  CD1 . PHE A 1 42 ? 0.356   3.135   1.902   1.00 13.65 ? 260 PHE A CD1 1 
ATOM   303 C  CD2 . PHE A 1 42 ? -0.868  1.673   3.309   1.00 10.51 ? 260 PHE A CD2 1 
ATOM   304 C  CE1 . PHE A 1 42 ? 0.356   2.142   0.895   1.00 13.60 ? 260 PHE A CE1 1 
ATOM   305 C  CE2 . PHE A 1 42 ? -0.830  0.715   2.290   1.00 12.08 ? 260 PHE A CE2 1 
ATOM   306 C  CZ  . PHE A 1 42 ? -0.226  0.962   1.079   1.00 11.87 ? 260 PHE A CZ  1 
ATOM   307 N  N   . VAL A 1 43 ? -3.328  4.486   4.645   1.00 8.70  ? 261 VAL A N   1 
ATOM   308 C  CA  . VAL A 1 43 ? -4.723  4.159   4.409   1.00 9.09  ? 261 VAL A CA  1 
ATOM   309 C  C   . VAL A 1 43 ? -5.423  5.270   3.649   1.00 8.92  ? 261 VAL A C   1 
ATOM   310 O  O   . VAL A 1 43 ? -6.173  5.025   2.693   1.00 8.93  ? 261 VAL A O   1 
ATOM   311 C  CB  . VAL A 1 43 ? -5.411  3.855   5.780   1.00 10.56 ? 261 VAL A CB  1 
ATOM   312 C  CG1 . VAL A 1 43 ? -6.881  3.645   5.657   1.00 13.13 ? 261 VAL A CG1 1 
ATOM   313 C  CG2 . VAL A 1 43 ? -4.753  2.656   6.445   1.00 12.23 ? 261 VAL A CG2 1 
HETATM 314 N  N   . MSE A 1 44 ? -5.193  6.537   4.047   1.00 9.61  ? 262 MSE A N   1 
HETATM 315 C  CA  A MSE A 1 44 ? -5.799  7.666   3.405   0.50 10.16 ? 262 MSE A CA  1 
HETATM 316 C  CA  B MSE A 1 44 ? -5.844  7.679   3.415   0.50 11.66 ? 262 MSE A CA  1 
HETATM 317 C  C   . MSE A 1 44 ? -5.291  7.908   1.976   1.00 10.11 ? 262 MSE A C   1 
HETATM 318 O  O   . MSE A 1 44 ? -6.056  8.248   1.079   1.00 11.57 ? 262 MSE A O   1 
HETATM 319 C  CB  A MSE A 1 44 ? -5.595  8.926   4.256   0.50 11.38 ? 262 MSE A CB  1 
HETATM 320 C  CB  B MSE A 1 44 ? -5.651  8.931   4.289   0.50 12.33 ? 262 MSE A CB  1 
HETATM 321 C  CG  A MSE A 1 44 ? -6.508  9.029   5.473   0.50 13.38 ? 262 MSE A CG  1 
HETATM 322 C  CG  B MSE A 1 44 ? -6.101  8.809   5.782   0.50 17.82 ? 262 MSE A CG  1 
HETATM 323 SE SE  A MSE A 1 44 ? -8.384  8.493   5.164   0.50 31.94 ? 262 MSE A SE  1 
HETATM 324 SE SE  B MSE A 1 44 ? -5.470  10.382  6.779   0.50 25.95 ? 262 MSE A SE  1 
HETATM 325 C  CE  A MSE A 1 44 ? -9.025  9.958   4.054   0.50 22.42 ? 262 MSE A CE  1 
HETATM 326 C  CE  B MSE A 1 44 ? -6.171  11.642  5.351   0.50 14.03 ? 262 MSE A CE  1 
ATOM   327 N  N   . LEU A 1 45 ? -3.984  7.722   1.806   1.00 9.41  ? 263 LEU A N   1 
ATOM   328 C  CA  . LEU A 1 45 ? -3.413  7.872   0.453   1.00 9.72  ? 263 LEU A CA  1 
ATOM   329 C  C   . LEU A 1 45 ? -4.121  6.908   -0.500  1.00 10.00 ? 263 LEU A C   1 
ATOM   330 O  O   . LEU A 1 45 ? -4.475  7.268   -1.635  1.00 12.13 ? 263 LEU A O   1 
ATOM   331 C  CB  . LEU A 1 45 ? -1.886  7.594   0.487   1.00 10.60 ? 263 LEU A CB  1 
ATOM   332 C  CG  . LEU A 1 45 ? -1.051  8.768   0.950   1.00 10.70 ? 263 LEU A CG  1 
ATOM   333 C  CD1 . LEU A 1 45 ? 0.275   8.355   1.310   1.00 13.48 ? 263 LEU A CD1 1 
ATOM   334 C  CD2 . LEU A 1 45 ? -1.046  9.845   -0.117  1.00 15.91 ? 263 LEU A CD2 1 
ATOM   335 N  N   . VAL A 1 46 ? -4.290  5.677   -0.065  1.00 8.56  ? 264 VAL A N   1 
ATOM   336 C  CA  . VAL A 1 46 ? -4.974  4.696   -0.905  1.00 8.39  ? 264 VAL A CA  1 
ATOM   337 C  C   . VAL A 1 46 ? -6.420  5.117   -1.150  1.00 8.75  ? 264 VAL A C   1 
ATOM   338 O  O   . VAL A 1 46 ? -6.904  5.148   -2.298  1.00 10.29 ? 264 VAL A O   1 
ATOM   339 C  CB  . VAL A 1 46 ? -4.929  3.340   -0.235  1.00 9.05  ? 264 VAL A CB  1 
ATOM   340 C  CG1 . VAL A 1 46 ? -5.920  2.392   -0.849  1.00 9.19  ? 264 VAL A CG1 1 
ATOM   341 C  CG2 . VAL A 1 46 ? -3.531  2.824   -0.250  1.00 9.86  ? 264 VAL A CG2 1 
ATOM   342 N  N   . ARG A 1 47 ? -7.143  5.390   -0.073  1.00 8.80  ? 265 ARG A N   1 
ATOM   343 C  CA  A ARG A 1 47 ? -8.575  5.565   -0.219  0.70 9.37  ? 265 ARG A CA  1 
ATOM   344 C  CA  B ARG A 1 47 ? -8.606  5.697   -0.094  0.30 8.51  ? 265 ARG A CA  1 
ATOM   345 C  C   . ARG A 1 47 ? -8.873  6.772   -1.098  1.00 9.16  ? 265 ARG A C   1 
ATOM   346 O  O   . ARG A 1 47 ? -9.855  6.738   -1.868  1.00 10.00 ? 265 ARG A O   1 
ATOM   347 C  CB  A ARG A 1 47 ? -9.163  5.725   1.175   0.70 12.03 ? 265 ARG A CB  1 
ATOM   348 C  CB  B ARG A 1 47 ? -9.097  6.252   1.265   0.30 7.92  ? 265 ARG A CB  1 
ATOM   349 C  CG  A ARG A 1 47 ? -10.661 5.878   1.296   0.70 15.77 ? 265 ARG A CG  1 
ATOM   350 C  CG  B ARG A 1 47 ? -10.600 6.455   1.367   0.30 8.85  ? 265 ARG A CG  1 
ATOM   351 C  CD  A ARG A 1 47 ? -10.971 6.139   2.772   0.70 21.76 ? 265 ARG A CD  1 
ATOM   352 C  CD  B ARG A 1 47 ? -10.937 7.045   2.701   0.30 12.34 ? 265 ARG A CD  1 
ATOM   353 N  NE  A ARG A 1 47 ? -10.252 5.249   3.701   0.70 26.46 ? 265 ARG A NE  1 
ATOM   354 N  NE  B ARG A 1 47 ? -12.337 7.356   2.802   0.30 16.17 ? 265 ARG A NE  1 
ATOM   355 C  CZ  A ARG A 1 47 ? -10.601 3.979   3.933   0.70 18.41 ? 265 ARG A CZ  1 
ATOM   356 C  CZ  B ARG A 1 47 ? -13.270 6.464   3.075   0.30 18.21 ? 265 ARG A CZ  1 
ATOM   357 N  NH1 A ARG A 1 47 ? -11.694 3.490   3.326   0.70 28.02 ? 265 ARG A NH1 1 
ATOM   358 N  NH1 B ARG A 1 47 ? -14.521 6.856   3.179   0.30 20.94 ? 265 ARG A NH1 1 
ATOM   359 N  NH2 A ARG A 1 47 ? -10.000 3.206   4.826   0.70 23.46 ? 265 ARG A NH2 1 
ATOM   360 N  NH2 B ARG A 1 47 ? -12.945 5.188   3.245   0.30 19.69 ? 265 ARG A NH2 1 
ATOM   361 N  N   . ASP A 1 48 ? -8.070  7.826   -0.994  1.00 9.53  ? 266 ASP A N   1 
ATOM   362 C  CA  . ASP A 1 48 ? -8.400  9.082   -1.675  1.00 10.63 ? 266 ASP A CA  1 
ATOM   363 C  C   . ASP A 1 48 ? -7.825  9.208   -3.058  1.00 10.44 ? 266 ASP A C   1 
ATOM   364 O  O   . ASP A 1 48 ? -8.099  10.199  -3.754  1.00 13.69 ? 266 ASP A O   1 
ATOM   365 C  CB  . ASP A 1 48 ? -7.957  10.275  -0.798  1.00 11.96 ? 266 ASP A CB  1 
ATOM   366 C  CG  . ASP A 1 48 ? -8.791  10.381  0.453   1.00 14.95 ? 266 ASP A CG  1 
ATOM   367 O  OD1 . ASP A 1 48 ? -9.870  9.752   0.545   1.00 16.77 ? 266 ASP A OD1 1 
ATOM   368 O  OD2 . ASP A 1 48 ? -8.314  11.096  1.370   1.00 19.88 ? 266 ASP A OD2 1 
ATOM   369 N  N   . ASN A 1 49 ? -6.973  8.257   -3.490  1.00 8.80  ? 267 ASN A N   1 
ATOM   370 C  CA  . ASN A 1 49 ? -6.245  8.403   -4.754  1.00 9.45  ? 267 ASN A CA  1 
ATOM   371 C  C   . ASN A 1 49 ? -6.347  7.188   -5.661  1.00 8.41  ? 267 ASN A C   1 
ATOM   372 O  O   . ASN A 1 49 ? -5.352  6.697   -6.186  1.00 7.70  ? 267 ASN A O   1 
ATOM   373 C  CB  . ASN A 1 49 ? -4.794  8.758   -4.539  1.00 9.86  ? 267 ASN A CB  1 
ATOM   374 C  CG  . ASN A 1 49 ? -4.654  10.095  -3.800  1.00 10.94 ? 267 ASN A CG  1 
ATOM   375 O  OD1 . ASN A 1 49 ? -4.707  11.154  -4.413  1.00 14.10 ? 267 ASN A OD1 1 
ATOM   376 N  ND2 . ASN A 1 49 ? -4.504  10.042  -2.498  1.00 13.30 ? 267 ASN A ND2 1 
ATOM   377 N  N   . PRO A 1 50 ? -7.609  6.722   -5.935  1.00 8.00  ? 268 PRO A N   1 
ATOM   378 C  CA  . PRO A 1 50 ? -7.759  5.647   -6.907  1.00 8.20  ? 268 PRO A CA  1 
ATOM   379 C  C   . PRO A 1 50 ? -7.165  6.060   -8.247  1.00 7.30  ? 268 PRO A C   1 
ATOM   380 O  O   . PRO A 1 50 ? -7.413  7.161   -8.750  1.00 7.11  ? 268 PRO A O   1 
ATOM   381 C  CB  . PRO A 1 50 ? -9.284  5.402   -6.980  1.00 9.27  ? 268 PRO A CB  1 
ATOM   382 C  CG  . PRO A 1 50 ? -9.849  6.684   -6.572  1.00 10.66 ? 268 PRO A CG  1 
ATOM   383 C  CD  . PRO A 1 50 ? -8.893  7.221   -5.510  1.00 10.28 ? 268 PRO A CD  1 
ATOM   384 N  N   . GLY A 1 51 ? -6.423  5.156   -8.864  1.00 6.95  ? 269 GLY A N   1 
ATOM   385 C  CA  . GLY A 1 51 ? -5.820  5.393   -10.172 1.00 7.08  ? 269 GLY A CA  1 
ATOM   386 C  C   . GLY A 1 51 ? -4.508  6.152   -10.195 1.00 7.17  ? 269 GLY A C   1 
ATOM   387 O  O   . GLY A 1 51 ? -3.879  6.233   -11.255 1.00 7.70  ? 269 GLY A O   1 
HETATM 388 N  N   . MLY A 1 52 ? -4.095  6.705   -9.060  1.00 7.31  ? 270 MLY A N   1 
HETATM 389 C  CA  . MLY A 1 52 ? -2.849  7.464   -8.988  1.00 6.77  ? 270 MLY A CA  1 
HETATM 390 C  CB  . MLY A 1 52 ? -2.936  8.505   -7.921  1.00 8.96  ? 270 MLY A CB  1 
HETATM 391 C  CG  . MLY A 1 52 ? -1.776  9.480   -7.894  1.00 9.74  ? 270 MLY A CG  1 
HETATM 392 C  CD  . MLY A 1 52 ? -1.886  10.503  -6.804  1.00 11.81 ? 270 MLY A CD  1 
HETATM 393 C  CE  . MLY A 1 52 ? -0.737  11.468  -6.839  1.00 12.66 ? 270 MLY A CE  1 
HETATM 394 N  NZ  . MLY A 1 52 ? -0.659  12.337  -5.645  1.00 11.75 ? 270 MLY A NZ  1 
HETATM 395 C  CH1 . MLY A 1 52 ? -1.829  13.326  -5.676  1.00 16.29 ? 270 MLY A CH1 1 
HETATM 396 C  CH2 . MLY A 1 52 ? 0.659   13.057  -5.623  1.00 12.96 ? 270 MLY A CH2 1 
HETATM 397 C  C   . MLY A 1 52 ? -1.696  6.549   -8.693  1.00 6.91  ? 270 MLY A C   1 
HETATM 398 O  O   . MLY A 1 52 ? -1.816  5.643   -7.859  1.00 8.36  ? 270 MLY A O   1 
ATOM   399 N  N   . SER A 1 53 ? -0.553  6.771   -9.329  1.00 7.11  ? 271 SER A N   1 
ATOM   400 C  CA  . SER A 1 53 ? 0.653   5.977   -9.048  1.00 8.20  ? 271 SER A CA  1 
ATOM   401 C  C   . SER A 1 53 ? 1.323   6.482   -7.771  1.00 7.91  ? 271 SER A C   1 
ATOM   402 O  O   . SER A 1 53 ? 1.770   7.646   -7.673  1.00 10.05 ? 271 SER A O   1 
ATOM   403 C  CB  A SER A 1 53 ? 1.614   5.950   -10.205 0.50 8.72  ? 271 SER A CB  1 
ATOM   404 C  CB  B SER A 1 53 ? 1.556   6.157   -10.264 0.50 10.02 ? 271 SER A CB  1 
ATOM   405 O  OG  A SER A 1 53 ? 0.984   5.327   -11.256 0.50 6.87  ? 271 SER A OG  1 
ATOM   406 O  OG  B SER A 1 53 ? 2.771   5.357   -10.262 0.50 11.84 ? 271 SER A OG  1 
ATOM   407 N  N   . LEU A 1 54 ? 1.456   5.586   -6.795  1.00 7.15  ? 272 LEU A N   1 
ATOM   408 C  CA  A LEU A 1 54 ? 2.131   5.861   -5.524  0.70 7.35  ? 272 LEU A CA  1 
ATOM   409 C  CA  B LEU A 1 54 ? 2.082   5.837   -5.533  0.30 7.39  ? 272 LEU A CA  1 
ATOM   410 C  C   . LEU A 1 54 ? 3.467   5.162   -5.510  1.00 6.92  ? 272 LEU A C   1 
ATOM   411 O  O   . LEU A 1 54 ? 3.567   3.969   -5.733  1.00 8.19  ? 272 LEU A O   1 
ATOM   412 C  CB  A LEU A 1 54 ? 1.293   5.342   -4.329  0.70 8.37  ? 272 LEU A CB  1 
ATOM   413 C  CB  B LEU A 1 54 ? 1.142   5.285   -4.430  0.30 7.80  ? 272 LEU A CB  1 
ATOM   414 C  CG  A LEU A 1 54 ? -0.094  5.909   -4.216  0.70 10.85 ? 272 LEU A CG  1 
ATOM   415 C  CG  B LEU A 1 54 ? 1.623   5.455   -2.980  0.30 8.57  ? 272 LEU A CG  1 
ATOM   416 C  CD1 A LEU A 1 54 ? -0.879  5.077   -3.163  0.70 11.29 ? 272 LEU A CD1 1 
ATOM   417 C  CD1 B LEU A 1 54 ? 1.978   6.939   -2.608  0.30 9.34  ? 272 LEU A CD1 1 
ATOM   418 C  CD2 A LEU A 1 54 ? -0.121  7.438   -4.084  0.70 12.46 ? 272 LEU A CD2 1 
ATOM   419 C  CD2 B LEU A 1 54 ? 0.593   4.864   -2.036  0.30 9.65  ? 272 LEU A CD2 1 
ATOM   420 N  N   . ALA A 1 55 ? 4.509   5.944   -5.269  1.00 7.06  ? 273 ALA A N   1 
ATOM   421 C  CA  . ALA A 1 55 ? 5.882   5.399   -5.265  1.00 7.19  ? 273 ALA A CA  1 
ATOM   422 C  C   . ALA A 1 55 ? 6.207   4.933   -3.884  1.00 6.72  ? 273 ALA A C   1 
ATOM   423 O  O   . ALA A 1 55 ? 6.262   5.736   -2.921  1.00 8.36  ? 273 ALA A O   1 
ATOM   424 C  CB  . ALA A 1 55 ? 6.857   6.541   -5.649  1.00 8.85  ? 273 ALA A CB  1 
ATOM   425 N  N   . LEU A 1 56 ? 6.421   3.644   -3.710  1.00 6.24  ? 274 LEU A N   1 
ATOM   426 C  CA  . LEU A 1 56 ? 6.727   3.075   -2.409  1.00 6.02  ? 274 LEU A CA  1 
ATOM   427 C  C   . LEU A 1 56 ? 8.199   2.714   -2.293  1.00 6.46  ? 274 LEU A C   1 
ATOM   428 O  O   . LEU A 1 56 ? 8.792   2.176   -3.234  1.00 8.70  ? 274 LEU A O   1 
ATOM   429 C  CB  . LEU A 1 56 ? 5.931   1.781   -2.182  1.00 6.60  ? 274 LEU A CB  1 
ATOM   430 C  CG  . LEU A 1 56 ? 4.458   1.847   -2.290  1.00 8.72  ? 274 LEU A CG  1 
ATOM   431 C  CD1 . LEU A 1 56 ? 3.862   0.486   -2.006  1.00 10.46 ? 274 LEU A CD1 1 
ATOM   432 C  CD2 . LEU A 1 56 ? 3.877   2.897   -1.407  1.00 11.56 ? 274 LEU A CD2 1 
ATOM   433 N  N   . GLU A 1 57 ? 8.749   2.943   -1.119  1.00 6.41  ? 275 GLU A N   1 
ATOM   434 C  CA  A GLU A 1 57 ? 9.985   2.274   -0.758  0.40 6.35  ? 275 GLU A CA  1 
ATOM   435 C  CA  B GLU A 1 57 ? 10.023  2.347   -0.679  0.60 6.83  ? 275 GLU A CA  1 
ATOM   436 C  C   . GLU A 1 57 ? 9.641   1.352   0.404   1.00 6.42  ? 275 GLU A C   1 
ATOM   437 O  O   . GLU A 1 57 ? 8.985   1.765   1.389   1.00 7.16  ? 275 GLU A O   1 
ATOM   438 C  CB  A GLU A 1 57 ? 11.072  3.299   -0.382  0.40 6.83  ? 275 GLU A CB  1 
ATOM   439 C  CB  B GLU A 1 57 ? 10.987  3.411   -0.068  0.60 8.77  ? 275 GLU A CB  1 
ATOM   440 C  CG  A GLU A 1 57 ? 11.482  4.113   -1.544  0.40 8.36  ? 275 GLU A CG  1 
ATOM   441 C  CG  B GLU A 1 57 ? 11.352  4.535   -1.051  0.60 9.08  ? 275 GLU A CG  1 
ATOM   442 C  CD  A GLU A 1 57 ? 12.530  5.157   -1.217  0.40 12.02 ? 275 GLU A CD  1 
ATOM   443 C  CD  B GLU A 1 57 ? 12.058  4.159   -2.278  0.60 11.66 ? 275 GLU A CD  1 
ATOM   444 O  OE1 A GLU A 1 57 ? 13.444  4.867   -0.434  0.40 14.95 ? 275 GLU A OE1 1 
ATOM   445 O  OE1 B GLU A 1 57 ? 12.425  3.013   -2.430  0.60 15.37 ? 275 GLU A OE1 1 
ATOM   446 O  OE2 A GLU A 1 57 ? 12.520  6.240   -1.870  0.40 14.33 ? 275 GLU A OE2 1 
ATOM   447 O  OE2 B GLU A 1 57 ? 12.138  5.076   -3.162  0.60 16.56 ? 275 GLU A OE2 1 
ATOM   448 N  N   . ILE A 1 58 ? 10.015  0.109   0.263   1.00 6.53  ? 276 ILE A N   1 
ATOM   449 C  CA  . ILE A 1 58 ? 9.720   -0.918  1.234   1.00 6.72  ? 276 ILE A CA  1 
ATOM   450 C  C   . ILE A 1 58 ? 11.004  -1.577  1.699   1.00 6.71  ? 276 ILE A C   1 
ATOM   451 O  O   . ILE A 1 58 ? 12.081  -1.406  1.090   1.00 7.60  ? 276 ILE A O   1 
ATOM   452 C  CB  . ILE A 1 58 ? 8.750   -1.990  0.708   1.00 6.92  ? 276 ILE A CB  1 
ATOM   453 C  CG1 . ILE A 1 58 ? 9.380   -2.921  -0.314  1.00 7.22  ? 276 ILE A CG1 1 
ATOM   454 C  CG2 . ILE A 1 58 ? 7.483   -1.332  0.183   1.00 7.60  ? 276 ILE A CG2 1 
ATOM   455 C  CD1 . ILE A 1 58 ? 8.711   -4.273  -0.389  1.00 8.13  ? 276 ILE A CD1 1 
ATOM   456 N  N   . GLU A 1 59 ? 10.889  -2.316  2.795   1.00 7.30  ? 277 GLU A N   1 
ATOM   457 C  CA  A GLU A 1 59 ? 11.952  -3.224  3.219   0.70 9.17  ? 277 GLU A CA  1 
ATOM   458 C  CA  B GLU A 1 59 ? 11.923  -3.174  3.289   0.30 6.97  ? 277 GLU A CA  1 
ATOM   459 C  C   . GLU A 1 59 ? 11.371  -4.610  3.274   1.00 7.89  ? 277 GLU A C   1 
ATOM   460 O  O   . GLU A 1 59 ? 10.298  -4.829  3.828   1.00 8.87  ? 277 GLU A O   1 
ATOM   461 C  CB  A GLU A 1 59 ? 12.541  -2.817  4.583   0.70 10.66 ? 277 GLU A CB  1 
ATOM   462 C  CB  B GLU A 1 59 ? 12.347  -2.730  4.692   0.30 8.41  ? 277 GLU A CB  1 
ATOM   463 C  CG  A GLU A 1 59 ? 13.423  -1.642  4.451   0.70 14.75 ? 277 GLU A CG  1 
ATOM   464 C  CG  B GLU A 1 59 ? 13.567  -3.509  5.159   0.30 8.69  ? 277 GLU A CG  1 
ATOM   465 C  CD  A GLU A 1 59 ? 13.774  -0.963  5.787   0.70 18.26 ? 277 GLU A CD  1 
ATOM   466 C  CD  B GLU A 1 59 ? 14.027  -3.064  6.563   0.30 13.24 ? 277 GLU A CD  1 
ATOM   467 O  OE1 A GLU A 1 59 ? 13.393  -1.497  6.871   0.70 20.76 ? 277 GLU A OE1 1 
ATOM   468 O  OE1 B GLU A 1 59 ? 14.885  -2.144  6.587   0.30 17.29 ? 277 GLU A OE1 1 
ATOM   469 O  OE2 A GLU A 1 59 ? 14.399  0.126   5.750   0.70 21.69 ? 277 GLU A OE2 1 
ATOM   470 O  OE2 B GLU A 1 59 ? 13.487  -3.567  7.604   0.30 17.82 ? 277 GLU A OE2 1 
ATOM   471 N  N   . ARG A 1 60 ? 12.131  -5.514  2.690   1.00 8.18  ? 278 ARG A N   1 
ATOM   472 C  CA  . ARG A 1 60 ? 11.736  -6.909  2.582   1.00 8.49  ? 278 ARG A CA  1 
ATOM   473 C  C   . ARG A 1 60 ? 12.936  -7.726  3.062   1.00 10.08 ? 278 ARG A C   1 
ATOM   474 O  O   . ARG A 1 60 ? 13.987  -7.709  2.426   1.00 12.01 ? 278 ARG A O   1 
ATOM   475 C  CB  . ARG A 1 60 ? 11.401  -7.296  1.126   1.00 8.01  ? 278 ARG A CB  1 
ATOM   476 C  CG  . ARG A 1 60 ? 11.033  -8.747  0.932   1.00 8.49  ? 278 ARG A CG  1 
ATOM   477 C  CD  . ARG A 1 60 ? 10.633  -9.014  -0.494  1.00 8.07  ? 278 ARG A CD  1 
ATOM   478 N  NE  . ARG A 1 60 ? 9.366   -8.352  -0.753  1.00 7.39  ? 278 ARG A NE  1 
ATOM   479 C  CZ  . ARG A 1 60 ? 8.801   -8.258  -1.955  1.00 7.01  ? 278 ARG A CZ  1 
ATOM   480 N  NH1 . ARG A 1 60 ? 9.398   -8.775  -3.040  1.00 7.28  ? 278 ARG A NH1 1 
ATOM   481 N  NH2 . ARG A 1 60 ? 7.629   -7.664  -2.052  1.00 7.70  ? 278 ARG A NH2 1 
ATOM   482 N  N   . GLN A 1 61 ? 12.808  -8.413  4.166   1.00 13.01 ? 279 GLN A N   1 
ATOM   483 C  CA  . GLN A 1 61 ? 13.970  -9.167  4.706   1.00 15.13 ? 279 GLN A CA  1 
ATOM   484 C  C   . GLN A 1 61 ? 15.249  -8.312  4.735   1.00 14.24 ? 279 GLN A C   1 
ATOM   485 O  O   . GLN A 1 61 ? 16.371  -8.746  4.434   1.00 17.10 ? 279 GLN A O   1 
ATOM   486 C  CB  . GLN A 1 61 ? 14.259  -10.406 3.826   1.00 17.46 ? 279 GLN A CB  1 
ATOM   487 C  CG  . GLN A 1 61 ? 13.110  -11.330 3.571   1.00 21.68 ? 279 GLN A CG  1 
ATOM   488 C  CD  . GLN A 1 61 ? 12.609  -11.989 4.818   1.00 27.02 ? 279 GLN A CD  1 
ATOM   489 O  OE1 . GLN A 1 61 ? 11.428  -12.350 4.923   1.00 34.75 ? 279 GLN A OE1 1 
ATOM   490 N  NE2 . GLN A 1 61 ? 13.507  -12.159 5.808   1.00 31.16 ? 279 GLN A NE2 1 
ATOM   491 N  N   . GLY A 1 62 ? 15.055  -7.109  5.231   1.00 13.58 ? 280 GLY A N   1 
ATOM   492 C  CA  . GLY A 1 62 ? 16.224  -6.217  5.465   1.00 15.49 ? 280 GLY A CA  1 
ATOM   493 C  C   . GLY A 1 62 ? 16.695  -5.498  4.227   1.00 17.61 ? 280 GLY A C   1 
ATOM   494 O  O   . GLY A 1 62 ? 17.612  -4.645  4.296   1.00 22.81 ? 280 GLY A O   1 
ATOM   495 N  N   . SER A 1 63 ? 16.083  -5.813  3.068   1.00 15.60 ? 281 SER A N   1 
ATOM   496 C  CA  A SER A 1 63 ? 16.629  -5.132  1.927   0.50 16.00 ? 281 SER A CA  1 
ATOM   497 C  CA  B SER A 1 63 ? 16.544  -5.337  1.733   0.50 14.90 ? 281 SER A CA  1 
ATOM   498 C  C   . SER A 1 63 ? 15.600  -4.194  1.281   1.00 12.62 ? 281 SER A C   1 
ATOM   499 O  O   . SER A 1 63 ? 14.384  -4.424  1.341   1.00 11.33 ? 281 SER A O   1 
ATOM   500 C  CB  A SER A 1 63 ? 17.184  -6.126  0.927   0.50 18.29 ? 281 SER A CB  1 
ATOM   501 C  CB  B SER A 1 63 ? 16.513  -6.494  0.711   0.50 15.94 ? 281 SER A CB  1 
ATOM   502 O  OG  A SER A 1 63 ? 18.018  -5.519  -0.017  0.50 22.35 ? 281 SER A OG  1 
ATOM   503 O  OG  B SER A 1 63 ? 17.630  -7.380  1.001   0.50 18.94 ? 281 SER A OG  1 
ATOM   504 N  N   . PRO A 1 64 ? 16.091  -3.124  0.735   1.00 11.38 ? 282 PRO A N   1 
ATOM   505 C  CA  . PRO A 1 64 ? 15.195  -2.093  0.193   1.00 9.74  ? 282 PRO A CA  1 
ATOM   506 C  C   . PRO A 1 64 ? 14.710  -2.436  -1.161  1.00 8.59  ? 282 PRO A C   1 
ATOM   507 O  O   . PRO A 1 64 ? 15.499  -2.906  -1.984  1.00 11.23 ? 282 PRO A O   1 
ATOM   508 C  CB  . PRO A 1 64 ? 16.068  -0.816  0.149   1.00 12.45 ? 282 PRO A CB  1 
ATOM   509 C  CG  . PRO A 1 64 ? 17.511  -1.417  -0.030  1.00 15.38 ? 282 PRO A CG  1 
ATOM   510 C  CD  . PRO A 1 64 ? 17.508  -2.717  0.736   1.00 14.36 ? 282 PRO A CD  1 
ATOM   511 N  N   . LEU A 1 65 ? 13.469  -2.141  -1.471  1.00 7.75  ? 283 LEU A N   1 
ATOM   512 C  CA  . LEU A 1 65 ? 12.891  -2.257  -2.829  1.00 7.39  ? 283 LEU A CA  1 
ATOM   513 C  C   . LEU A 1 65 ? 12.022  -1.034  -3.097  1.00 6.81  ? 283 LEU A C   1 
ATOM   514 O  O   . LEU A 1 65 ? 11.353  -0.534  -2.201  1.00 7.56  ? 283 LEU A O   1 
ATOM   515 C  CB  . LEU A 1 65 ? 12.055  -3.525  -2.991  1.00 8.10  ? 283 LEU A CB  1 
ATOM   516 C  CG  . LEU A 1 65 ? 12.773  -4.824  -2.856  1.00 8.74  ? 283 LEU A CG  1 
ATOM   517 C  CD1 . LEU A 1 65 ? 11.791  -5.972  -2.801  1.00 9.95  ? 283 LEU A CD1 1 
ATOM   518 C  CD2 . LEU A 1 65 ? 13.785  -5.058  -3.989  1.00 11.29 ? 283 LEU A CD2 1 
ATOM   519 N  N   . SER A 1 66 ? 12.023  -0.579  -4.341  1.00 7.50  ? 284 SER A N   1 
ATOM   520 C  CA  . SER A 1 66 ? 11.132  0.439   -4.826  1.00 7.33  ? 284 SER A CA  1 
ATOM   521 C  C   . SER A 1 66 ? 10.022  -0.211  -5.669  1.00 6.87  ? 284 SER A C   1 
ATOM   522 O  O   . SER A 1 66 ? 10.299  -0.995  -6.551  1.00 8.86  ? 284 SER A O   1 
ATOM   523 C  CB  . SER A 1 66 ? 11.864  1.466   -5.686  1.00 9.73  ? 284 SER A CB  1 
ATOM   524 O  OG  . SER A 1 66 ? 12.901  2.116   -5.046  1.00 14.20 ? 284 SER A OG  1 
ATOM   525 N  N   . LEU A 1 67 ? 8.764   0.135   -5.333  1.00 6.55  ? 285 LEU A N   1 
ATOM   526 C  CA  . LEU A 1 67 ? 7.602   -0.459  -5.986  1.00 6.64  ? 285 LEU A CA  1 
ATOM   527 C  C   . LEU A 1 67 ? 6.645   0.625   -6.397  1.00 6.32  ? 285 LEU A C   1 
ATOM   528 O  O   . LEU A 1 67 ? 6.686   1.734   -5.870  1.00 7.70  ? 285 LEU A O   1 
ATOM   529 C  CB  . LEU A 1 67 ? 6.885   -1.424  -5.043  1.00 6.66  ? 285 LEU A CB  1 
ATOM   530 C  CG  . LEU A 1 67 ? 7.756   -2.615  -4.550  1.00 7.08  ? 285 LEU A CG  1 
ATOM   531 C  CD1 . LEU A 1 67 ? 6.993   -3.413  -3.506  1.00 8.98  ? 285 LEU A CD1 1 
ATOM   532 C  CD2 . LEU A 1 67 ? 8.214   -3.511  -5.647  1.00 8.41  ? 285 LEU A CD2 1 
ATOM   533 N  N   . THR A 1 68 ? 5.746   0.326   -7.343  1.00 7.04  ? 286 THR A N   1 
ATOM   534 C  CA  . THR A 1 68 ? 4.750   1.263   -7.830  1.00 7.18  ? 286 THR A CA  1 
ATOM   535 C  C   . THR A 1 68 ? 3.364   0.667   -7.548  1.00 6.62  ? 286 THR A C   1 
ATOM   536 O  O   . THR A 1 68 ? 3.039   -0.411  -8.029  1.00 8.07  ? 286 THR A O   1 
ATOM   537 C  CB  . THR A 1 68 ? 4.906   1.415   -9.363  1.00 9.02  ? 286 THR A CB  1 
ATOM   538 O  OG1 . THR A 1 68 ? 6.269   1.775   -9.602  1.00 10.85 ? 286 THR A OG1 1 
ATOM   539 C  CG2 . THR A 1 68 ? 3.888   2.388   -9.906  1.00 10.75 ? 286 THR A CG2 1 
ATOM   540 N  N   . LEU A 1 69 ? 2.576   1.424   -6.748  1.00 6.42  ? 287 LEU A N   1 
ATOM   541 C  CA  . LEU A 1 69 ? 1.239   0.942   -6.321  1.00 6.08  ? 287 LEU A CA  1 
ATOM   542 C  C   . LEU A 1 69 ? 0.174   1.865   -6.944  1.00 6.42  ? 287 LEU A C   1 
ATOM   543 O  O   . LEU A 1 69 ? 0.243   3.081   -6.721  1.00 7.50  ? 287 LEU A O   1 
ATOM   544 C  CB  . LEU A 1 69 ? 1.161   0.996   -4.811  1.00 6.24  ? 287 LEU A CB  1 
ATOM   545 C  CG  . LEU A 1 69 ? -0.192  0.585   -4.201  1.00 7.11  ? 287 LEU A CG  1 
ATOM   546 C  CD1 . LEU A 1 69 ? -0.559  -0.831  -4.536  1.00 7.59  ? 287 LEU A CD1 1 
ATOM   547 C  CD2 . LEU A 1 69 ? -0.124  0.771   -2.679  1.00 8.10  ? 287 LEU A CD2 1 
ATOM   548 N  N   . ILE A 1 70 ? -0.785  1.288   -7.640  1.00 6.42  ? 288 ILE A N   1 
ATOM   549 C  CA  A ILE A 1 70 ? -1.871  2.118   -8.211  0.60 6.84  ? 288 ILE A CA  1 
ATOM   550 C  CA  B ILE A 1 70 ? -1.850  2.013   -8.321  0.40 6.11  ? 288 ILE A CA  1 
ATOM   551 C  C   . ILE A 1 70 ? -3.184  1.541   -7.677  1.00 6.41  ? 288 ILE A C   1 
ATOM   552 O  O   . ILE A 1 70 ? -3.686  0.503   -8.088  1.00 6.58  ? 288 ILE A O   1 
ATOM   553 C  CB  A ILE A 1 70 ? -1.892  2.144   -9.725  0.60 7.47  ? 288 ILE A CB  1 
ATOM   554 C  CB  B ILE A 1 70 ? -1.880  1.704   -9.862  0.40 5.85  ? 288 ILE A CB  1 
ATOM   555 C  CG1 A ILE A 1 70 ? -0.526  2.610   -10.264 0.60 10.12 ? 288 ILE A CG1 1 
ATOM   556 C  CG1 B ILE A 1 70 ? -0.509  2.023   -10.499 0.40 7.82  ? 288 ILE A CG1 1 
ATOM   557 C  CG2 A ILE A 1 70 ? -3.012  3.046   -10.207 0.60 9.49  ? 288 ILE A CG2 1 
ATOM   558 C  CG2 B ILE A 1 70 ? -2.953  2.615   -10.463 0.40 5.68  ? 288 ILE A CG2 1 
ATOM   559 C  CD1 A ILE A 1 70 ? -0.302  2.115   -11.708 0.60 12.94 ? 288 ILE A CD1 1 
ATOM   560 C  CD1 B ILE A 1 70 ? 0.332   0.944   -10.822 0.40 12.19 ? 288 ILE A CD1 1 
ATOM   561 N  N   . PRO A 1 71 ? -3.731  2.231   -6.664  1.00 6.48  ? 289 PRO A N   1 
ATOM   562 C  CA  . PRO A 1 71 ? -4.981  1.742   -6.071  1.00 6.55  ? 289 PRO A CA  1 
ATOM   563 C  C   . PRO A 1 71 ? -6.045  1.560   -7.126  1.00 5.92  ? 289 PRO A C   1 
ATOM   564 O  O   . PRO A 1 71 ? -6.190  2.410   -8.024  1.00 6.68  ? 289 PRO A O   1 
ATOM   565 C  CB  . PRO A 1 71 ? -5.318  2.839   -5.053  1.00 7.73  ? 289 PRO A CB  1 
ATOM   566 C  CG  . PRO A 1 71 ? -3.989  3.449   -4.661  1.00 7.99  ? 289 PRO A CG  1 
ATOM   567 C  CD  . PRO A 1 71 ? -3.265  3.462   -6.010  1.00 7.69  ? 289 PRO A CD  1 
ATOM   568 N  N   . GLU A 1 72 ? -6.821  0.535   -6.965  1.00 6.62  ? 290 GLU A N   1 
ATOM   569 C  CA  . GLU A 1 72 ? -8.010  0.237   -7.794  1.00 6.55  ? 290 GLU A CA  1 
ATOM   570 C  C   . GLU A 1 72 ? -9.184  0.832   -7.115  1.00 7.24  ? 290 GLU A C   1 
ATOM   571 O  O   . GLU A 1 72 ? -8.938  1.610   -6.092  1.00 10.30 ? 290 GLU A O   1 
ATOM   572 C  CB  . GLU A 1 72 ? -8.066  -1.207  -8.134  1.00 7.51  ? 290 GLU A CB  1 
ATOM   573 C  CG  . GLU A 1 72 ? -6.891  -1.547  -9.096  1.00 8.41  ? 290 GLU A CG  1 
ATOM   574 C  CD  . GLU A 1 72 ? -6.661  -2.979  -9.394  1.00 8.88  ? 290 GLU A CD  1 
ATOM   575 O  OE1 . GLU A 1 72 ? -7.628  -3.771  -9.327  1.00 12.41 ? 290 GLU A OE1 1 
ATOM   576 O  OE2 . GLU A 1 72 ? -5.531  -3.355  -9.727  1.00 10.24 ? 290 GLU A OE2 1 
ATOM   577 N  N   . SER A 1 73 ? -10.345 0.631   -7.601  1.00 13.46 ? 291 SER A N   1 
ATOM   578 C  CA  . SER A 1 73 ? -11.547 1.359   -7.026  1.00 14.90 ? 291 SER A CA  1 
ATOM   579 C  C   . SER A 1 73 ? -12.591 0.380   -6.616  1.00 13.90 ? 291 SER A C   1 
ATOM   580 O  O   . SER A 1 73 ? -12.799 -0.681  -7.188  1.00 24.64 ? 291 SER A O   1 
ATOM   581 C  CB  . SER A 1 73 ? -12.161 2.159   -8.170  1.00 13.37 ? 291 SER A CB  1 
ATOM   582 O  OG  . SER A 1 73 ? -11.279 3.174   -8.611  1.00 13.53 ? 291 SER A OG  1 
HETATM 583 N  N   . MLY A 1 74 ? -13.240 0.806   -5.547  1.00 10.68 ? 292 MLY A N   1 
HETATM 584 C  CA  A MLY A 1 74 ? -14.502 0.192   -5.233  0.60 9.95  ? 292 MLY A CA  1 
HETATM 585 C  CA  B MLY A 1 74 ? -14.441 0.203   -4.858  0.40 8.49  ? 292 MLY A CA  1 
HETATM 586 C  CB  A MLY A 1 74 ? -14.274 -0.580  -3.967  0.60 12.41 ? 292 MLY A CB  1 
HETATM 587 C  CB  B MLY A 1 74 ? -14.293 -0.232  -3.350  0.40 9.57  ? 292 MLY A CB  1 
HETATM 588 C  CG  A MLY A 1 74 ? -13.287 -1.731  -4.179  0.60 14.96 ? 292 MLY A CG  1 
HETATM 589 C  CG  B MLY A 1 74 ? -13.454 -1.546  -3.310  0.40 9.56  ? 292 MLY A CG  1 
HETATM 590 C  CD  A MLY A 1 74 ? -13.281 -2.703  -3.022  0.60 20.44 ? 292 MLY A CD  1 
HETATM 591 C  CD  B MLY A 1 74 ? -14.059 -2.819  -3.946  0.40 14.72 ? 292 MLY A CD  1 
HETATM 592 C  CE  A MLY A 1 74 ? -14.570 -3.485  -2.893  0.60 21.49 ? 292 MLY A CE  1 
HETATM 593 C  CE  B MLY A 1 74 ? -13.183 -4.014  -3.531  0.40 14.13 ? 292 MLY A CE  1 
HETATM 594 N  NZ  A MLY A 1 74 ? -14.377 -4.667  -2.037  0.60 23.93 ? 292 MLY A NZ  1 
HETATM 595 N  NZ  B MLY A 1 74 ? -13.442 -5.161  -4.429  0.40 18.85 ? 292 MLY A NZ  1 
HETATM 596 C  CH1 A MLY A 1 74 ? -15.630 -5.420  -2.079  0.60 25.62 ? 292 MLY A CH1 1 
HETATM 597 C  CH1 B MLY A 1 74 ? -14.874 -5.459  -4.480  0.40 16.74 ? 292 MLY A CH1 1 
HETATM 598 C  CH2 A MLY A 1 74 ? -14.065 -4.239  -0.657  0.60 25.20 ? 292 MLY A CH2 1 
HETATM 599 C  CH2 B MLY A 1 74 ? -12.683 -6.292  -3.906  0.40 18.62 ? 292 MLY A CH2 1 
HETATM 600 C  C   . MLY A 1 74 ? -15.531 1.272   -5.046  1.00 8.57  ? 292 MLY A C   1 
HETATM 601 O  O   . MLY A 1 74 ? -15.234 2.467   -4.930  1.00 8.52  ? 292 MLY A O   1 
ATOM   602 N  N   . PRO A 1 75 ? -16.819 0.883   -5.087  1.00 8.10  ? 293 PRO A N   1 
ATOM   603 C  CA  . PRO A 1 75 ? -17.872 1.892   -5.135  1.00 7.60  ? 293 PRO A CA  1 
ATOM   604 C  C   . PRO A 1 75 ? -17.978 2.727   -3.895  1.00 6.69  ? 293 PRO A C   1 
ATOM   605 O  O   . PRO A 1 75 ? -18.566 3.832   -3.946  1.00 7.61  ? 293 PRO A O   1 
ATOM   606 C  CB  . PRO A 1 75 ? -19.148 1.077   -5.353  1.00 8.34  ? 293 PRO A CB  1 
ATOM   607 C  CG  . PRO A 1 75 ? -18.737 -0.113  -6.026  1.00 12.56 ? 293 PRO A CG  1 
ATOM   608 C  CD  . PRO A 1 75 ? -17.361 -0.453  -5.333  1.00 10.30 ? 293 PRO A CD  1 
ATOM   609 N  N   . GLY A 1 76 ? -17.486 2.280   -2.763  1.00 8.40  ? 294 GLY A N   1 
ATOM   610 C  CA  . GLY A 1 76 ? -17.724 2.999   -1.561  1.00 8.99  ? 294 GLY A CA  1 
ATOM   611 C  C   . GLY A 1 76 ? -19.234 3.019   -1.236  1.00 8.81  ? 294 GLY A C   1 
ATOM   612 O  O   . GLY A 1 76 ? -20.006 2.158   -1.666  1.00 10.24 ? 294 GLY A O   1 
ATOM   613 N  N   . ASN A 1 77 ? -19.662 4.074   -0.571  1.00 8.76  ? 295 ASN A N   1 
ATOM   614 C  CA  . ASN A 1 77 ? -21.093 4.249   -0.348  1.00 9.17  ? 295 ASN A CA  1 
ATOM   615 C  C   . ASN A 1 77 ? -21.395 5.746   -0.521  1.00 7.55  ? 295 ASN A C   1 
ATOM   616 O  O   . ASN A 1 77 ? -21.455 6.545   0.415   1.00 8.86  ? 295 ASN A O   1 
ATOM   617 C  CB  . ASN A 1 77 ? -21.500 3.756   1.023   1.00 10.25 ? 295 ASN A CB  1 
ATOM   618 C  CG  . ASN A 1 77 ? -23.026 3.923   1.232   1.00 10.26 ? 295 ASN A CG  1 
ATOM   619 O  OD1 . ASN A 1 77 ? -23.786 4.032   0.257   1.00 11.36 ? 295 ASN A OD1 1 
ATOM   620 N  ND2 . ASN A 1 77 ? -23.413 3.906   2.487   1.00 11.57 ? 295 ASN A ND2 1 
ATOM   621 N  N   . GLY A 1 78 ? -21.550 6.086   -1.789  1.00 8.26  ? 296 GLY A N   1 
ATOM   622 C  CA  . GLY A 1 78 ? -21.784 7.452   -2.212  1.00 8.47  ? 296 GLY A CA  1 
ATOM   623 C  C   . GLY A 1 78 ? -20.584 8.105   -2.908  1.00 7.20  ? 296 GLY A C   1 
ATOM   624 O  O   . GLY A 1 78 ? -20.739 9.173   -3.508  1.00 8.66  ? 296 GLY A O   1 
HETATM 625 N  N   . MLY A 1 79 ? -19.435 7.488   -2.837  1.00 7.06  ? 297 MLY A N   1 
HETATM 626 C  CA  . MLY A 1 79 ? -18.205 8.052   -3.377  1.00 7.28  ? 297 MLY A CA  1 
HETATM 627 C  CB  . MLY A 1 79 ? -17.661 9.193   -2.516  1.00 8.80  ? 297 MLY A CB  1 
HETATM 628 C  CG  . MLY A 1 79 ? -16.399 9.842   -3.095  1.00 12.16 ? 297 MLY A CG  1 
HETATM 629 C  CD  . MLY A 1 79 ? -15.956 10.947  -2.198  1.00 19.68 ? 297 MLY A CD  1 
HETATM 630 C  CE  . MLY A 1 79 ? -14.904 11.748  -2.911  1.00 24.15 ? 297 MLY A CE  1 
HETATM 631 N  NZ  . MLY A 1 79 ? -14.760 13.124  -2.435  1.00 29.88 ? 297 MLY A NZ  1 
HETATM 632 C  CH1 . MLY A 1 79 ? -13.667 13.714  -3.258  1.00 30.64 ? 297 MLY A CH1 1 
HETATM 633 C  CH2 . MLY A 1 79 ? -14.398 13.081  -1.007  1.00 33.30 ? 297 MLY A CH2 1 
HETATM 634 C  C   . MLY A 1 79 ? -17.215 6.939   -3.500  1.00 6.82  ? 297 MLY A C   1 
HETATM 635 O  O   . MLY A 1 79 ? -16.854 6.327   -2.492  1.00 7.63  ? 297 MLY A O   1 
ATOM   636 N  N   . ALA A 1 80 ? -16.725 6.674   -4.710  1.00 7.14  ? 298 ALA A N   1 
ATOM   637 C  CA  . ALA A 1 80 ? -15.780 5.581   -4.910  1.00 7.11  ? 298 ALA A CA  1 
ATOM   638 C  C   . ALA A 1 80 ? -14.497 5.842   -4.116  1.00 7.87  ? 298 ALA A C   1 
ATOM   639 O  O   . ALA A 1 80 ? -14.073 6.996   -3.914  1.00 9.31  ? 298 ALA A O   1 
ATOM   640 C  CB  . ALA A 1 80 ? -15.473 5.444   -6.353  1.00 7.99  ? 298 ALA A CB  1 
ATOM   641 N  N   . ILE A 1 81 ? -13.881 4.763   -3.704  1.00 8.09  ? 299 ILE A N   1 
ATOM   642 C  CA  . ILE A 1 81 ? -12.650 4.818   -2.940  1.00 9.12  ? 299 ILE A CA  1 
ATOM   643 C  C   . ILE A 1 81 ? -11.575 3.963   -3.613  1.00 7.84  ? 299 ILE A C   1 
ATOM   644 O  O   . ILE A 1 81 ? -11.846 3.006   -4.319  1.00 9.80  ? 299 ILE A O   1 
ATOM   645 C  CB  . ILE A 1 81 ? -12.871 4.313   -1.559  1.00 11.70 ? 299 ILE A CB  1 
ATOM   646 C  CG1 . ILE A 1 81 ? -13.389 2.884   -1.549  1.00 14.92 ? 299 ILE A CG1 1 
ATOM   647 C  CG2 . ILE A 1 81 ? -13.768 5.253   -0.787  1.00 14.28 ? 299 ILE A CG2 1 
ATOM   648 C  CD1 . ILE A 1 81 ? -13.419 2.173   -0.207  1.00 21.52 ? 299 ILE A CD1 1 
ATOM   649 N  N   . GLY A 1 82 ? -10.334 4.325   -3.307  1.00 8.15  ? 300 GLY A N   1 
ATOM   650 C  CA  . GLY A 1 82 ? -9.226  3.427   -3.676  1.00 7.56  ? 300 GLY A CA  1 
ATOM   651 C  C   . GLY A 1 82 ? -9.148  2.238   -2.787  1.00 7.01  ? 300 GLY A C   1 
ATOM   652 O  O   . GLY A 1 82 ? -9.529  2.284   -1.608  1.00 8.49  ? 300 GLY A O   1 
ATOM   653 N  N   . PHE A 1 83 ? -8.607  1.166   -3.340  1.00 7.06  ? 301 PHE A N   1 
ATOM   654 C  CA  . PHE A 1 83 ? -8.592  -0.152  -2.698  1.00 6.85  ? 301 PHE A CA  1 
ATOM   655 C  C   . PHE A 1 83 ? -7.383  -0.907  -3.211  1.00 6.48  ? 301 PHE A C   1 
ATOM   656 O  O   . PHE A 1 83 ? -7.179  -0.964  -4.449  1.00 6.89  ? 301 PHE A O   1 
ATOM   657 C  CB  . PHE A 1 83 ? -9.880  -0.888  -2.993  1.00 8.19  ? 301 PHE A CB  1 
ATOM   658 C  CG  . PHE A 1 83 ? -9.933  -2.247  -2.325  1.00 8.73  ? 301 PHE A CG  1 
ATOM   659 C  CD1 . PHE A 1 83 ? -10.252 -2.336  -0.969  1.00 11.10 ? 301 PHE A CD1 1 
ATOM   660 C  CD2 . PHE A 1 83 ? -9.627  -3.389  -3.023  1.00 9.87  ? 301 PHE A CD2 1 
ATOM   661 C  CE1 . PHE A 1 83 ? -10.241 -3.588  -0.351  1.00 13.45 ? 301 PHE A CE1 1 
ATOM   662 C  CE2 . PHE A 1 83 ? -9.641  -4.630  -2.413  1.00 11.17 ? 301 PHE A CE2 1 
ATOM   663 C  CZ  . PHE A 1 83 ? -9.984  -4.717  -1.084  1.00 12.07 ? 301 PHE A CZ  1 
ATOM   664 N  N   . VAL A 1 84 ? -6.615  -1.495  -2.314  1.00 6.86  ? 302 VAL A N   1 
ATOM   665 C  CA  . VAL A 1 84 ? -5.375  -2.177  -2.715  1.00 6.58  ? 302 VAL A CA  1 
ATOM   666 C  C   . VAL A 1 84 ? -5.305  -3.633  -2.354  1.00 6.50  ? 302 VAL A C   1 
ATOM   667 O  O   . VAL A 1 84 ? -4.374  -4.305  -2.819  1.00 7.75  ? 302 VAL A O   1 
ATOM   668 C  CB  . VAL A 1 84 ? -4.124  -1.413  -2.236  1.00 6.29  ? 302 VAL A CB  1 
ATOM   669 C  CG1 . VAL A 1 84 ? -3.987  -0.067  -2.940  1.00 7.46  ? 302 VAL A CG1 1 
ATOM   670 C  CG2 . VAL A 1 84 ? -4.088  -1.249  -0.711  1.00 8.06  ? 302 VAL A CG2 1 
ATOM   671 N  N   . GLY A 1 85 ? -6.219  -4.185  -1.540  1.00 7.32  ? 303 GLY A N   1 
ATOM   672 C  CA  . GLY A 1 85 ? -6.144  -5.560  -1.185  1.00 8.05  ? 303 GLY A CA  1 
ATOM   673 C  C   . GLY A 1 85 ? -5.102  -5.941  -0.141  1.00 7.59  ? 303 GLY A C   1 
ATOM   674 O  O   . GLY A 1 85 ? -4.550  -7.026  -0.186  1.00 9.16  ? 303 GLY A O   1 
ATOM   675 N  N   . ILE A 1 86 ? -4.855  -5.032  0.807   1.00 7.59  ? 304 ILE A N   1 
ATOM   676 C  CA  . ILE A 1 86 ? -3.903  -5.263  1.875   1.00 7.71  ? 304 ILE A CA  1 
ATOM   677 C  C   . ILE A 1 86 ? -4.657  -5.528  3.184   1.00 8.24  ? 304 ILE A C   1 
ATOM   678 O  O   . ILE A 1 86 ? -5.551  -4.796  3.584   1.00 8.10  ? 304 ILE A O   1 
ATOM   679 C  CB  . ILE A 1 86 ? -2.982  -4.053  2.062   1.00 7.63  ? 304 ILE A CB  1 
ATOM   680 C  CG1 . ILE A 1 86 ? -1.983  -4.012  0.903   1.00 8.69  ? 304 ILE A CG1 1 
ATOM   681 C  CG2 . ILE A 1 86 ? -2.248  -4.094  3.405   1.00 9.84  ? 304 ILE A CG2 1 
ATOM   682 C  CD1 . ILE A 1 86 ? -1.154  -2.785  0.851   1.00 8.82  ? 304 ILE A CD1 1 
ATOM   683 N  N   . GLU A 1 87 ? -4.232  -6.620  3.815   1.00 7.99  ? 305 GLU A N   1 
ATOM   684 C  CA  . GLU A 1 87 ? -4.671  -6.982  5.164   1.00 8.05  ? 305 GLU A CA  1 
ATOM   685 C  C   . GLU A 1 87 ? -3.703  -6.316  6.136   1.00 7.35  ? 305 GLU A C   1 
ATOM   686 O  O   . GLU A 1 87 ? -2.508  -6.659  6.171   1.00 8.19  ? 305 GLU A O   1 
ATOM   687 C  CB  . GLU A 1 87 ? -4.687  -8.486  5.362   1.00 9.39  ? 305 GLU A CB  1 
ATOM   688 C  CG  . GLU A 1 87 ? -5.687  -9.208  4.474   1.00 14.03 ? 305 GLU A CG  1 
ATOM   689 C  CD  . GLU A 1 87 ? -5.619  -10.773 4.641   1.00 16.46 ? 305 GLU A CD  1 
ATOM   690 O  OE1 . GLU A 1 87 ? -5.155  -11.322 5.657   1.00 20.54 ? 305 GLU A OE1 1 
ATOM   691 O  OE2 . GLU A 1 87 ? -6.010  -11.420 3.725   1.00 24.45 ? 305 GLU A OE2 1 
ATOM   692 N  N   . PRO A 1 88 ? -4.164  -5.356  6.916   1.00 8.05  ? 306 PRO A N   1 
ATOM   693 C  CA  . PRO A 1 88 ? -3.274  -4.678  7.866   1.00 7.68  ? 306 PRO A CA  1 
ATOM   694 C  C   . PRO A 1 88 ? -2.773  -5.618  8.964   1.00 7.20  ? 306 PRO A C   1 
ATOM   695 O  O   . PRO A 1 88 ? -3.386  -6.644  9.246   1.00 7.61  ? 306 PRO A O   1 
ATOM   696 C  CB  . PRO A 1 88 ? -4.093  -3.538  8.455   1.00 9.40  ? 306 PRO A CB  1 
ATOM   697 C  CG  . PRO A 1 88 ? -5.212  -3.329  7.413   1.00 9.22  ? 306 PRO A CG  1 
ATOM   698 C  CD  . PRO A 1 88 ? -5.502  -4.702  6.927   1.00 8.40  ? 306 PRO A CD  1 
HETATM 699 N  N   . MLY A 1 89 ? -1.673  -5.249  9.591   1.00 7.98  ? 307 MLY A N   1 
HETATM 700 C  CA  A MLY A 1 89 ? -1.118  -5.962  10.780  0.30 8.00  ? 307 MLY A CA  1 
HETATM 701 C  CA  B MLY A 1 89 ? -1.144  -6.069  10.660  0.70 8.91  ? 307 MLY A CA  1 
HETATM 702 C  CB  A MLY A 1 89 ? -0.121  -5.103  11.626  0.30 7.38  ? 307 MLY A CB  1 
HETATM 703 C  CB  B MLY A 1 89 ? 0.003   -5.282  11.289  0.70 10.05 ? 307 MLY A CB  1 
HETATM 704 C  CG  A MLY A 1 89 ? 0.889   -5.975  12.407  0.30 9.89  ? 307 MLY A CG  1 
HETATM 705 C  CG  B MLY A 1 89 ? 0.665   -5.988  12.479  0.70 13.19 ? 307 MLY A CG  1 
HETATM 706 C  CD  A MLY A 1 89 ? 1.904   -5.023  13.033  0.30 10.67 ? 307 MLY A CD  1 
HETATM 707 C  CD  B MLY A 1 89 ? 2.093   -5.648  12.778  0.70 17.05 ? 307 MLY A CD  1 
HETATM 708 C  CE  A MLY A 1 89 ? 2.708   -5.806  14.056  0.30 12.76 ? 307 MLY A CE  1 
HETATM 709 C  CE  B MLY A 1 89 ? 2.754   -6.618  13.779  0.70 19.65 ? 307 MLY A CE  1 
HETATM 710 N  NZ  A MLY A 1 89 ? 3.764   -4.989  14.639  0.30 18.50 ? 307 MLY A NZ  1 
HETATM 711 N  NZ  B MLY A 1 89 ? 3.199   -7.898  13.212  0.70 20.06 ? 307 MLY A NZ  1 
HETATM 712 C  CH1 A MLY A 1 89 ? 4.298   -5.702  15.821  0.30 21.05 ? 307 MLY A CH1 1 
HETATM 713 C  CH1 B MLY A 1 89 ? 3.860   -8.672  14.282  0.70 20.71 ? 307 MLY A CH1 1 
HETATM 714 C  CH2 A MLY A 1 89 ? 3.185   -3.687  15.028  0.30 16.58 ? 307 MLY A CH2 1 
HETATM 715 C  CH2 B MLY A 1 89 ? 4.101   -7.727  12.067  0.70 20.02 ? 307 MLY A CH2 1 
HETATM 716 C  C   . MLY A 1 89 ? -2.240  -6.341  11.722  1.00 8.06  ? 307 MLY A C   1 
HETATM 717 O  O   . MLY A 1 89 ? -3.033  -5.481  12.123  1.00 8.41  ? 307 MLY A O   1 
ATOM   718 N  N   . VAL A 1 90 ? -2.273  -7.593  12.172  1.00 8.64  ? 308 VAL A N   1 
ATOM   719 C  CA  . VAL A 1 90 ? -3.232  -8.057  13.163  1.00 8.55  ? 308 VAL A CA  1 
ATOM   720 C  C   . VAL A 1 90 ? -2.974  -7.332  14.489  1.00 8.14  ? 308 VAL A C   1 
ATOM   721 O  O   . VAL A 1 90 ? -1.814  -7.234  14.892  1.00 10.65 ? 308 VAL A O   1 
ATOM   722 C  CB  . VAL A 1 90 ? -3.153  -9.554  13.298  1.00 9.31  ? 308 VAL A CB  1 
ATOM   723 C  CG1 . VAL A 1 90 ? -4.045  -10.074 14.442  1.00 11.70 ? 308 VAL A CG1 1 
ATOM   724 C  CG2 . VAL A 1 90 ? -3.568  -10.254 12.050  1.00 11.66 ? 308 VAL A CG2 1 
ATOM   725 N  N   . ILE A 1 91 ? -4.031  -6.954  15.171  1.00 9.11  ? 309 ILE A N   1 
ATOM   726 C  CA  . ILE A 1 91 ? -3.959  -6.297  16.473  1.00 9.59  ? 309 ILE A CA  1 
ATOM   727 C  C   . ILE A 1 91 ? -4.513  -7.173  17.590  1.00 9.74  ? 309 ILE A C   1 
ATOM   728 O  O   . ILE A 1 91 ? -4.248  -6.832  18.775  1.00 10.35 ? 309 ILE A O   1 
ATOM   729 C  CB  . ILE A 1 91 ? -4.677  -4.970  16.426  1.00 11.31 ? 309 ILE A CB  1 
ATOM   730 C  CG1 . ILE A 1 91 ? -6.134  -5.119  16.315  1.00 11.32 ? 309 ILE A CG1 1 
ATOM   731 C  CG2 . ILE A 1 91 ? -4.046  -4.052  15.389  1.00 14.16 ? 309 ILE A CG2 1 
ATOM   732 C  CD1 . ILE A 1 91 ? -6.966  -4.010  16.647  1.00 13.98 ? 309 ILE A CD1 1 
ATOM   733 O  OXT . ILE A 1 91 ? -5.156  -8.198  17.282  1.00 11.00 ? 309 ILE A OXT 1 
HETATM 734 O  O   . HOH B 2 .  ? -4.582  5.355   -13.722 1.00 7.60  ? 1   HOH A O   1 
HETATM 735 O  O   . HOH B 2 .  ? -0.626  -1.497  -8.270  1.00 7.64  ? 2   HOH A O   1 
HETATM 736 O  O   . HOH B 2 .  ? -6.895  -3.674  -5.395  1.00 10.10 ? 3   HOH A O   1 
HETATM 737 O  O   . HOH B 2 .  ? -6.887  2.120   -10.733 1.00 8.59  ? 4   HOH A O   1 
HETATM 738 O  O   . HOH B 2 .  ? -3.719  -1.346  -10.239 1.00 9.90  ? 5   HOH A O   1 
HETATM 739 O  O   . HOH B 2 .  ? 6.028   -2.299  -8.422  1.00 9.69  ? 6   HOH A O   1 
HETATM 740 O  O   . HOH B 2 .  ? -0.248  9.165   -11.066 1.00 11.06 ? 7   HOH A O   1 
HETATM 741 O  O   . HOH B 2 .  ? -2.077  -5.360  19.351  1.00 11.21 ? 8   HOH A O   1 
HETATM 742 O  O   . HOH B 2 .  ? 7.919   -8.757  -5.551  1.00 10.31 ? 9   HOH A O   1 
HETATM 743 O  O   . HOH B 2 .  ? -5.859  -0.221  9.258   1.00 10.58 ? 10  HOH A O   1 
HETATM 744 O  O   . HOH B 2 .  ? -9.692  2.195   -10.663 1.00 11.53 ? 11  HOH A O   1 
HETATM 745 O  O   . HOH B 2 .  ? 8.648   6.726   -1.743  1.00 12.39 ? 12  HOH A O   1 
HETATM 746 O  O   . HOH B 2 .  ? -12.849 5.412   -8.574  0.50 15.60 ? 13  HOH A O   1 
HETATM 747 O  O   . HOH B 2 .  ? -2.902  -2.783  11.816  1.00 12.85 ? 14  HOH A O   1 
HETATM 748 O  O   . HOH B 2 .  ? -22.669 10.820  -2.498  1.00 12.35 ? 15  HOH A O   1 
HETATM 749 O  O   . HOH B 2 .  ? -5.283  -8.601  9.055   1.00 13.05 ? 16  HOH A O   1 
HETATM 750 O  O   . HOH B 2 .  ? 8.032   -9.660  3.000   1.00 11.97 ? 17  HOH A O   1 
HETATM 751 O  O   . HOH B 2 .  ? -7.776  9.630   -7.638  1.00 16.70 ? 18  HOH A O   1 
HETATM 752 O  O   . HOH B 2 .  ? 1.710   9.749   -9.388  1.00 12.94 ? 19  HOH A O   1 
HETATM 753 O  O   . HOH B 2 .  ? 8.780   3.448   -6.802  1.00 13.11 ? 20  HOH A O   1 
HETATM 754 O  O   . HOH B 2 .  ? 4.924   5.756   -8.822  1.00 13.21 ? 21  HOH A O   1 
HETATM 755 O  O   . HOH B 2 .  ? 7.067   4.169   -8.856  1.00 12.60 ? 22  HOH A O   1 
HETATM 756 O  O   . HOH B 2 .  ? -17.748 6.132   0.003   1.00 13.83 ? 23  HOH A O   1 
HETATM 757 O  O   . HOH B 2 .  ? -1.315  6.195   -12.406 1.00 14.65 ? 24  HOH A O   1 
HETATM 758 O  O   . HOH B 2 .  ? 8.262   15.219  2.206   1.00 18.73 ? 25  HOH A O   1 
HETATM 759 O  O   . HOH B 2 .  ? 10.406  5.454   7.426   1.00 18.46 ? 26  HOH A O   1 
HETATM 760 O  O   . HOH B 2 .  ? 3.192   9.212   7.708   1.00 15.46 ? 27  HOH A O   1 
HETATM 761 O  O   . HOH B 2 .  ? -0.784  -2.364  9.622   1.00 17.02 ? 28  HOH A O   1 
HETATM 762 O  O   . HOH B 2 .  ? 13.288  9.213   -2.063  1.00 18.11 ? 29  HOH A O   1 
HETATM 763 O  O   . HOH B 2 .  ? -17.200 -0.456  -1.687  1.00 18.20 ? 30  HOH A O   1 
HETATM 764 O  O   . HOH B 2 .  ? 2.208   -12.367 0.256   1.00 17.23 ? 31  HOH A O   1 
HETATM 765 O  O   . HOH B 2 .  ? -2.382  5.287   12.224  1.00 17.05 ? 32  HOH A O   1 
HETATM 766 O  O   . HOH B 2 .  ? 7.698   3.220   7.989   1.00 15.73 ? 33  HOH A O   1 
HETATM 767 O  O   . HOH B 2 .  ? 12.855  11.331  -0.435  1.00 19.43 ? 34  HOH A O   1 
HETATM 768 O  O   . HOH B 2 .  ? -14.152 9.080   -5.795  1.00 17.84 ? 35  HOH A O   1 
HETATM 769 O  O   . HOH B 2 .  ? 11.893  -3.272  -6.741  1.00 16.60 ? 36  HOH A O   1 
HETATM 770 O  O   . HOH B 2 .  ? 0.402   -8.932  14.729  1.00 25.11 ? 37  HOH A O   1 
HETATM 771 O  O   . HOH B 2 .  ? 7.796   14.081  -0.215  1.00 21.65 ? 38  HOH A O   1 
HETATM 772 O  O   . HOH B 2 .  ? -24.737 4.466   -2.250  1.00 19.38 ? 39  HOH A O   1 
HETATM 773 O  O   . HOH B 2 .  ? 10.188  4.489   -4.992  1.00 21.04 ? 40  HOH A O   1 
HETATM 774 O  O   . HOH B 2 .  ? 4.473   -3.554  -10.342 1.00 22.18 ? 41  HOH A O   1 
HETATM 775 O  O   . HOH B 2 .  ? 0.906   9.233   -5.381  1.00 16.75 ? 42  HOH A O   1 
HETATM 776 O  O   . HOH B 2 .  ? 5.759   15.867  -0.759  1.00 22.68 ? 43  HOH A O   1 
HETATM 777 O  O   . HOH B 2 .  ? -3.160  7.762   13.405  1.00 16.83 ? 44  HOH A O   1 
HETATM 778 O  O   . HOH B 2 .  ? 13.397  1.098   1.399   1.00 17.49 ? 45  HOH A O   1 
HETATM 779 O  O   . HOH B 2 .  ? -0.924  -9.536  -9.564  1.00 19.55 ? 46  HOH A O   1 
HETATM 780 O  O   . HOH B 2 .  ? -1.094  11.013  -3.370  1.00 20.50 ? 47  HOH A O   1 
HETATM 781 O  O   . HOH B 2 .  ? 14.019  -1.739  -6.137  1.00 25.15 ? 48  HOH A O   1 
HETATM 782 O  O   . HOH B 2 .  ? 2.925   -1.341  -10.764 1.00 15.44 ? 49  HOH A O   1 
HETATM 783 O  O   . HOH B 2 .  ? -5.441  0.072   -11.986 1.00 11.35 ? 50  HOH A O   1 
HETATM 784 O  O   . HOH B 2 .  ? -12.625 7.965   -7.804  0.50 16.68 ? 51  HOH A O   1 
HETATM 785 O  O   . HOH B 2 .  ? -6.197  2.627   9.908   1.00 16.92 ? 52  HOH A O   1 
HETATM 786 O  O   . HOH B 2 .  ? 0.441   -2.375  -10.678 1.00 18.92 ? 53  HOH A O   1 
HETATM 787 O  O   . HOH B 2 .  ? 1.220   3.651   12.726  1.00 17.18 ? 54  HOH A O   1 
HETATM 788 O  O   . HOH B 2 .  ? 10.581  6.650   -3.656  1.00 17.49 ? 55  HOH A O   1 
HETATM 789 O  O   . HOH B 2 .  ? -1.858  -1.492  -12.232 1.00 22.06 ? 56  HOH A O   1 
HETATM 790 O  O   . HOH B 2 .  ? -2.273  -12.235 -7.682  1.00 20.98 ? 57  HOH A O   1 
HETATM 791 O  O   . HOH B 2 .  ? 8.261   -8.601  8.327   1.00 23.17 ? 58  HOH A O   1 
HETATM 792 O  O   . HOH B 2 .  ? -5.954  11.318  -6.988  1.00 19.08 ? 59  HOH A O   1 
HETATM 793 O  O   . HOH B 2 .  ? -0.319  -6.243  17.281  1.00 20.75 ? 60  HOH A O   1 
HETATM 794 O  O   . HOH B 2 .  ? 0.108   -11.376 13.437  1.00 26.16 ? 61  HOH A O   1 
HETATM 795 O  O   . HOH B 2 .  ? -19.297 7.635   1.983   1.00 24.56 ? 62  HOH A O   1 
HETATM 796 O  O   . HOH B 2 .  ? 12.497  6.793   6.356   1.00 23.42 ? 63  HOH A O   1 
HETATM 797 O  O   . HOH B 2 .  ? -19.524 11.638  -4.254  1.00 26.54 ? 64  HOH A O   1 
HETATM 798 O  O   . HOH B 2 .  ? -9.110  -4.484  -6.786  1.00 19.92 ? 65  HOH A O   1 
HETATM 799 O  O   . HOH B 2 .  ? 10.135  -6.383  6.218   1.00 21.01 ? 66  HOH A O   1 
HETATM 800 O  O   . HOH B 2 .  ? 10.127  -9.022  5.008   1.00 20.70 ? 67  HOH A O   1 
HETATM 801 O  O   . HOH B 2 .  ? 14.650  2.202   -0.727  1.00 23.26 ? 68  HOH A O   1 
HETATM 802 O  O   . HOH B 2 .  ? -21.517 4.186   4.584   1.00 22.29 ? 69  HOH A O   1 
HETATM 803 O  O   . HOH B 2 .  ? -5.871  11.930  1.583   1.00 24.51 ? 70  HOH A O   1 
HETATM 804 O  O   . HOH B 2 .  ? -4.895  -11.088 8.132   1.00 28.51 ? 71  HOH A O   1 
HETATM 805 O  O   . HOH B 2 .  ? -11.923 8.380   -2.794  1.00 22.79 ? 72  HOH A O   1 
HETATM 806 O  O   . HOH B 2 .  ? -8.725  -11.705 -4.331  1.00 28.12 ? 73  HOH A O   1 
HETATM 807 O  O   . HOH B 2 .  ? 2.389   -11.829 7.677   1.00 22.21 ? 74  HOH A O   1 
HETATM 808 O  O   . HOH B 2 .  ? -1.082  -12.359 -3.080  1.00 27.28 ? 75  HOH A O   1 
HETATM 809 O  O   . HOH B 2 .  ? 1.577   -10.961 -2.372  1.00 19.26 ? 76  HOH A O   1 
HETATM 810 O  O   . HOH B 2 .  ? 4.172   9.855   5.246   1.00 23.19 ? 77  HOH A O   1 
HETATM 811 O  O   . HOH B 2 .  ? 15.054  1.157   3.606   1.00 24.87 ? 78  HOH A O   1 
HETATM 812 O  O   . HOH B 2 .  ? 16.374  -1.843  -4.482  1.00 23.80 ? 79  HOH A O   1 
HETATM 813 O  O   . HOH B 2 .  ? -11.490 -3.316  -6.958  1.00 26.91 ? 80  HOH A O   1 
HETATM 814 O  O   . HOH B 2 .  ? -18.589 -2.658  -2.793  1.00 28.07 ? 81  HOH A O   1 
HETATM 815 O  O   . HOH B 2 .  ? 7.016   1.478   -12.127 1.00 23.72 ? 82  HOH A O   1 
HETATM 816 O  O   . HOH B 2 .  ? 3.966   10.535  12.839  1.00 25.20 ? 83  HOH A O   1 
HETATM 817 O  O   . HOH B 2 .  ? 17.486  -4.676  -2.423  1.00 25.58 ? 84  HOH A O   1 
HETATM 818 O  O   . HOH B 2 .  ? -1.155  11.769  7.922   1.00 22.68 ? 85  HOH A O   1 
HETATM 819 O  O   . HOH B 2 .  ? -12.534 9.476   -0.542  1.00 41.60 ? 86  HOH A O   1 
HETATM 820 O  O   . HOH B 2 .  ? 3.729   -9.864  8.826   1.00 25.41 ? 87  HOH A O   1 
HETATM 821 O  O   . HOH B 2 .  ? -10.909 -0.707  -10.090 1.00 25.91 ? 88  HOH A O   1 
HETATM 822 O  O   . HOH B 2 .  ? 6.536   -13.841 1.292   1.00 33.34 ? 89  HOH A O   1 
HETATM 823 O  O   . HOH B 2 .  ? -10.174 -3.467  -10.111 1.00 26.93 ? 90  HOH A O   1 
HETATM 824 O  O   . HOH B 2 .  ? -23.774 4.705   6.285   1.00 23.57 ? 91  HOH A O   1 
HETATM 825 O  O   . HOH B 2 .  ? 13.517  3.881   2.238   1.00 24.68 ? 92  HOH A O   1 
HETATM 826 O  O   . HOH B 2 .  ? 2.049   -7.786  9.772   1.00 19.62 ? 93  HOH A O   1 
HETATM 827 O  O   . HOH B 2 .  ? 15.640  5.630   -2.768  1.00 27.53 ? 94  HOH A O   1 
HETATM 828 O  O   . HOH B 2 .  ? 17.395  2.504   -0.402  1.00 18.41 ? 95  HOH A O   1 
HETATM 829 O  O   . HOH B 2 .  ? -7.308  -1.822  -12.774 1.00 18.16 ? 96  HOH A O   1 
HETATM 830 O  O   . HOH B 2 .  ? -3.734  -13.253 9.279   1.00 22.87 ? 97  HOH A O   1 
HETATM 831 O  O   . HOH B 2 .  ? -18.198 -3.912  -5.058  1.00 21.19 ? 98  HOH A O   1 
HETATM 832 O  O   . HOH B 2 .  ? 3.286   -14.261 6.370   1.00 27.12 ? 99  HOH A O   1 
HETATM 833 O  O   . HOH B 2 .  ? 12.936  -6.322  6.774   1.00 27.98 ? 100 HOH A O   1 
HETATM 834 O  O   . HOH B 2 .  ? 4.761   13.165  -0.816  1.00 25.23 ? 101 HOH A O   1 
HETATM 835 O  O   . HOH B 2 .  ? 9.146   6.373   9.549   1.00 28.28 ? 102 HOH A O   1 
HETATM 836 O  O   . HOH B 2 .  ? 14.698  1.052   -3.357  1.00 32.50 ? 103 HOH A O   1 
HETATM 837 O  O   . HOH B 2 .  ? -8.419  -7.576  -3.926  1.00 29.63 ? 104 HOH A O   1 
HETATM 838 O  O   . HOH B 2 .  ? -11.182 10.393  -4.991  1.00 28.35 ? 105 HOH A O   1 
HETATM 839 O  O   . HOH B 2 .  ? 10.420  -10.112 7.520   1.00 30.34 ? 106 HOH A O   1 
HETATM 840 O  O   . HOH B 2 .  ? 6.308   -13.204 3.911   1.00 25.91 ? 107 HOH A O   1 
HETATM 841 O  O   . HOH B 2 .  ? 8.856   1.615   9.592   1.00 30.96 ? 108 HOH A O   1 
HETATM 842 O  O   . HOH B 2 .  ? 14.343  -10.502 0.261   1.00 31.84 ? 109 HOH A O   1 
HETATM 843 O  O   . HOH B 2 .  ? -8.314  -11.273 2.353   1.00 31.45 ? 110 HOH A O   1 
HETATM 844 O  O   . HOH B 2 .  ? 14.309  2.489   7.275   1.00 35.94 ? 111 HOH A O   1 
HETATM 845 O  O   . HOH B 2 .  ? 16.688  -1.765  4.165   1.00 37.95 ? 112 HOH A O   1 
HETATM 846 O  O   . HOH B 2 .  ? -10.449 -11.310 -8.583  1.00 37.83 ? 113 HOH A O   1 
HETATM 847 O  O   . HOH B 2 .  ? 16.333  -7.927  -2.533  1.00 28.50 ? 114 HOH A O   1 
HETATM 848 O  O   . HOH B 2 .  ? 10.831  9.322   9.926   1.00 29.86 ? 115 HOH A O   1 
HETATM 849 O  O   . HOH B 2 .  ? 13.121  9.033   8.122   1.00 38.24 ? 116 HOH A O   1 
HETATM 850 O  O   . HOH B 2 .  ? -7.947  -6.023  -8.330  1.00 25.03 ? 117 HOH A O   1 
HETATM 851 O  O   . HOH B 2 .  ? 16.109  3.068   -4.741  1.00 38.52 ? 118 HOH A O   1 
HETATM 852 O  O   . HOH B 2 .  ? -11.634 -7.849  0.699   1.00 28.33 ? 119 HOH A O   1 
HETATM 853 O  O   . HOH B 2 .  ? -16.532 -3.421  -7.045  1.00 30.30 ? 120 HOH A O   1 
HETATM 854 O  O   . HOH B 2 .  ? 12.204  3.446   8.658   1.00 30.10 ? 121 HOH A O   1 
HETATM 855 O  O   . HOH B 2 .  ? -6.124  -13.971 4.747   1.00 29.44 ? 122 HOH A O   1 
HETATM 856 O  O   . HOH B 2 .  ? -17.600 -1.841  -9.112  1.00 28.45 ? 123 HOH A O   1 
HETATM 857 O  O   . HOH B 2 .  ? -9.582  -8.512  -9.361  1.00 38.11 ? 124 HOH A O   1 
HETATM 858 O  O   . HOH B 2 .  ? -12.721 -10.945 1.251   1.00 33.40 ? 125 HOH A O   1 
HETATM 859 O  O   . HOH B 2 .  ? -9.253  -7.100  -6.305  1.00 35.92 ? 126 HOH A O   1 
HETATM 860 O  O   . HOH B 2 .  ? 5.114   -12.354 7.043   1.00 33.73 ? 127 HOH A O   1 
HETATM 861 O  O   . HOH B 2 .  ? -1.145  -13.629 9.963   1.00 29.49 ? 128 HOH A O   1 
HETATM 862 O  O   . HOH B 2 .  ? -12.318 1.598   3.653   1.00 28.97 ? 129 HOH A O   1 
HETATM 863 O  O   . HOH B 2 .  ? 14.094  -11.082 7.690   1.00 33.39 ? 130 HOH A O   1 
HETATM 864 O  O   . HOH B 2 .  ? 13.075  -8.422  8.604   1.00 33.48 ? 131 HOH A O   1 
HETATM 865 O  O   . HOH B 2 .  ? 3.625   9.851   2.346   1.00 24.53 ? 132 HOH A O   1 
HETATM 866 O  O   . HOH B 2 .  ? -13.687 -0.763  -10.003 0.50 24.71 ? 133 HOH A O   1 
HETATM 867 O  O   . HOH B 2 .  ? 1.508   -9.573  12.781  1.00 29.42 ? 134 HOH A O   1 
HETATM 868 O  O   . HOH B 2 .  ? -10.434 0.603   6.952   1.00 23.64 ? 135 HOH A O   1 
HETATM 869 O  O   . HOH B 2 .  ? -2.715  6.389   -5.169  1.00 14.45 ? 136 HOH A O   1 
HETATM 870 O  O   . HOH B 2 .  ? -8.189  2.844   2.796   1.00 15.98 ? 137 HOH A O   1 
HETATM 871 O  O   . HOH B 2 .  ? -5.010  3.880   11.952  0.50 16.28 ? 138 HOH A O   1 
HETATM 872 O  O   . HOH B 2 .  ? -0.259  -4.905  15.348  1.00 23.69 ? 139 HOH A O   1 
HETATM 873 O  O   . HOH B 2 .  ? -14.822 11.028  -6.481  1.00 25.04 ? 140 HOH A O   1 
HETATM 874 O  O   . HOH B 2 .  ? 6.285   -10.101 9.641   1.00 26.90 ? 141 HOH A O   1 
HETATM 875 O  O   . HOH B 2 .  ? -15.919 13.766  -5.235  1.00 35.11 ? 142 HOH A O   1 
HETATM 876 O  O   . HOH B 2 .  ? -3.135  -10.249 -10.598 1.00 30.56 ? 143 HOH A O   1 
HETATM 877 O  O   . HOH B 2 .  ? -10.269 -4.896  -12.886 1.00 36.56 ? 144 HOH A O   1 
HETATM 878 O  O   . HOH B 2 .  ? 0.004   16.399  -4.533  1.00 22.81 ? 145 HOH A O   1 
HETATM 879 O  O   . HOH B 2 .  ? -18.696 -6.898  -1.626  1.00 26.56 ? 146 HOH A O   1 
HETATM 880 O  O   . HOH B 2 .  ? -2.736  16.108  -4.107  1.00 29.32 ? 147 HOH A O   1 
HETATM 881 O  O   . HOH B 2 .  ? -13.342 -1.536  1.052   1.00 25.66 ? 148 HOH A O   1 
HETATM 882 O  O   . HOH B 2 .  ? 4.114   -8.462  18.128  1.00 26.77 ? 149 HOH A O   1 
HETATM 883 O  O   . HOH B 2 .  ? -5.715  10.633  11.695  1.00 31.21 ? 150 HOH A O   1 
HETATM 884 O  O   . HOH B 2 .  ? 3.748   -14.317 0.650   1.00 27.69 ? 152 HOH A O   1 
# 
loop_
_atom_site_anisotrop.id 
_atom_site_anisotrop.type_symbol 
_atom_site_anisotrop.pdbx_label_atom_id 
_atom_site_anisotrop.pdbx_label_alt_id 
_atom_site_anisotrop.pdbx_label_comp_id 
_atom_site_anisotrop.pdbx_label_asym_id 
_atom_site_anisotrop.pdbx_label_seq_id 
_atom_site_anisotrop.pdbx_PDB_ins_code 
_atom_site_anisotrop.U[1][1] 
_atom_site_anisotrop.U[2][2] 
_atom_site_anisotrop.U[3][3] 
_atom_site_anisotrop.U[1][2] 
_atom_site_anisotrop.U[1][3] 
_atom_site_anisotrop.U[2][3] 
_atom_site_anisotrop.pdbx_auth_seq_id 
_atom_site_anisotrop.pdbx_auth_comp_id 
_atom_site_anisotrop.pdbx_auth_asym_id 
_atom_site_anisotrop.pdbx_auth_atom_id 
1   N  N   . PRO A 6  ? 0.3521 0.1879 0.1146 0.0087  -0.0176 0.0116  224 PRO A N   
2   C  CA  . PRO A 6  ? 0.2091 0.1831 0.1010 -0.0209 0.0357  0.0159  224 PRO A CA  
3   C  C   . PRO A 6  ? 0.1446 0.1793 0.0811 -0.0061 0.0329  0.0215  224 PRO A C   
4   O  O   . PRO A 6  ? 0.1353 0.1744 0.1066 -0.0004 0.0387  0.0355  224 PRO A O   
5   C  CB  . PRO A 6  ? 0.1904 0.1694 0.1461 -0.0351 0.0112  -0.0034 224 PRO A CB  
6   C  CG  . PRO A 6  ? 0.2353 0.2119 0.1954 -0.0063 -0.0238 -0.0361 224 PRO A CG  
7   C  CD  . PRO A 6  ? 0.3444 0.2322 0.2284 -0.0160 -0.0565 -0.0379 224 PRO A CD  
8   N  N   . VAL A 7  ? 0.2077 0.1910 0.1112 -0.0271 0.0531  0.0184  225 VAL A N   
9   C  CA  . VAL A 7  ? 0.1787 0.1756 0.0869 -0.0309 0.0576  0.0100  225 VAL A CA  
10  C  C   . VAL A 7  ? 0.1503 0.2021 0.0751 -0.0296 0.0682  0.0244  225 VAL A C   
11  O  O   . VAL A 7  ? 0.1891 0.2549 0.1326 -0.0718 0.0693  -0.0146 225 VAL A O   
12  C  CB  . VAL A 7  ? 0.2042 0.2059 0.1080 -0.0212 0.0395  0.0280  225 VAL A CB  
13  C  CG1 . VAL A 7  ? 0.2066 0.2104 0.1078 0.0014  0.0364  0.0148  225 VAL A CG1 
14  C  CG2 . VAL A 7  ? 0.1919 0.2370 0.1336 -0.0110 0.0130  0.0086  225 VAL A CG2 
15  N  N   . LEU A 8  ? 0.1137 0.1615 0.0943 -0.0030 0.0315  0.0289  226 LEU A N   
16  C  CA  . LEU A 8  ? 0.1185 0.1439 0.1010 -0.0011 0.0375  0.0349  226 LEU A CA  
17  C  C   . LEU A 8  ? 0.1174 0.1239 0.1134 0.0229  0.0368  0.0447  226 LEU A C   
18  O  O   . LEU A 8  ? 0.1127 0.1712 0.1317 0.0176  0.0460  0.0633  226 LEU A O   
19  C  CB  . LEU A 8  ? 0.1124 0.1335 0.1010 0.0022  0.0224  0.0351  226 LEU A CB  
20  C  CG  . LEU A 8  ? 0.1295 0.1331 0.1049 0.0114  0.0314  0.0239  226 LEU A CG  
21  C  CD1 . LEU A 8  ? 0.1275 0.1601 0.1048 0.0078  0.0194  0.0385  226 LEU A CD1 
22  C  CD2 . LEU A 8  ? 0.1655 0.1240 0.1056 -0.0105 0.0057  0.0282  226 LEU A CD2 
23  N  N   . GLU A 9  ? 0.1039 0.1326 0.0990 0.0074  0.0354  0.0350  227 GLU A N   
24  C  CA  . GLU A 9  ? 0.1150 0.1330 0.0936 0.0095  0.0306  0.0349  227 GLU A CA  
25  C  C   . GLU A 9  ? 0.1236 0.1141 0.1012 0.0176  0.0409  0.0378  227 GLU A C   
26  O  O   . GLU A 9  ? 0.1505 0.1396 0.1206 0.0354  0.0333  0.0246  227 GLU A O   
27  C  CB  . GLU A 9  ? 0.1165 0.1294 0.1120 0.0187  0.0477  0.0302  227 GLU A CB  
28  C  CG  . GLU A 9  ? 0.1765 0.1470 0.1597 0.0267  0.0797  0.0528  227 GLU A CG  
29  C  CD  . GLU A 9  ? 0.1677 0.1922 0.1294 0.0385  0.0502  0.1059  227 GLU A CD  
30  O  OE1 . GLU A 9  ? 0.1565 0.2036 0.1690 0.0493  0.0590  0.0776  227 GLU A OE1 
31  O  OE2 . GLU A 9  ? 0.2949 0.2065 0.2408 0.0427  0.0223  0.0994  227 GLU A OE2 
32  N  N   . ASN A 10 ? 0.1130 0.1220 0.0964 0.0033  0.0325  0.0179  228 ASN A N   
33  C  CA  A ASN A 10 ? 0.1220 0.1143 0.1147 0.0097  0.0414  0.0312  228 ASN A CA  
34  C  CA  B ASN A 10 ? 0.1197 0.1222 0.1096 0.0077  0.0408  0.0306  228 ASN A CA  
35  C  C   . ASN A 10 ? 0.0996 0.1118 0.1144 0.0131  0.0413  0.0165  228 ASN A C   
36  O  O   . ASN A 10 ? 0.1046 0.1191 0.1022 0.0122  0.0346  0.0128  228 ASN A O   
37  C  CB  A ASN A 10 ? 0.1252 0.1110 0.1452 -0.0075 0.0388  0.0300  228 ASN A CB  
38  C  CB  B ASN A 10 ? 0.1391 0.1237 0.1389 0.0037  0.0426  0.0103  228 ASN A CB  
39  C  CG  A ASN A 10 ? 0.1577 0.1212 0.1539 0.0052  0.0547  0.0276  228 ASN A CG  
40  C  CG  B ASN A 10 ? 0.1464 0.1572 0.1417 -0.0126 0.0458  0.0288  228 ASN A CG  
41  O  OD1 A ASN A 10 ? 0.1557 0.1220 0.1451 0.0325  0.0482  0.0149  228 ASN A OD1 
42  O  OD1 B ASN A 10 ? 0.1842 0.1705 0.1532 0.0146  0.0580  -0.0060 228 ASN A OD1 
43  N  ND2 A ASN A 10 ? 0.1651 0.1589 0.1681 -0.0208 0.0732  0.0071  228 ASN A ND2 
44  N  ND2 B ASN A 10 ? 0.1552 0.2037 0.2138 -0.0172 0.0578  0.0069  228 ASN A ND2 
45  N  N   . VAL A 11 ? 0.1327 0.1008 0.1130 0.0051  0.0328  0.0138  229 VAL A N   
46  C  CA  . VAL A 11 ? 0.1367 0.1101 0.1058 -0.0126 0.0329  0.0089  229 VAL A CA  
47  C  C   . VAL A 11 ? 0.1588 0.0929 0.1295 -0.0158 0.0134  0.0023  229 VAL A C   
48  O  O   . VAL A 11 ? 0.1991 0.1073 0.1601 -0.0139 0.0059  0.0020  229 VAL A O   
49  C  CB  . VAL A 11 ? 0.1309 0.1220 0.1031 -0.0114 0.0318  0.0075  229 VAL A CB  
50  C  CG1 . VAL A 11 ? 0.1311 0.1450 0.1191 -0.0015 0.0169  0.0203  229 VAL A CG1 
51  C  CG2 . VAL A 11 ? 0.1221 0.1200 0.1126 -0.0124 0.0336  -0.0012 229 VAL A CG2 
52  N  N   . GLN A 12 ? 0.1216 0.1158 0.1427 -0.0286 0.0248  -0.0093 230 GLN A N   
53  C  CA  . GLN A 12 ? 0.1290 0.1176 0.1964 -0.0354 0.0400  -0.0219 230 GLN A CA  
54  C  C   . GLN A 12 ? 0.1504 0.0988 0.1727 -0.0300 -0.0076 -0.0292 230 GLN A C   
55  O  O   . GLN A 12 ? 0.1546 0.0967 0.1528 -0.0158 0.0288  -0.0152 230 GLN A O   
56  C  CB  . GLN A 12 ? 0.1412 0.1830 0.2126 -0.0600 0.0148  -0.0443 230 GLN A CB  
57  C  CG  . GLN A 12 ? 0.1521 0.2281 0.2417 -0.0320 0.0545  -0.0168 230 GLN A CG  
58  C  CD  . GLN A 12 ? 0.1773 0.1938 0.2282 -0.0440 0.0186  -0.0170 230 GLN A CD  
59  O  OE1 . GLN A 12 ? 0.1587 0.2838 0.3610 -0.0085 0.0141  0.0240  230 GLN A OE1 
60  N  NE2 . GLN A 12 ? 0.2018 0.2978 0.3045 -0.0589 0.0212  -0.0333 230 GLN A NE2 
61  N  N   . PRO A 13 ? 0.1938 0.1151 0.1668 -0.0154 0.0074  -0.0143 231 PRO A N   
62  C  CA  . PRO A 13 ? 0.2157 0.1159 0.1797 -0.0114 -0.0191 -0.0244 231 PRO A CA  
63  C  C   . PRO A 13 ? 0.1845 0.1096 0.1861 0.0130  -0.0177 -0.0248 231 PRO A C   
64  O  O   . PRO A 13 ? 0.1750 0.1494 0.2021 -0.0136 -0.0002 -0.0156 231 PRO A O   
65  C  CB  . PRO A 13 ? 0.2405 0.1236 0.1970 -0.0188 -0.0070 -0.0387 231 PRO A CB  
66  C  CG  . PRO A 13 ? 0.2169 0.1081 0.2105 -0.0406 -0.0063 -0.0258 231 PRO A CG  
67  C  CD  . PRO A 13 ? 0.2165 0.0993 0.2071 -0.0530 0.0048  -0.0195 231 PRO A CD  
68  N  N   . ASN A 14 ? 0.1942 0.1210 0.1928 0.0008  -0.0096 -0.0473 232 ASN A N   
69  C  CA  . ASN A 14 ? 0.2127 0.1472 0.1686 -0.0045 -0.0158 -0.0636 232 ASN A CA  
70  C  C   . ASN A 14 ? 0.1875 0.1504 0.1906 0.0121  -0.0322 -0.0678 232 ASN A C   
71  O  O   . ASN A 14 ? 0.2251 0.1833 0.2581 0.0199  -0.0589 -0.0659 232 ASN A O   
72  C  CB  . ASN A 14 ? 0.2553 0.1600 0.1929 -0.0233 -0.0360 -0.0749 232 ASN A CB  
73  C  CG  . ASN A 14 ? 0.2776 0.2071 0.1695 -0.0517 0.0132  -0.0564 232 ASN A CG  
74  O  OD1 . ASN A 14 ? 0.3112 0.1720 0.1652 -0.0771 0.0030  -0.0476 232 ASN A OD1 
75  N  ND2 . ASN A 14 ? 0.3199 0.2324 0.2096 -0.0505 0.0454  -0.0701 232 ASN A ND2 
76  N  N   . SER A 15 ? 0.1205 0.1181 0.1997 0.0042  -0.0065 -0.0521 233 SER A N   
77  C  CA  . SER A 15 ? 0.1002 0.1086 0.1445 0.0056  0.0077  -0.0378 233 SER A CA  
78  C  C   . SER A 15 ? 0.0800 0.1336 0.0952 0.0125  0.0006  -0.0325 233 SER A C   
79  O  O   . SER A 15 ? 0.0836 0.1240 0.1150 0.0205  0.0037  -0.0296 233 SER A O   
80  C  CB  . SER A 15 ? 0.0870 0.1191 0.1505 -0.0014 0.0278  -0.0047 233 SER A CB  
81  O  OG  . SER A 15 ? 0.0878 0.1224 0.1441 -0.0062 0.0183  -0.0079 233 SER A OG  
82  N  N   . ALA A 16 ? 0.0744 0.1125 0.0809 0.0257  -0.0017 -0.0206 234 ALA A N   
83  C  CA  . ALA A 16 ? 0.0836 0.1125 0.0664 0.0217  0.0083  0.0050  234 ALA A CA  
84  C  C   . ALA A 16 ? 0.0771 0.0865 0.0724 0.0120  0.0111  -0.0079 234 ALA A C   
85  O  O   . ALA A 16 ? 0.0773 0.1023 0.0662 0.0136  0.0085  0.0011  234 ALA A O   
86  C  CB  . ALA A 16 ? 0.0993 0.1153 0.0745 0.0284  0.0172  0.0129  234 ALA A CB  
87  N  N   . ALA A 17 ? 0.0742 0.0969 0.0679 0.0100  0.0025  0.0047  235 ALA A N   
88  C  CA  . ALA A 17 ? 0.0691 0.1021 0.0738 0.0027  0.0084  0.0114  235 ALA A CA  
89  C  C   . ALA A 17 ? 0.0637 0.0980 0.0668 -0.0028 0.0074  0.0124  235 ALA A C   
90  O  O   . ALA A 17 ? 0.0646 0.1222 0.0796 0.0100  0.0061  0.0064  235 ALA A O   
91  C  CB  . ALA A 17 ? 0.0714 0.1110 0.0727 0.0015  0.0051  0.0121  235 ALA A CB  
92  N  N   . SER A 18 ? 0.0761 0.1020 0.0962 0.0081  0.0091  0.0092  236 SER A N   
93  C  CA  A SER A 18 ? 0.0933 0.1136 0.1124 0.0166  0.0084  0.0007  236 SER A CA  
94  C  CA  B SER A 18 ? 0.0869 0.0920 0.1197 0.0210  0.0007  -0.0087 236 SER A CA  
95  C  C   . SER A 18 ? 0.0825 0.1137 0.1000 0.0184  0.0029  -0.0118 236 SER A C   
96  O  O   . SER A 18 ? 0.0828 0.1346 0.1174 0.0274  0.0145  0.0076  236 SER A O   
97  C  CB  A SER A 18 ? 0.1196 0.1070 0.1463 0.0108  0.0294  0.0039  236 SER A CB  
98  C  CB  B SER A 18 ? 0.1138 0.0861 0.1252 0.0275  -0.0037 -0.0305 236 SER A CB  
99  O  OG  A SER A 18 ? 0.1687 0.1349 0.1957 -0.0133 0.0507  0.0047  236 SER A OG  
100 O  OG  B SER A 18 ? 0.0946 0.1131 0.1809 0.0212  -0.0181 -0.0725 236 SER A OG  
101 N  N   . MLY A 19 ? 0.0820 0.1217 0.0845 0.0205  0.0065  -0.0153 237 MLY A N   
102 C  CA  . MLY A 19 ? 0.1133 0.1461 0.0654 0.0474  0.0026  -0.0192 237 MLY A CA  
103 C  CB  . MLY A 19 ? 0.0792 0.1608 0.0866 0.0352  -0.0076 -0.0163 237 MLY A CB  
104 C  CG  . MLY A 19 ? 0.0955 0.2013 0.0982 0.0612  -0.0068 -0.0566 237 MLY A CG  
105 C  CD  . MLY A 19 ? 0.1135 0.1973 0.1432 0.0483  -0.0318 -0.0748 237 MLY A CD  
106 C  CE  . MLY A 19 ? 0.1705 0.2061 0.2263 0.0401  -0.0366 -0.0918 237 MLY A CE  
107 N  NZ  . MLY A 19 ? 0.3012 0.2756 0.3128 0.0259  0.0214  -0.1057 237 MLY A NZ  
108 C  CH1 . MLY A 19 ? 0.2512 0.2648 0.3608 0.0635  -0.0350 -0.0871 237 MLY A CH1 
109 C  CH2 . MLY A 19 ? 0.2495 0.2851 0.2344 0.1139  -0.0758 -0.0634 237 MLY A CH2 
110 C  C   . MLY A 19 ? 0.0646 0.1432 0.0797 0.0226  0.0115  0.0041  237 MLY A C   
111 O  O   . MLY A 19 ? 0.1104 0.1632 0.0755 0.0086  0.0154  0.0025  237 MLY A O   
112 N  N   . ALA A 20 ? 0.0846 0.1120 0.0658 0.0173  0.0075  0.0062  238 ALA A N   
113 C  CA  . ALA A 20 ? 0.0738 0.1358 0.0862 -0.0018 0.0126  0.0184  238 ALA A CA  
114 C  C   . ALA A 20 ? 0.0758 0.1542 0.0760 0.0054  0.0108  0.0078  238 ALA A C   
115 O  O   . ALA A 20 ? 0.0766 0.1915 0.1606 -0.0094 0.0000  0.0389  238 ALA A O   
116 C  CB  . ALA A 20 ? 0.0986 0.1228 0.0911 0.0069  0.0188  0.0110  238 ALA A CB  
117 N  N   . GLY A 21 ? 0.0668 0.1473 0.0789 0.0159  0.0144  0.0003  239 GLY A N   
118 C  CA  . GLY A 21 ? 0.0667 0.1653 0.0811 0.0273  0.0143  0.0065  239 GLY A CA  
119 C  C   . GLY A 21 ? 0.0548 0.1174 0.0846 0.0134  0.0029  0.0088  239 GLY A C   
120 O  O   . GLY A 21 ? 0.0778 0.1443 0.0879 0.0247  0.0074  0.0072  239 GLY A O   
121 N  N   . LEU A 22 ? 0.0626 0.1058 0.0671 0.0078  0.0157  0.0069  240 LEU A N   
122 C  CA  . LEU A 22 ? 0.0705 0.0936 0.0742 0.0014  0.0025  -0.0012 240 LEU A CA  
123 C  C   . LEU A 22 ? 0.0716 0.1047 0.0785 0.0049  0.0149  -0.0094 240 LEU A C   
124 O  O   . LEU A 22 ? 0.0856 0.1056 0.0999 -0.0120 0.0151  -0.0018 240 LEU A O   
125 C  CB  . LEU A 22 ? 0.0780 0.0841 0.0779 -0.0034 0.0152  0.0023  240 LEU A CB  
126 C  CG  . LEU A 22 ? 0.0639 0.0986 0.0861 -0.0031 0.0076  0.0032  240 LEU A CG  
127 C  CD1 . LEU A 22 ? 0.0760 0.0945 0.1231 0.0014  0.0026  0.0066  240 LEU A CD1 
128 C  CD2 . LEU A 22 ? 0.0819 0.1063 0.0864 -0.0015 -0.0061 0.0105  240 LEU A CD2 
129 N  N   . GLN A 23 ? 0.0904 0.0823 0.0850 0.0042  0.0202  0.0114  241 GLN A N   
130 C  CA  . GLN A 23 ? 0.0958 0.0856 0.1057 0.0011  0.0247  0.0239  241 GLN A CA  
131 C  C   . GLN A 23 ? 0.0916 0.0858 0.1035 -0.0028 0.0165  0.0171  241 GLN A C   
132 O  O   . GLN A 23 ? 0.1181 0.0896 0.0840 0.0091  0.0191  0.0193  241 GLN A O   
133 C  CB  . GLN A 23 ? 0.1333 0.0920 0.1050 0.0197  0.0317  0.0105  241 GLN A CB  
134 C  CG  . GLN A 23 ? 0.0983 0.1053 0.1207 -0.0035 0.0251  -0.0140 241 GLN A CG  
135 C  CD  . GLN A 23 ? 0.1309 0.0996 0.1157 -0.0044 0.0203  -0.0161 241 GLN A CD  
136 O  OE1 . GLN A 23 ? 0.1367 0.1325 0.1421 0.0239  0.0173  0.0025  241 GLN A OE1 
137 N  NE2 . GLN A 23 ? 0.1039 0.1149 0.1620 -0.0049 0.0331  -0.0034 241 GLN A NE2 
138 N  N   . ALA A 24 ? 0.0961 0.0910 0.1187 0.0062  0.0282  0.0114  242 ALA A N   
139 C  CA  . ALA A 24 ? 0.1285 0.0975 0.1129 0.0011  0.0338  0.0300  242 ALA A CA  
140 C  C   . ALA A 24 ? 0.1283 0.1004 0.0993 0.0226  0.0244  0.0441  242 ALA A C   
141 O  O   . ALA A 24 ? 0.1187 0.1020 0.1469 0.0187  0.0286  0.0340  242 ALA A O   
142 C  CB  . ALA A 24 ? 0.1295 0.1069 0.1427 0.0029  0.0429  0.0347  242 ALA A CB  
143 N  N   . GLY A 25 ? 0.1409 0.1104 0.0860 0.0105  0.0181  0.0366  243 GLY A N   
144 C  CA  . GLY A 25 ? 0.1545 0.1321 0.1010 0.0049  0.0081  0.0538  243 GLY A CA  
145 C  C   . GLY A 25 ? 0.1319 0.1217 0.0808 0.0142  0.0137  0.0247  243 GLY A C   
146 O  O   . GLY A 25 ? 0.1394 0.1482 0.1021 -0.0003 -0.0106 0.0418  243 GLY A O   
147 N  N   . ASP A 26 ? 0.1242 0.1043 0.0815 0.0099  0.0203  0.0250  244 ASP A N   
148 C  CA  . ASP A 26 ? 0.1089 0.1023 0.0750 0.0069  0.0063  0.0145  244 ASP A CA  
149 C  C   . ASP A 26 ? 0.1063 0.1011 0.0687 0.0126  0.0042  0.0215  244 ASP A C   
150 O  O   . ASP A 26 ? 0.1098 0.1224 0.0716 -0.0015 0.0142  0.0065  244 ASP A O   
151 C  CB  . ASP A 26 ? 0.0989 0.1020 0.0706 0.0051  0.0102  0.0218  244 ASP A CB  
152 C  CG  . ASP A 26 ? 0.0897 0.0896 0.0955 0.0016  0.0214  0.0152  244 ASP A CG  
153 O  OD1 . ASP A 26 ? 0.0996 0.1067 0.0895 0.0144  0.0127  0.0098  244 ASP A OD1 
154 O  OD2 . ASP A 26 ? 0.0825 0.1038 0.0777 -0.0022 0.0076  0.0150  244 ASP A OD2 
155 N  N   . ARG A 27 ? 0.0995 0.1053 0.0697 -0.0057 0.0033  0.0134  245 ARG A N   
156 C  CA  . ARG A 27 ? 0.1185 0.1189 0.0584 0.0018  0.0078  0.0136  245 ARG A CA  
157 C  C   . ARG A 27 ? 0.1011 0.1143 0.0553 -0.0193 0.0099  0.0099  245 ARG A C   
158 O  O   . ARG A 27 ? 0.1109 0.1104 0.0821 0.0024  0.0198  0.0077  245 ARG A O   
159 C  CB  . ARG A 27 ? 0.1527 0.1342 0.0807 -0.0023 -0.0017 0.0063  245 ARG A CB  
160 C  CG  . ARG A 27 ? 0.1843 0.1853 0.1023 0.0030  -0.0338 -0.0086 245 ARG A CG  
161 C  CD  . ARG A 27 ? 0.2697 0.2279 0.1512 -0.0194 -0.0472 -0.0368 245 ARG A CD  
162 N  NE  . ARG A 27 ? 0.3635 0.3245 0.1904 -0.0089 -0.0356 -0.0016 245 ARG A NE  
163 C  CZ  . ARG A 27 ? 0.3435 0.3186 0.1768 -0.0244 -0.0715 -0.0315 245 ARG A CZ  
164 N  NH1 . ARG A 27 ? 0.3379 0.3272 0.2198 -0.0076 -0.0247 -0.0807 245 ARG A NH1 
165 N  NH2 . ARG A 27 ? 0.4120 0.4133 0.2691 -0.0186 -0.0408 0.0332  245 ARG A NH2 
166 N  N   . ILE A 28 ? 0.1022 0.1032 0.0660 0.0025  0.0139  0.0200  246 ILE A N   
167 C  CA  A ILE A 28 ? 0.0932 0.1124 0.0602 -0.0049 0.0129  0.0112  246 ILE A CA  
168 C  CA  B ILE A 28 ? 0.1077 0.1060 0.0775 -0.0123 0.0018  0.0169  246 ILE A CA  
169 C  C   . ILE A 28 ? 0.1000 0.1161 0.0666 0.0055  0.0045  0.0073  246 ILE A C   
170 O  O   . ILE A 28 ? 0.1394 0.1660 0.0837 -0.0125 0.0297  -0.0289 246 ILE A O   
171 C  CB  A ILE A 28 ? 0.0861 0.1058 0.0920 -0.0026 -0.0125 0.0134  246 ILE A CB  
172 C  CB  B ILE A 28 ? 0.1079 0.1231 0.0803 0.0049  0.0229  0.0106  246 ILE A CB  
173 C  CG1 A ILE A 28 ? 0.0873 0.1336 0.0687 -0.0120 0.0203  0.0003  246 ILE A CG1 
174 C  CG1 B ILE A 28 ? 0.0820 0.1040 0.0848 0.0016  0.0348  -0.0064 246 ILE A CG1 
175 C  CG2 A ILE A 28 ? 0.1339 0.1431 0.0659 0.0114  0.0094  0.0373  246 ILE A CG2 
176 C  CG2 B ILE A 28 ? 0.1282 0.1014 0.1099 -0.0054 0.0122  0.0073  246 ILE A CG2 
177 C  CD1 A ILE A 28 ? 0.1370 0.1806 0.0821 -0.0388 0.0166  -0.0245 246 ILE A CD1 
178 C  CD1 B ILE A 28 ? 0.1141 0.1589 0.1371 -0.0107 -0.0117 0.0529  246 ILE A CD1 
179 N  N   . VAL A 29 ? 0.1016 0.1010 0.0636 -0.0092 0.0086  0.0096  247 VAL A N   
180 C  CA  . VAL A 29 ? 0.0973 0.1057 0.0862 -0.0104 -0.0095 0.0098  247 VAL A CA  
181 C  C   . VAL A 29 ? 0.0893 0.1265 0.0793 -0.0192 -0.0062 0.0073  247 VAL A C   
182 O  O   . VAL A 29 ? 0.1155 0.1169 0.0808 -0.0124 -0.0046 -0.0084 247 VAL A O   
183 C  CB  . VAL A 29 ? 0.1095 0.1522 0.1367 -0.0101 -0.0266 0.0079  247 VAL A CB  
184 C  CG1 . VAL A 29 ? 0.1177 0.1584 0.1808 -0.0090 -0.0403 0.0004  247 VAL A CG1 
185 C  CG2 . VAL A 29 ? 0.1391 0.1431 0.1623 0.0176  -0.0199 0.0155  247 VAL A CG2 
186 N  N   . MLY A 30 ? 0.0963 0.1051 0.0791 -0.0197 -0.0085 0.0188  248 MLY A N   
187 C  CA  A MLY A 30 ? 0.0954 0.1048 0.0843 -0.0160 -0.0115 0.0103  248 MLY A CA  
188 C  CA  B MLY A 30 ? 0.0946 0.1102 0.0899 -0.0235 -0.0049 0.0056  248 MLY A CA  
189 C  CB  A MLY A 30 ? 0.0890 0.1269 0.0972 -0.0007 -0.0194 0.0461  248 MLY A CB  
190 C  CB  B MLY A 30 ? 0.0953 0.1262 0.1132 -0.0542 -0.0023 -0.0132 248 MLY A CB  
191 C  CG  A MLY A 30 ? 0.0824 0.0949 0.0938 -0.0351 -0.0069 0.0185  248 MLY A CG  
192 C  CG  B MLY A 30 ? 0.1262 0.1688 0.1102 -0.0132 0.0098  -0.0198 248 MLY A CG  
193 C  CD  A MLY A 30 ? 0.1052 0.1220 0.0656 -0.0319 0.0039  0.0087  248 MLY A CD  
194 C  CD  B MLY A 30 ? 0.1036 0.1673 0.1924 -0.0457 -0.0216 -0.0175 248 MLY A CD  
195 C  CE  A MLY A 30 ? 0.0888 0.1129 0.1129 -0.0227 0.0061  0.0045  248 MLY A CE  
196 C  CE  B MLY A 30 ? 0.1343 0.2161 0.1811 -0.0325 -0.0031 0.0241  248 MLY A CE  
197 N  NZ  A MLY A 30 ? 0.0985 0.1455 0.1647 -0.0440 0.0045  -0.0077 248 MLY A NZ  
198 N  NZ  B MLY A 30 ? 0.1270 0.1929 0.1933 -0.0381 -0.0421 0.0241  248 MLY A NZ  
199 C  CH1 A MLY A 30 ? 0.2070 0.1889 0.1805 0.0104  -0.0363 -0.0037 248 MLY A CH1 
200 C  CH1 B MLY A 30 ? 0.2314 0.2119 0.2006 -0.0113 -0.0035 -0.0087 248 MLY A CH1 
201 C  CH2 A MLY A 30 ? 0.0618 0.1310 0.1896 -0.0219 0.0041  -0.0152 248 MLY A CH2 
202 C  CH2 B MLY A 30 ? 0.0998 0.1751 0.1931 -0.0598 -0.0134 0.0315  248 MLY A CH2 
203 C  C   . MLY A 30 ? 0.0893 0.1004 0.0735 -0.0178 0.0086  0.0068  248 MLY A C   
204 O  O   . MLY A 30 ? 0.0828 0.1023 0.0737 -0.0039 0.0023  0.0067  248 MLY A O   
205 N  N   . VAL A 31 ? 0.0930 0.0949 0.0902 -0.0157 0.0105  0.0072  249 VAL A N   
206 C  CA  A VAL A 31 ? 0.0950 0.0763 0.1084 -0.0123 0.0089  -0.0008 249 VAL A CA  
207 C  CA  B VAL A 31 ? 0.0706 0.1048 0.0927 -0.0042 -0.0057 0.0035  249 VAL A CA  
208 C  C   . VAL A 31 ? 0.0846 0.0900 0.1079 -0.0110 -0.0018 0.0015  249 VAL A C   
209 O  O   . VAL A 31 ? 0.1579 0.0958 0.1121 -0.0205 -0.0155 0.0043  249 VAL A O   
210 C  CB  A VAL A 31 ? 0.0781 0.1167 0.1279 -0.0213 0.0139  0.0016  249 VAL A CB  
211 C  CB  B VAL A 31 ? 0.0925 0.1087 0.1179 -0.0195 0.0294  -0.0049 249 VAL A CB  
212 C  CG1 A VAL A 31 ? 0.1485 0.1179 0.1565 -0.0412 0.0501  -0.0139 249 VAL A CG1 
213 C  CG1 B VAL A 31 ? 0.0680 0.1329 0.1651 0.0131  -0.0186 -0.0059 249 VAL A CG1 
214 C  CG2 A VAL A 31 ? 0.1372 0.1317 0.1059 -0.0243 0.0115  0.0006  249 VAL A CG2 
215 C  CG2 B VAL A 31 ? 0.0847 0.1231 0.1367 -0.0238 0.0291  -0.0060 249 VAL A CG2 
216 N  N   . ASP A 32 ? 0.0990 0.1092 0.0856 0.0015  -0.0082 0.0202  250 ASP A N   
217 C  CA  . ASP A 32 ? 0.1326 0.1344 0.1118 -0.0216 -0.0055 0.0395  250 ASP A CA  
218 C  C   . ASP A 32 ? 0.1561 0.1667 0.1324 -0.0622 -0.0254 0.0456  250 ASP A C   
219 O  O   . ASP A 32 ? 0.2063 0.1399 0.1671 -0.0704 -0.0385 0.0546  250 ASP A O   
220 C  CB  . ASP A 32 ? 0.1424 0.1213 0.1282 -0.0158 -0.0290 0.0238  250 ASP A CB  
221 C  CG  . ASP A 32 ? 0.1464 0.1388 0.1484 0.0272  -0.0352 0.0143  250 ASP A CG  
222 O  OD1 . ASP A 32 ? 0.1869 0.1234 0.1624 -0.0004 -0.0420 0.0200  250 ASP A OD1 
223 O  OD2 . ASP A 32 ? 0.2376 0.2045 0.2334 0.0562  -0.0957 -0.0706 250 ASP A OD2 
224 N  N   . GLY A 33 ? 0.1220 0.2076 0.1532 -0.0616 -0.0244 0.0834  251 GLY A N   
225 C  CA  . GLY A 33 ? 0.1702 0.2016 0.2091 -0.0823 -0.0141 0.0724  251 GLY A CA  
226 C  C   . GLY A 33 ? 0.1971 0.1704 0.2398 -0.0653 -0.0412 0.0532  251 GLY A C   
227 O  O   . GLY A 33 ? 0.2351 0.1821 0.3171 -0.0585 -0.0924 0.0464  251 GLY A O   
228 N  N   . GLN A 34 ? 0.2436 0.1256 0.1414 -0.0659 -0.0704 0.0437  252 GLN A N   
229 C  CA  . GLN A 34 ? 0.2510 0.1239 0.1629 -0.0355 -0.0139 0.0153  252 GLN A CA  
230 C  C   . GLN A 34 ? 0.2258 0.1064 0.1320 -0.0311 -0.0465 -0.0032 252 GLN A C   
231 O  O   . GLN A 34 ? 0.2730 0.0912 0.1558 -0.0443 -0.0844 -0.0031 252 GLN A O   
232 C  CB  . GLN A 34 ? 0.1882 0.1270 0.1888 0.0195  0.0383  -0.0413 252 GLN A CB  
233 C  CG  . GLN A 34 ? 0.2671 0.1777 0.2297 0.0212  -0.0154 0.0441  252 GLN A CG  
234 C  CD  . GLN A 34 ? 0.3412 0.2655 0.3782 0.0112  -0.0121 0.0017  252 GLN A CD  
235 O  OE1 . GLN A 34 ? 0.4255 0.4242 0.4876 -0.0361 0.0061  -0.0015 252 GLN A OE1 
236 N  NE2 . GLN A 34 ? 0.4654 0.2714 0.4479 -0.0138 -0.0132 -0.0363 252 GLN A NE2 
237 N  N   . PRO A 35 ? 0.1723 0.1098 0.1364 -0.0349 -0.0299 0.0030  253 PRO A N   
238 C  CA  . PRO A 35 ? 0.1355 0.1126 0.1350 -0.0360 -0.0172 0.0035  253 PRO A CA  
239 C  C   . PRO A 35 ? 0.1222 0.1068 0.1667 0.0015  -0.0169 -0.0243 253 PRO A C   
240 O  O   . PRO A 35 ? 0.1232 0.1279 0.2234 -0.0027 -0.0124 -0.0197 253 PRO A O   
241 C  CB  . PRO A 35 ? 0.1367 0.1371 0.1472 -0.0340 -0.0192 -0.0043 253 PRO A CB  
242 C  CG  . PRO A 35 ? 0.1678 0.2035 0.1685 -0.0737 -0.0334 0.0132  253 PRO A CG  
243 C  CD  . PRO A 35 ? 0.2033 0.1273 0.1407 -0.0562 -0.0435 -0.0015 253 PRO A CD  
244 N  N   . LEU A 36 ? 0.1223 0.1088 0.1316 -0.0206 -0.0095 0.0000  254 LEU A N   
245 C  CA  . LEU A 36 ? 0.1278 0.1200 0.1508 -0.0074 -0.0069 -0.0250 254 LEU A CA  
246 C  C   . LEU A 36 ? 0.1255 0.1684 0.1276 0.0145  0.0083  -0.0303 254 LEU A C   
247 O  O   . LEU A 36 ? 0.2452 0.2075 0.1480 0.0612  0.0057  -0.0038 254 LEU A O   
248 C  CB  . LEU A 36 ? 0.1199 0.1171 0.1421 -0.0228 0.0261  -0.0158 254 LEU A CB  
249 C  CG  . LEU A 36 ? 0.1402 0.1363 0.1197 -0.0078 0.0106  -0.0141 254 LEU A CG  
250 C  CD1 . LEU A 36 ? 0.1086 0.1382 0.2102 -0.0111 0.0135  -0.0368 254 LEU A CD1 
251 C  CD2 . LEU A 36 ? 0.1351 0.1384 0.2382 -0.0332 0.0192  0.0171  254 LEU A CD2 
252 N  N   . THR A 37 ? 0.1408 0.1776 0.1437 -0.0200 -0.0028 -0.0385 255 THR A N   
253 C  CA  . THR A 37 ? 0.1568 0.2239 0.1754 -0.0373 0.0156  -0.0767 255 THR A CA  
254 C  C   . THR A 37 ? 0.1817 0.2261 0.1185 -0.0264 0.0055  -0.0410 255 THR A C   
255 O  O   . THR A 37 ? 0.1913 0.2789 0.1607 -0.0592 -0.0102 -0.0359 255 THR A O   
256 C  CB  . THR A 37 ? 0.1637 0.2417 0.2048 -0.0459 0.0088  -0.0880 255 THR A CB  
257 O  OG1 . THR A 37 ? 0.3093 0.2452 0.2985 -0.0185 -0.0210 -0.1097 255 THR A OG1 
258 C  CG2 . THR A 37 ? 0.2286 0.2943 0.2841 -0.1116 -0.0048 -0.0862 255 THR A CG2 
259 N  N   . GLN A 38 ? 0.1517 0.2174 0.1320 -0.0652 0.0209  -0.0240 256 GLN A N   
260 C  CA  . GLN A 38 ? 0.1763 0.1889 0.1462 -0.0519 0.0225  -0.0174 256 GLN A CA  
261 C  C   . GLN A 38 ? 0.1524 0.1795 0.1133 -0.0612 0.0048  -0.0156 256 GLN A C   
262 O  O   . GLN A 38 ? 0.1655 0.2090 0.1198 -0.0560 0.0164  -0.0143 256 GLN A O   
263 C  CB  . GLN A 38 ? 0.1635 0.2385 0.1975 -0.0153 0.0238  -0.0628 256 GLN A CB  
264 C  CG  . GLN A 38 ? 0.1836 0.2003 0.2907 -0.0193 0.0091  -0.0491 256 GLN A CG  
265 C  CD  . GLN A 38 ? 0.2121 0.3008 0.3418 -0.0078 -0.0035 -0.0395 256 GLN A CD  
266 O  OE1 . GLN A 38 ? 0.3039 0.2633 0.3879 -0.0441 -0.0125 0.0304  256 GLN A OE1 
267 N  NE2 . GLN A 38 ? 0.3368 0.3216 0.3827 -0.0275 -0.0332 -0.0627 256 GLN A NE2 
268 N  N   . TRP A 39 ? 0.1701 0.1922 0.1115 -0.0683 0.0083  -0.0104 257 TRP A N   
269 C  CA  . TRP A 39 ? 0.1655 0.1978 0.1199 -0.0625 -0.0051 0.0134  257 TRP A CA  
270 C  C   . TRP A 39 ? 0.1855 0.1875 0.0726 -0.0697 0.0016  -0.0122 257 TRP A C   
271 O  O   . TRP A 39 ? 0.1566 0.1626 0.0978 -0.0557 0.0078  0.0031  257 TRP A O   
272 C  CB  . TRP A 39 ? 0.1752 0.1768 0.1439 -0.0670 -0.0130 0.0086  257 TRP A CB  
273 C  CG  . TRP A 39 ? 0.1343 0.1916 0.1212 -0.0301 0.0051  0.0282  257 TRP A CG  
274 C  CD1 . TRP A 39 ? 0.1713 0.1683 0.1000 -0.0283 0.0032  0.0108  257 TRP A CD1 
275 C  CD2 . TRP A 39 ? 0.1330 0.1455 0.1146 -0.0168 0.0104  0.0259  257 TRP A CD2 
276 N  NE1 . TRP A 39 ? 0.1407 0.1466 0.1337 -0.0194 0.0053  -0.0010 257 TRP A NE1 
277 C  CE2 . TRP A 39 ? 0.1500 0.1483 0.0998 -0.0083 0.0013  0.0325  257 TRP A CE2 
278 C  CE3 . TRP A 39 ? 0.1436 0.1901 0.1542 -0.0139 0.0284  0.0347  257 TRP A CE3 
279 C  CZ2 . TRP A 39 ? 0.1687 0.1679 0.1020 -0.0045 0.0125  0.0097  257 TRP A CZ2 
280 C  CZ3 . TRP A 39 ? 0.1798 0.1719 0.1700 0.0163  0.0380  0.0375  257 TRP A CZ3 
281 C  CH2 . TRP A 39 ? 0.2004 0.1882 0.1267 -0.0201 0.0145  0.0300  257 TRP A CH2 
282 N  N   . VAL A 40 ? 0.1535 0.2162 0.0902 -0.0467 0.0167  -0.0145 258 VAL A N   
283 C  CA  . VAL A 40 ? 0.1591 0.2089 0.1203 -0.0404 0.0222  -0.0203 258 VAL A CA  
284 C  C   . VAL A 40 ? 0.1650 0.1739 0.0792 -0.0191 0.0072  -0.0211 258 VAL A C   
285 O  O   . VAL A 40 ? 0.1420 0.1952 0.1064 -0.0350 0.0108  -0.0333 258 VAL A O   
286 C  CB  . VAL A 40 ? 0.1720 0.2428 0.1021 -0.0163 0.0327  -0.0054 258 VAL A CB  
287 C  CG1 . VAL A 40 ? 0.2140 0.2370 0.1454 -0.0192 0.0361  -0.0143 258 VAL A CG1 
288 C  CG2 . VAL A 40 ? 0.1984 0.2865 0.1612 0.0008  0.0576  -0.0068 258 VAL A CG2 
289 N  N   . THR A 41 ? 0.1605 0.1586 0.1067 -0.0504 0.0109  -0.0322 259 THR A N   
290 C  CA  . THR A 41 ? 0.1368 0.1565 0.0947 -0.0305 0.0058  -0.0152 259 THR A CA  
291 C  C   . THR A 41 ? 0.1148 0.1393 0.0991 -0.0409 0.0148  -0.0282 259 THR A C   
292 O  O   . THR A 41 ? 0.1279 0.1419 0.0993 -0.0324 0.0098  -0.0055 259 THR A O   
293 C  CB  . THR A 41 ? 0.1748 0.1348 0.1233 -0.0576 -0.0147 -0.0113 259 THR A CB  
294 O  OG1 . THR A 41 ? 0.2793 0.1995 0.1662 -0.1213 -0.0082 -0.0532 259 THR A OG1 
295 C  CG2 . THR A 41 ? 0.1567 0.1536 0.1751 -0.0297 -0.0122 0.0113  259 THR A CG2 
296 N  N   . PHE A 42 ? 0.1146 0.1370 0.1230 -0.0324 0.0121  -0.0210 260 PHE A N   
297 C  CA  . PHE A 42 ? 0.1137 0.1379 0.1055 -0.0343 0.0158  -0.0166 260 PHE A CA  
298 C  C   . PHE A 42 ? 0.1235 0.1192 0.0937 -0.0320 0.0135  -0.0123 260 PHE A C   
299 O  O   . PHE A 42 ? 0.1211 0.1287 0.0850 -0.0157 0.0140  -0.0146 260 PHE A O   
300 C  CB  . PHE A 42 ? 0.1065 0.1385 0.1547 -0.0250 -0.0052 -0.0231 260 PHE A CB  
301 C  CG  . PHE A 42 ? 0.1036 0.1438 0.1138 -0.0236 0.0314  -0.0194 260 PHE A CG  
302 C  CD1 . PHE A 42 ? 0.1575 0.1904 0.1704 -0.0573 0.0686  -0.0322 260 PHE A CD1 
303 C  CD2 . PHE A 42 ? 0.1571 0.1358 0.1066 -0.0332 0.0539  -0.0182 260 PHE A CD2 
304 C  CE1 . PHE A 42 ? 0.1833 0.1970 0.1361 -0.0413 0.0705  -0.0241 260 PHE A CE1 
305 C  CE2 . PHE A 42 ? 0.1754 0.1697 0.1137 -0.0415 0.0513  -0.0008 260 PHE A CE2 
306 C  CZ  . PHE A 42 ? 0.1790 0.1726 0.0993 -0.0460 0.0622  -0.0027 260 PHE A CZ  
307 N  N   . VAL A 43 ? 0.1108 0.1327 0.0869 -0.0304 0.0150  0.0017  261 VAL A N   
308 C  CA  . VAL A 43 ? 0.1080 0.1510 0.0863 -0.0343 0.0091  -0.0083 261 VAL A CA  
309 C  C   . VAL A 43 ? 0.1020 0.1556 0.0813 -0.0265 0.0186  -0.0166 261 VAL A C   
310 O  O   . VAL A 43 ? 0.1056 0.1497 0.0840 -0.0172 0.0086  -0.0188 261 VAL A O   
311 C  CB  . VAL A 43 ? 0.1311 0.1641 0.1061 -0.0296 0.0224  0.0139  261 VAL A CB  
312 C  CG1 . VAL A 43 ? 0.1269 0.2105 0.1613 -0.0455 0.0436  0.0118  261 VAL A CG1 
313 C  CG2 . VAL A 43 ? 0.1447 0.1979 0.1217 -0.0599 0.0212  0.0280  261 VAL A CG2 
314 N  N   . MSE A 44 ? 0.1258 0.1549 0.0844 -0.0240 0.0170  -0.0259 262 MSE A N   
315 C  CA  A MSE A 44 ? 0.1111 0.1568 0.1182 0.0076  0.0194  -0.0388 262 MSE A CA  
316 C  CA  B MSE A 44 ? 0.1591 0.1600 0.1236 -0.0073 0.0084  -0.0240 262 MSE A CA  
317 C  C   . MSE A 44 ? 0.1500 0.1268 0.1072 0.0003  0.0110  -0.0346 262 MSE A C   
318 O  O   . MSE A 44 ? 0.1476 0.1760 0.1158 0.0011  -0.0086 -0.0349 262 MSE A O   
319 C  CB  A MSE A 44 ? 0.1600 0.1600 0.1121 0.0169  0.0267  -0.0318 262 MSE A CB  
320 C  CB  B MSE A 44 ? 0.1750 0.1647 0.1285 -0.0008 0.0271  -0.0377 262 MSE A CB  
321 C  CG  A MSE A 44 ? 0.1769 0.2264 0.1049 0.0504  0.0300  -0.0262 262 MSE A CG  
322 C  CG  B MSE A 44 ? 0.2496 0.2419 0.1853 0.0252  0.0395  -0.0086 262 MSE A CG  
323 SE SE  A MSE A 44 ? 0.3949 0.3885 0.4298 0.0200  -0.1296 0.0309  262 MSE A SE  
324 SE SE  B MSE A 44 ? 0.3997 0.2446 0.3413 -0.0594 -0.0378 0.0088  262 MSE A SE  
325 C  CE  A MSE A 44 ? 0.2916 0.3019 0.2580 0.0007  0.0220  -0.0091 262 MSE A CE  
326 C  CE  B MSE A 44 ? 0.1484 0.1406 0.2440 -0.0107 0.0720  -0.0595 262 MSE A CE  
327 N  N   . LEU A 45 ? 0.1272 0.1415 0.0890 -0.0150 0.0210  -0.0160 263 LEU A N   
328 C  CA  . LEU A 45 ? 0.1502 0.1310 0.0883 -0.0189 0.0216  -0.0103 263 LEU A CA  
329 C  C   . LEU A 45 ? 0.1608 0.1286 0.0904 -0.0327 0.0341  -0.0101 263 LEU A C   
330 O  O   . LEU A 45 ? 0.2406 0.1279 0.0922 -0.0309 0.0070  -0.0049 263 LEU A O   
331 C  CB  . LEU A 45 ? 0.1586 0.1346 0.1097 -0.0378 0.0296  -0.0176 263 LEU A CB  
332 C  CG  . LEU A 45 ? 0.1522 0.1481 0.1061 -0.0343 0.0338  -0.0212 263 LEU A CG  
333 C  CD1 . LEU A 45 ? 0.1301 0.1819 0.2001 -0.0242 0.0465  -0.0523 263 LEU A CD1 
334 C  CD2 . LEU A 45 ? 0.2715 0.1706 0.1622 -0.0951 0.0309  0.0145  263 LEU A CD2 
335 N  N   . VAL A 46 ? 0.1146 0.1230 0.0874 -0.0179 0.0245  -0.0004 264 VAL A N   
336 C  CA  . VAL A 46 ? 0.1164 0.1213 0.0812 -0.0091 0.0052  -0.0172 264 VAL A CA  
337 C  C   . VAL A 46 ? 0.1185 0.1343 0.0799 -0.0204 0.0057  -0.0077 264 VAL A C   
338 O  O   . VAL A 46 ? 0.1362 0.1669 0.0879 0.0032  0.0093  -0.0006 264 VAL A O   
339 C  CB  . VAL A 46 ? 0.1191 0.1199 0.1047 -0.0035 0.0020  -0.0015 264 VAL A CB  
340 C  CG1 . VAL A 46 ? 0.0978 0.1482 0.1029 -0.0012 0.0051  -0.0061 264 VAL A CG1 
341 C  CG2 . VAL A 46 ? 0.1444 0.1361 0.0942 0.0123  0.0198  -0.0048 264 VAL A CG2 
342 N  N   . ARG A 47 ? 0.1201 0.1432 0.0710 -0.0072 0.0121  -0.0048 265 ARG A N   
343 C  CA  A ARG A 47 ? 0.1107 0.1524 0.0931 -0.0132 0.0006  -0.0119 265 ARG A CA  
344 C  CA  B ARG A 47 ? 0.0851 0.1438 0.0944 0.0071  0.0174  -0.0075 265 ARG A CA  
345 C  C   . ARG A 47 ? 0.1021 0.1614 0.0846 0.0033  0.0228  -0.0209 265 ARG A C   
346 O  O   . ARG A 47 ? 0.1089 0.1642 0.1065 0.0153  0.0047  -0.0333 265 ARG A O   
347 C  CB  A ARG A 47 ? 0.1426 0.1869 0.1276 -0.0563 0.0186  -0.0118 265 ARG A CB  
348 C  CB  B ARG A 47 ? 0.1082 0.1150 0.0775 0.0035  0.0332  0.0215  265 ARG A CB  
349 C  CG  A ARG A 47 ? 0.2014 0.2589 0.1385 0.0178  0.0159  0.0180  265 ARG A CG  
350 C  CG  B ARG A 47 ? 0.0961 0.1441 0.0958 0.0026  0.0381  -0.0157 265 ARG A CG  
351 C  CD  A ARG A 47 ? 0.2983 0.3234 0.2051 0.0053  0.0240  0.0004  265 ARG A CD  
352 C  CD  B ARG A 47 ? 0.1391 0.2169 0.1128 0.0026  0.0521  -0.0097 265 ARG A CD  
353 N  NE  A ARG A 47 ? 0.3560 0.2979 0.3510 -0.0062 0.0170  0.0163  265 ARG A NE  
354 N  NE  B ARG A 47 ? 0.1740 0.2688 0.1714 0.0163  0.0250  -0.0055 265 ARG A NE  
355 C  CZ  A ARG A 47 ? 0.2189 0.2194 0.2612 0.0137  0.1078  -0.0240 265 ARG A CZ  
356 C  CZ  B ARG A 47 ? 0.2002 0.2771 0.2144 0.0029  0.0118  0.0022  265 ARG A CZ  
357 N  NH1 A ARG A 47 ? 0.3569 0.3365 0.3711 -0.0085 0.0168  -0.0088 265 ARG A NH1 
358 N  NH1 B ARG A 47 ? 0.2073 0.3210 0.2670 0.0206  0.0118  -0.0028 265 ARG A NH1 
359 N  NH2 A ARG A 47 ? 0.2604 0.3190 0.3120 0.0050  0.0362  -0.0119 265 ARG A NH2 
360 N  NH2 B ARG A 47 ? 0.2333 0.2906 0.2242 0.0094  0.0257  0.0097  265 ARG A NH2 
361 N  N   . ASP A 48 ? 0.1227 0.1504 0.0889 -0.0034 0.0179  -0.0231 266 ASP A N   
362 C  CA  . ASP A 48 ? 0.1439 0.1395 0.1203 0.0060  0.0191  -0.0333 266 ASP A CA  
363 C  C   . ASP A 48 ? 0.1546 0.1217 0.1202 -0.0021 0.0039  -0.0055 266 ASP A C   
364 O  O   . ASP A 48 ? 0.2524 0.1234 0.1444 0.0450  0.0137  0.0028  266 ASP A O   
365 C  CB  . ASP A 48 ? 0.1721 0.1577 0.1244 0.0069  0.0208  -0.0444 266 ASP A CB  
366 C  CG  . ASP A 48 ? 0.1812 0.2104 0.1761 -0.0294 0.0303  -0.0801 266 ASP A CG  
367 O  OD1 . ASP A 48 ? 0.2085 0.2466 0.1822 -0.0068 0.0652  -0.0536 266 ASP A OD1 
368 O  OD2 . ASP A 48 ? 0.2873 0.2995 0.1685 -0.0423 0.0611  -0.1055 266 ASP A OD2 
369 N  N   . ASN A 49 ? 0.1261 0.1068 0.1011 -0.0068 0.0130  -0.0219 267 ASN A N   
370 C  CA  . ASN A 49 ? 0.1549 0.1203 0.0837 -0.0279 0.0287  -0.0073 267 ASN A CA  
371 C  C   . ASN A 49 ? 0.1326 0.1175 0.0692 -0.0166 0.0097  0.0030  267 ASN A C   
372 O  O   . ASN A 49 ? 0.0996 0.1149 0.0778 -0.0100 -0.0035 0.0029  267 ASN A O   
373 C  CB  . ASN A 49 ? 0.1628 0.1275 0.0844 -0.0325 0.0194  -0.0105 267 ASN A CB  
374 C  CG  . ASN A 49 ? 0.2002 0.1236 0.0919 -0.0372 0.0153  -0.0026 267 ASN A CG  
375 O  OD1 . ASN A 49 ? 0.2966 0.1139 0.1250 -0.0266 0.0435  0.0127  267 ASN A OD1 
376 N  ND2 . ASN A 49 ? 0.2596 0.1273 0.1183 -0.0457 -0.0065 -0.0122 267 ASN A ND2 
377 N  N   . PRO A 50 ? 0.1055 0.1161 0.0821 -0.0074 0.0102  -0.0038 268 PRO A N   
378 C  CA  . PRO A 50 ? 0.1052 0.1086 0.0976 -0.0170 0.0115  0.0019  268 PRO A CA  
379 C  C   . PRO A 50 ? 0.0835 0.1126 0.0811 -0.0101 0.0031  -0.0058 268 PRO A C   
380 O  O   . PRO A 50 ? 0.0859 0.0906 0.0935 0.0000  0.0009  0.0102  268 PRO A O   
381 C  CB  . PRO A 50 ? 0.1011 0.1507 0.1002 -0.0252 0.0213  0.0204  268 PRO A CB  
382 C  CG  . PRO A 50 ? 0.1102 0.1799 0.1151 0.0024  0.0254  0.0060  268 PRO A CG  
383 C  CD  . PRO A 50 ? 0.1383 0.1602 0.0920 -0.0164 0.0247  0.0027  268 PRO A CD  
384 N  N   . GLY A 51 ? 0.0839 0.0998 0.0804 -0.0031 -0.0076 0.0125  269 GLY A N   
385 C  CA  . GLY A 51 ? 0.0668 0.1148 0.0872 0.0015  -0.0007 0.0144  269 GLY A CA  
386 C  C   . GLY A 51 ? 0.0930 0.1023 0.0772 0.0130  -0.0086 0.0183  269 GLY A C   
387 O  O   . GLY A 51 ? 0.0960 0.1197 0.0767 -0.0019 0.0048  0.0195  269 GLY A O   
388 N  N   . MLY A 52 ? 0.0877 0.1083 0.0817 0.0047  -0.0093 0.0184  270 MLY A N   
389 C  CA  . MLY A 52 ? 0.0765 0.0946 0.0860 0.0062  0.0023  0.0162  270 MLY A CA  
390 C  CB  . MLY A 52 ? 0.1109 0.1124 0.1173 -0.0122 0.0221  0.0056  270 MLY A CB  
391 C  CG  . MLY A 52 ? 0.1369 0.1061 0.1270 -0.0215 0.0341  -0.0066 270 MLY A CG  
392 C  CD  . MLY A 52 ? 0.1565 0.1276 0.1645 -0.0337 0.0695  -0.0283 270 MLY A CD  
393 C  CE  . MLY A 52 ? 0.1620 0.1417 0.1771 -0.0521 0.0833  -0.0286 270 MLY A CE  
394 N  NZ  . MLY A 52 ? 0.1875 0.1173 0.1414 -0.0531 0.0703  -0.0292 270 MLY A NZ  
395 C  CH1 . MLY A 52 ? 0.1736 0.2019 0.2431 -0.0472 0.0757  -0.0774 270 MLY A CH1 
396 C  CH2 . MLY A 52 ? 0.1780 0.1642 0.1501 -0.0674 0.0528  -0.0123 270 MLY A CH2 
397 C  C   . MLY A 52 ? 0.0893 0.1055 0.0677 -0.0090 -0.0091 0.0291  270 MLY A C   
398 O  O   . MLY A 52 ? 0.0976 0.1191 0.1006 -0.0071 -0.0127 0.0411  270 MLY A O   
399 N  N   . SER A 53 ? 0.0845 0.1041 0.0813 0.0012  -0.0171 0.0209  271 SER A N   
400 C  CA  . SER A 53 ? 0.0928 0.1209 0.0979 0.0105  -0.0168 0.0000  271 SER A CA  
401 C  C   . SER A 53 ? 0.0821 0.1209 0.0972 0.0044  -0.0162 0.0203  271 SER A C   
402 O  O   . SER A 53 ? 0.1627 0.1016 0.1175 -0.0163 -0.0359 0.0183  271 SER A O   
403 C  CB  A SER A 53 ? 0.0901 0.1462 0.0950 0.0422  0.0176  -0.0211 271 SER A CB  
404 C  CB  B SER A 53 ? 0.0844 0.1632 0.1331 0.0230  -0.0375 0.0198  271 SER A CB  
405 O  OG  A SER A 53 ? 0.0724 0.1205 0.0679 0.0142  0.0053  0.0037  271 SER A OG  
406 O  OG  B SER A 53 ? 0.1711 0.1469 0.1316 0.0092  -0.0001 0.0044  271 SER A OG  
407 N  N   . LEU A 54 ? 0.0754 0.1045 0.0914 0.0032  -0.0182 0.0155  272 LEU A N   
408 C  CA  A LEU A 54 ? 0.0696 0.1230 0.0865 0.0070  -0.0147 0.0122  272 LEU A CA  
409 C  CA  B LEU A 54 ? 0.0827 0.1167 0.0813 0.0039  0.0023  0.0087  272 LEU A CA  
410 C  C   . LEU A 54 ? 0.0888 0.1071 0.0670 -0.0073 -0.0120 0.0147  272 LEU A C   
411 O  O   . LEU A 54 ? 0.0765 0.1112 0.1236 0.0077  -0.0187 0.0047  272 LEU A O   
412 C  CB  A LEU A 54 ? 0.0808 0.1393 0.0981 -0.0009 -0.0008 0.0142  272 LEU A CB  
413 C  CB  B LEU A 54 ? 0.0932 0.1356 0.0675 -0.0063 0.0213  0.0037  272 LEU A CB  
414 C  CG  A LEU A 54 ? 0.1040 0.1392 0.1689 -0.0126 0.0181  -0.0200 272 LEU A CG  
415 C  CG  B LEU A 54 ? 0.0824 0.1652 0.0779 0.0138  -0.0053 -0.0281 272 LEU A CG  
416 C  CD1 A LEU A 54 ? 0.1215 0.1876 0.1196 -0.0190 0.0093  -0.0042 272 LEU A CD1 
417 C  CD1 B LEU A 54 ? 0.1582 0.1199 0.0765 -0.0251 0.0106  0.0112  272 LEU A CD1 
418 C  CD2 A LEU A 54 ? 0.1458 0.1161 0.2116 0.0500  0.0062  -0.0006 272 LEU A CD2 
419 C  CD2 B LEU A 54 ? 0.1266 0.1589 0.0809 0.0198  0.0296  -0.0085 272 LEU A CD2 
420 N  N   . ALA A 55 ? 0.0762 0.1079 0.0840 -0.0095 -0.0041 0.0285  273 ALA A N   
421 C  CA  . ALA A 55 ? 0.0699 0.1294 0.0738 0.0003  0.0011  0.0303  273 ALA A CA  
422 C  C   . ALA A 55 ? 0.0711 0.1195 0.0648 0.0052  0.0060  0.0078  273 ALA A C   
423 O  O   . ALA A 55 ? 0.1215 0.1140 0.0819 0.0256  0.0042  0.0249  273 ALA A O   
424 C  CB  . ALA A 55 ? 0.0929 0.1579 0.0853 -0.0248 0.0014  0.0461  273 ALA A CB  
425 N  N   . LEU A 56 ? 0.0662 0.1118 0.0590 -0.0068 0.0031  0.0247  274 LEU A N   
426 C  CA  . LEU A 56 ? 0.0655 0.1004 0.0627 -0.0081 -0.0012 0.0189  274 LEU A CA  
427 C  C   . LEU A 56 ? 0.0693 0.1167 0.0595 0.0056  0.0045  0.0069  274 LEU A C   
428 O  O   . LEU A 56 ? 0.0687 0.1908 0.0710 0.0217  0.0006  0.0007  274 LEU A O   
429 C  CB  . LEU A 56 ? 0.0739 0.1076 0.0691 -0.0034 0.0017  0.0129  274 LEU A CB  
430 C  CG  . LEU A 56 ? 0.0735 0.1098 0.1480 -0.0065 -0.0059 0.0397  274 LEU A CG  
431 C  CD1 . LEU A 56 ? 0.1032 0.1387 0.1557 -0.0283 -0.0240 0.0539  274 LEU A CD1 
432 C  CD2 . LEU A 56 ? 0.0969 0.1258 0.2164 -0.0155 0.0447  -0.0047 274 LEU A CD2 
433 N  N   . GLU A 57 ? 0.0654 0.1099 0.0682 -0.0037 -0.0030 0.0148  275 GLU A N   
434 C  CA  A GLU A 57 ? 0.0725 0.1080 0.0608 -0.0060 -0.0055 0.0076  275 GLU A CA  
435 C  CA  B GLU A 57 ? 0.0694 0.1121 0.0780 0.0044  0.0062  0.0196  275 GLU A CA  
436 C  C   . GLU A 57 ? 0.0672 0.1125 0.0644 -0.0033 -0.0018 0.0038  275 GLU A C   
437 O  O   . GLU A 57 ? 0.1001 0.1110 0.0608 -0.0038 0.0013  0.0107  275 GLU A O   
438 C  CB  A GLU A 57 ? 0.0412 0.1308 0.0877 -0.0090 -0.0069 -0.0162 275 GLU A CB  
439 C  CB  B GLU A 57 ? 0.0962 0.1346 0.1022 -0.0286 -0.0062 0.0310  275 GLU A CB  
440 C  CG  A GLU A 57 ? 0.0653 0.1422 0.1099 -0.0269 0.0017  0.0158  275 GLU A CG  
441 C  CG  B GLU A 57 ? 0.1214 0.1257 0.0979 -0.0255 0.0159  0.0283  275 GLU A CG  
442 C  CD  A GLU A 57 ? 0.0977 0.2003 0.1587 -0.0196 0.0146  0.0167  275 GLU A CD  
443 C  CD  B GLU A 57 ? 0.1247 0.1500 0.1680 -0.0371 0.0324  0.0256  275 GLU A CD  
444 O  OE1 A GLU A 57 ? 0.1445 0.2117 0.2113 -0.0567 -0.0538 0.0597  275 GLU A OE1 
445 O  OE1 B GLU A 57 ? 0.1736 0.1862 0.2238 -0.0589 0.0333  0.0205  275 GLU A OE1 
446 O  OE2 A GLU A 57 ? 0.1554 0.1888 0.2000 -0.0585 0.0046  0.0359  275 GLU A OE2 
447 O  OE2 B GLU A 57 ? 0.1938 0.2580 0.1772 -0.0355 0.0228  0.0523  275 GLU A OE2 
448 N  N   . ILE A 58 ? 0.0725 0.1077 0.0681 -0.0033 0.0016  0.0092  276 ILE A N   
449 C  CA  . ILE A 58 ? 0.0797 0.1081 0.0675 0.0009  0.0010  0.0108  276 ILE A CA  
450 C  C   . ILE A 58 ? 0.0802 0.1090 0.0660 -0.0024 0.0004  0.0118  276 ILE A C   
451 O  O   . ILE A 58 ? 0.0736 0.1269 0.0883 0.0083  -0.0083 0.0177  276 ILE A O   
452 C  CB  . ILE A 58 ? 0.0807 0.1097 0.0726 -0.0012 0.0016  0.0034  276 ILE A CB  
453 C  CG1 . ILE A 58 ? 0.0852 0.1104 0.0789 -0.0007 0.0028  0.0014  276 ILE A CG1 
454 C  CG2 . ILE A 58 ? 0.0812 0.1176 0.0899 0.0001  -0.0049 -0.0079 276 ILE A CG2 
455 C  CD1 . ILE A 58 ? 0.1006 0.1246 0.0836 0.0010  0.0071  0.0007  276 ILE A CD1 
456 N  N   . GLU A 59 ? 0.0925 0.1042 0.0806 0.0040  -0.0073 0.0147  277 GLU A N   
457 C  CA  A GLU A 59 ? 0.1153 0.1268 0.1061 0.0054  -0.0278 0.0104  277 GLU A CA  
458 C  CA  B GLU A 59 ? 0.0676 0.1182 0.0791 -0.0006 0.0064  0.0259  277 GLU A CA  
459 C  C   . GLU A 59 ? 0.0956 0.1339 0.0701 0.0140  -0.0107 0.0112  277 GLU A C   
460 O  O   . GLU A 59 ? 0.1108 0.1240 0.1021 0.0155  0.0055  0.0170  277 GLU A O   
461 C  CB  A GLU A 59 ? 0.1378 0.1691 0.0980 -0.0094 -0.0259 -0.0066 277 GLU A CB  
462 C  CB  B GLU A 59 ? 0.0790 0.1405 0.1001 0.0163  -0.0451 0.0234  277 GLU A CB  
463 C  CG  A GLU A 59 ? 0.1997 0.1773 0.1836 -0.0163 -0.0455 -0.0116 277 GLU A CG  
464 C  CG  B GLU A 59 ? 0.0894 0.1294 0.1114 0.0052  -0.0701 0.0251  277 GLU A CG  
465 C  CD  A GLU A 59 ? 0.2534 0.2212 0.2190 -0.0258 -0.0556 0.0148  277 GLU A CD  
466 C  CD  B GLU A 59 ? 0.1420 0.2053 0.1558 -0.0007 -0.0576 0.0074  277 GLU A CD  
467 O  OE1 A GLU A 59 ? 0.3185 0.2621 0.2082 -0.0228 -0.0716 -0.0296 277 GLU A OE1 
468 O  OE1 B GLU A 59 ? 0.2063 0.2446 0.2057 -0.0453 -0.0044 0.0037  277 GLU A OE1 
469 O  OE2 A GLU A 59 ? 0.2419 0.2547 0.3273 -0.0315 -0.0445 0.0204  277 GLU A OE2 
470 O  OE2 B GLU A 59 ? 0.2900 0.2713 0.1156 -0.0236 -0.0571 -0.0184 277 GLU A OE2 
471 N  N   . ARG A 60 ? 0.0988 0.1216 0.0901 0.0158  -0.0097 0.0069  278 ARG A N   
472 C  CA  . ARG A 60 ? 0.1076 0.1292 0.0857 0.0175  -0.0044 0.0102  278 ARG A CA  
473 C  C   . ARG A 60 ? 0.1352 0.1418 0.1059 0.0196  -0.0340 0.0104  278 ARG A C   
474 O  O   . ARG A 60 ? 0.1314 0.1999 0.1248 0.0643  -0.0534 -0.0296 278 ARG A O   
475 C  CB  . ARG A 60 ? 0.0946 0.1251 0.0846 0.0251  -0.0159 0.0180  278 ARG A CB  
476 C  CG  . ARG A 60 ? 0.1024 0.1118 0.1082 0.0243  -0.0117 0.0141  278 ARG A CG  
477 C  CD  . ARG A 60 ? 0.0990 0.1084 0.0990 0.0224  -0.0110 -0.0019 278 ARG A CD  
478 N  NE  . ARG A 60 ? 0.0825 0.1090 0.0891 0.0098  0.0055  -0.0014 278 ARG A NE  
479 C  CZ  . ARG A 60 ? 0.0784 0.1000 0.0878 0.0046  -0.0012 -0.0074 278 ARG A CZ  
480 N  NH1 . ARG A 60 ? 0.0767 0.1119 0.0878 0.0085  0.0103  -0.0004 278 ARG A NH1 
481 N  NH2 . ARG A 60 ? 0.0734 0.1230 0.0963 0.0179  0.0056  -0.0089 278 ARG A NH2 
482 N  N   . GLN A 61 ? 0.2072 0.1483 0.1388 0.0246  -0.0535 0.0403  279 GLN A N   
483 C  CA  . GLN A 61 ? 0.2270 0.1516 0.1961 0.0202  -0.0803 0.0458  279 GLN A CA  
484 C  C   . GLN A 61 ? 0.1987 0.1647 0.1776 0.0103  -0.0772 0.0232  279 GLN A C   
485 O  O   . GLN A 61 ? 0.2048 0.2121 0.2326 0.0368  -0.1105 0.0245  279 GLN A O   
486 C  CB  . GLN A 61 ? 0.2112 0.1729 0.2793 0.0281  -0.0798 0.0127  279 GLN A CB  
487 C  CG  . GLN A 61 ? 0.3115 0.1869 0.3252 -0.0043 -0.0265 0.0292  279 GLN A CG  
488 C  CD  . GLN A 61 ? 0.3547 0.3165 0.3550 -0.0024 -0.0453 0.0524  279 GLN A CD  
489 O  OE1 . GLN A 61 ? 0.4140 0.4387 0.4674 0.0018  -0.0231 0.0385  279 GLN A OE1 
490 N  NE2 . GLN A 61 ? 0.4180 0.3589 0.4070 0.0087  -0.0520 0.0417  279 GLN A NE2 
491 N  N   . GLY A 62 ? 0.2093 0.1848 0.1215 0.0263  -0.0667 0.0132  280 GLY A N   
492 C  CA  . GLY A 62 ? 0.2155 0.2071 0.1659 0.0037  -0.0683 0.0200  280 GLY A CA  
493 C  C   . GLY A 62 ? 0.1803 0.2663 0.2224 0.0017  -0.0419 0.0372  280 GLY A C   
494 O  O   . GLY A 62 ? 0.2789 0.3052 0.2822 -0.0456 -0.0260 0.0222  280 GLY A O   
495 N  N   . SER A 63 ? 0.1625 0.2582 0.1716 0.0549  -0.0294 0.0677  281 SER A N   
496 C  CA  A SER A 63 ? 0.1517 0.2702 0.1860 0.0505  -0.0219 0.0686  281 SER A CA  
497 C  CA  B SER A 63 ? 0.1587 0.2438 0.1634 0.0620  0.0011  0.0361  281 SER A CA  
498 C  C   . SER A 63 ? 0.1047 0.2448 0.1299 0.0598  -0.0062 0.0422  281 SER A C   
499 O  O   . SER A 63 ? 0.1054 0.1708 0.1542 0.0332  0.0002  0.0383  281 SER A O   
500 C  CB  A SER A 63 ? 0.1734 0.2857 0.2358 0.0576  -0.0186 0.0519  281 SER A CB  
501 C  CB  B SER A 63 ? 0.2017 0.2311 0.1727 0.0756  -0.0073 0.0204  281 SER A CB  
502 O  OG  A SER A 63 ? 0.2615 0.3532 0.2345 0.0655  -0.0105 0.0695  281 SER A OG  
503 O  OG  B SER A 63 ? 0.2438 0.2514 0.2242 0.1090  0.0075  0.0207  281 SER A OG  
504 N  N   . PRO A 64 ? 0.0672 0.2283 0.1369 0.0110  -0.0210 0.0386  282 PRO A N   
505 C  CA  . PRO A 64 ? 0.0827 0.1632 0.1241 0.0091  -0.0237 0.0255  282 PRO A CA  
506 C  C   . PRO A 64 ? 0.0773 0.1320 0.1169 0.0108  0.0070  0.0123  282 PRO A C   
507 O  O   . PRO A 64 ? 0.0848 0.2077 0.1340 0.0304  0.0063  0.0115  282 PRO A O   
508 C  CB  . PRO A 64 ? 0.1095 0.2081 0.1554 -0.0454 -0.0005 -0.0106 282 PRO A CB  
509 C  CG  . PRO A 64 ? 0.1080 0.2626 0.2138 0.0135  -0.0161 0.0293  282 PRO A CG  
510 C  CD  . PRO A 64 ? 0.0611 0.2762 0.2082 -0.0115 -0.0183 0.0465  282 PRO A CD  
511 N  N   . LEU A 65 ? 0.0774 0.1171 0.1000 0.0135  0.0037  0.0119  283 LEU A N   
512 C  CA  . LEU A 65 ? 0.0705 0.1253 0.0848 0.0048  0.0116  0.0111  283 LEU A CA  
513 C  C   . LEU A 65 ? 0.0544 0.1160 0.0882 0.0047  0.0071  0.0076  283 LEU A C   
514 O  O   . LEU A 65 ? 0.0965 0.1060 0.0848 0.0224  0.0155  0.0117  283 LEU A O   
515 C  CB  . LEU A 65 ? 0.0826 0.1235 0.1016 0.0156  0.0163  -0.0028 283 LEU A CB  
516 C  CG  . LEU A 65 ? 0.1055 0.1267 0.0997 0.0333  0.0188  0.0007  283 LEU A CG  
517 C  CD1 . LEU A 65 ? 0.1326 0.1239 0.1214 0.0168  0.0218  0.0024  283 LEU A CD1 
518 C  CD2 . LEU A 65 ? 0.1476 0.1655 0.1159 0.0416  0.0375  -0.0110 283 LEU A CD2 
519 N  N   . SER A 66 ? 0.0749 0.1328 0.0770 0.0105  0.0109  0.0169  284 SER A N   
520 C  CA  . SER A 66 ? 0.0593 0.1302 0.0890 0.0094  0.0083  0.0168  284 SER A CA  
521 C  C   . SER A 66 ? 0.0669 0.1160 0.0780 0.0078  0.0193  0.0113  284 SER A C   
522 O  O   . SER A 66 ? 0.0721 0.1713 0.0931 0.0070  0.0203  -0.0140 284 SER A O   
523 C  CB  . SER A 66 ? 0.0907 0.1517 0.1271 -0.0109 0.0187  0.0352  284 SER A CB  
524 O  OG  . SER A 66 ? 0.1880 0.1835 0.1679 -0.0629 0.0359  0.0218  284 SER A OG  
525 N  N   . LEU A 67 ? 0.0612 0.1140 0.0735 0.0032  0.0137  0.0118  285 LEU A N   
526 C  CA  . LEU A 67 ? 0.0688 0.1208 0.0627 0.0049  0.0125  0.0074  285 LEU A CA  
527 C  C   . LEU A 67 ? 0.0615 0.1061 0.0723 -0.0031 0.0120  0.0061  285 LEU A C   
528 O  O   . LEU A 67 ? 0.0836 0.1105 0.0983 0.0048  -0.0058 0.0050  285 LEU A O   
529 C  CB  . LEU A 67 ? 0.0747 0.1139 0.0644 0.0083  0.0167  0.0053  285 LEU A CB  
530 C  CG  . LEU A 67 ? 0.0758 0.1173 0.0758 0.0057  0.0020  0.0005  285 LEU A CG  
531 C  CD1 . LEU A 67 ? 0.1308 0.1349 0.0754 -0.0039 0.0203  0.0051  285 LEU A CD1 
532 C  CD2 . LEU A 67 ? 0.0885 0.1301 0.1008 0.0284  0.0014  -0.0103 285 LEU A CD2 
533 N  N   . THR A 68 ? 0.0606 0.1332 0.0736 0.0132  0.0089  0.0172  286 THR A N   
534 C  CA  . THR A 68 ? 0.0647 0.1396 0.0683 -0.0013 0.0068  0.0307  286 THR A CA  
535 C  C   . THR A 68 ? 0.0662 0.1144 0.0708 0.0012  0.0017  0.0267  286 THR A C   
536 O  O   . THR A 68 ? 0.0810 0.1169 0.1089 -0.0018 0.0252  0.0050  286 THR A O   
537 C  CB  . THR A 68 ? 0.0906 0.1685 0.0837 -0.0278 0.0029  0.0393  286 THR A CB  
538 O  OG1 . THR A 68 ? 0.1016 0.2055 0.1049 -0.0422 0.0183  0.0347  286 THR A OG1 
539 C  CG2 . THR A 68 ? 0.1197 0.1856 0.1031 -0.0403 -0.0235 0.0641  286 THR A CG2 
540 N  N   . LEU A 69 ? 0.0535 0.1120 0.0783 0.0030  0.0057  0.0182  287 LEU A N   
541 C  CA  . LEU A 69 ? 0.0506 0.1015 0.0789 0.0063  0.0050  0.0252  287 LEU A CA  
542 C  C   . LEU A 69 ? 0.0595 0.1031 0.0813 0.0025  0.0075  0.0282  287 LEU A C   
543 O  O   . LEU A 69 ? 0.0678 0.1044 0.1129 -0.0014 -0.0176 0.0245  287 LEU A O   
544 C  CB  . LEU A 69 ? 0.0680 0.1032 0.0659 0.0014  0.0019  0.0213  287 LEU A CB  
545 C  CG  . LEU A 69 ? 0.0664 0.1195 0.0841 0.0054  0.0108  0.0048  287 LEU A CG  
546 C  CD1 . LEU A 69 ? 0.0777 0.1149 0.0955 0.0012  0.0271  0.0123  287 LEU A CD1 
547 C  CD2 . LEU A 69 ? 0.0735 0.1623 0.0720 0.0134  0.0138  -0.0047 287 LEU A CD2 
548 N  N   . ILE A 70 ? 0.0591 0.1239 0.0610 0.0013  -0.0048 0.0189  288 ILE A N   
549 C  CA  A ILE A 70 ? 0.0547 0.1333 0.0714 0.0200  -0.0093 0.0309  288 ILE A CA  
550 C  CA  B ILE A 70 ? 0.0547 0.1122 0.0650 0.0012  0.0136  0.0197  288 ILE A CA  
551 C  C   . ILE A 70 ? 0.0667 0.1097 0.0673 0.0106  -0.0012 0.0300  288 ILE A C   
552 O  O   . ILE A 70 ? 0.0712 0.1072 0.0715 0.0122  0.0064  0.0179  288 ILE A O   
553 C  CB  A ILE A 70 ? 0.0880 0.1112 0.0846 0.0108  0.0097  0.0219  288 ILE A CB  
554 C  CB  B ILE A 70 ? 0.0501 0.1291 0.0431 -0.0100 0.0088  0.0289  288 ILE A CB  
555 C  CG1 A ILE A 70 ? 0.1142 0.1738 0.0965 -0.0337 0.0219  0.0049  288 ILE A CG1 
556 C  CG1 B ILE A 70 ? 0.0549 0.1233 0.1187 -0.0271 0.0367  -0.0026 288 ILE A CG1 
557 C  CG2 A ILE A 70 ? 0.1394 0.1661 0.0548 0.0291  -0.0187 0.0092  288 ILE A CG2 
558 C  CG2 B ILE A 70 ? 0.0756 0.0887 0.0515 -0.0111 0.0114  0.0110  288 ILE A CG2 
559 C  CD1 A ILE A 70 ? 0.1107 0.2983 0.0825 -0.0341 -0.0093 0.0127  288 ILE A CD1 
560 C  CD1 B ILE A 70 ? 0.1466 0.2114 0.1048 0.0021  -0.0025 0.0212  288 ILE A CD1 
561 N  N   . PRO A 71 ? 0.0709 0.1133 0.0620 -0.0023 -0.0023 0.0232  289 PRO A N   
562 C  CA  . PRO A 71 ? 0.0792 0.1131 0.0566 0.0032  0.0069  0.0171  289 PRO A CA  
563 C  C   . PRO A 71 ? 0.0711 0.1060 0.0477 0.0105  0.0122  0.0160  289 PRO A C   
564 O  O   . PRO A 71 ? 0.0724 0.1184 0.0627 0.0050  0.0014  0.0127  289 PRO A O   
565 C  CB  . PRO A 71 ? 0.0997 0.1336 0.0604 0.0008  0.0107  0.0146  289 PRO A CB  
566 C  CG  . PRO A 71 ? 0.0982 0.1433 0.0618 -0.0192 0.0010  0.0151  289 PRO A CG  
567 C  CD  . PRO A 71 ? 0.0978 0.1259 0.0685 -0.0076 0.0048  0.0105  289 PRO A CD  
568 N  N   . GLU A 72 ? 0.0772 0.1155 0.0588 -0.0022 0.0136  0.0160  290 GLU A N   
569 C  CA  . GLU A 72 ? 0.0552 0.1190 0.0746 0.0030  0.0097  0.0058  290 GLU A CA  
570 C  C   . GLU A 72 ? 0.0843 0.1104 0.0804 0.0124  0.0299  0.0045  290 GLU A C   
571 O  O   . GLU A 72 ? 0.1063 0.1868 0.0980 0.0480  0.0091  0.0108  290 GLU A O   
572 C  CB  . GLU A 72 ? 0.0705 0.1096 0.1049 0.0074  0.0124  -0.0123 290 GLU A CB  
573 C  CG  . GLU A 72 ? 0.0766 0.1450 0.0980 0.0153  0.0124  -0.0180 290 GLU A CG  
574 C  CD  . GLU A 72 ? 0.0807 0.1359 0.1207 0.0108  0.0046  -0.0229 290 GLU A CD  
575 O  OE1 . GLU A 72 ? 0.1121 0.1455 0.2138 0.0049  0.0187  -0.0375 290 GLU A OE1 
576 O  OE2 . GLU A 72 ? 0.0988 0.1555 0.1348 0.0237  0.0160  -0.0281 290 GLU A OE2 
577 N  N   . SER A 73 ? 0.0922 0.1892 0.2300 -0.0081 0.0122  -0.0759 291 SER A N   
578 C  CA  . SER A 73 ? 0.1264 0.1478 0.2915 -0.0073 0.0436  -0.0716 291 SER A CA  
579 C  C   . SER A 73 ? 0.0881 0.1493 0.2907 -0.0021 0.0423  -0.0784 291 SER A C   
580 O  O   . SER A 73 ? 0.2790 0.2914 0.3654 0.1233  0.0691  -0.0728 291 SER A O   
581 C  CB  . SER A 73 ? 0.0738 0.1294 0.3047 -0.0153 0.0658  -0.0612 291 SER A CB  
582 O  OG  . SER A 73 ? 0.0668 0.1481 0.2991 -0.0245 0.0680  -0.0682 291 SER A OG  
583 N  N   . MLY A 74 ? 0.0383 0.1163 0.2509 0.0035  0.0333  -0.0626 292 MLY A N   
584 C  CA  A MLY A 74 ? 0.0406 0.1188 0.2187 0.0160  0.0051  -0.0397 292 MLY A CA  
585 C  CA  B MLY A 74 ? 0.0366 0.1018 0.1840 -0.0016 0.0421  -0.0115 292 MLY A CA  
586 C  CB  A MLY A 74 ? 0.1186 0.1489 0.2040 0.0308  -0.0091 -0.0424 292 MLY A CB  
587 C  CB  B MLY A 74 ? 0.1003 0.1133 0.1499 0.0257  0.0173  0.0088  292 MLY A CB  
588 C  CG  A MLY A 74 ? 0.1341 0.1665 0.2676 0.0549  -0.0096 0.0021  292 MLY A CG  
589 C  CG  B MLY A 74 ? 0.0782 0.0946 0.1905 0.0024  0.0355  0.0220  292 MLY A CG  
590 C  CD  A MLY A 74 ? 0.2176 0.2912 0.2677 0.0135  -0.0163 0.0049  292 MLY A CD  
591 C  CD  B MLY A 74 ? 0.1085 0.1387 0.3121 0.0170  -0.0289 0.0026  292 MLY A CD  
592 C  CE  A MLY A 74 ? 0.2067 0.3046 0.3053 0.0228  -0.0115 -0.0050 292 MLY A CE  
593 C  CE  B MLY A 74 ? 0.1437 0.0956 0.2974 -0.0070 -0.0252 0.0582  292 MLY A CE  
594 N  NZ  A MLY A 74 ? 0.2675 0.2949 0.3465 -0.0342 -0.0266 0.0173  292 MLY A NZ  
595 N  NZ  B MLY A 74 ? 0.2223 0.1870 0.3071 -0.0051 -0.0167 0.0104  292 MLY A NZ  
596 C  CH1 A MLY A 74 ? 0.2804 0.3255 0.3675 -0.0342 -0.0232 -0.0084 292 MLY A CH1 
597 C  CH1 B MLY A 74 ? 0.2273 0.1774 0.2314 -0.0153 -0.0033 0.0231  292 MLY A CH1 
598 C  CH2 A MLY A 74 ? 0.3016 0.3278 0.3279 -0.0182 -0.0106 0.0136  292 MLY A CH2 
599 C  CH2 B MLY A 74 ? 0.2189 0.1752 0.3133 -0.0010 -0.0361 -0.0077 292 MLY A CH2 
600 C  C   . MLY A 74 ? 0.0581 0.1124 0.1553 0.0018  0.0153  -0.0110 292 MLY A C   
601 O  O   . MLY A 74 ? 0.0560 0.1136 0.1540 0.0044  0.0208  -0.0126 292 MLY A O   
602 N  N   . PRO A 75 ? 0.0579 0.1052 0.1444 -0.0007 0.0143  -0.0072 293 PRO A N   
603 C  CA  . PRO A 75 ? 0.0563 0.1145 0.1180 0.0037  0.0092  0.0085  293 PRO A CA  
604 C  C   . PRO A 75 ? 0.0513 0.1077 0.0951 0.0110  0.0035  0.0070  293 PRO A C   
605 O  O   . PRO A 75 ? 0.0621 0.1301 0.0968 0.0079  0.0072  0.0206  293 PRO A O   
606 C  CB  . PRO A 75 ? 0.0739 0.1306 0.1121 -0.0073 -0.0051 0.0103  293 PRO A CB  
607 C  CG  . PRO A 75 ? 0.1015 0.1457 0.2301 -0.0155 0.0042  0.0061  293 PRO A CG  
608 C  CD  . PRO A 75 ? 0.0711 0.1182 0.2018 -0.0088 0.0181  0.0025  293 PRO A CD  
609 N  N   . GLY A 76 ? 0.0798 0.1446 0.0947 0.0281  0.0113  0.0121  294 GLY A N   
610 C  CA  . GLY A 76 ? 0.0964 0.1381 0.1068 0.0280  0.0119  0.0085  294 GLY A CA  
611 C  C   . GLY A 76 ? 0.1120 0.1172 0.1053 0.0233  0.0188  0.0150  294 GLY A C   
612 O  O   . GLY A 76 ? 0.1060 0.1334 0.1495 0.0023  0.0400  0.0022  294 GLY A O   
613 N  N   . ASN A 77 ? 0.0967 0.1299 0.1063 0.0279  0.0235  0.0030  295 ASN A N   
614 C  CA  . ASN A 77 ? 0.1064 0.1224 0.1196 0.0103  0.0147  -0.0033 295 ASN A CA  
615 C  C   . ASN A 77 ? 0.0705 0.1330 0.0832 0.0131  0.0112  -0.0091 295 ASN A C   
616 O  O   . ASN A 77 ? 0.0984 0.1432 0.0949 0.0269  0.0056  -0.0141 295 ASN A O   
617 C  CB  . ASN A 77 ? 0.1263 0.1405 0.1226 0.0225  0.0180  0.0138  295 ASN A CB  
618 C  CG  . ASN A 77 ? 0.1474 0.1177 0.1248 0.0018  0.0272  0.0055  295 ASN A CG  
619 O  OD1 . ASN A 77 ? 0.1105 0.1645 0.1565 0.0047  0.0353  -0.0150 295 ASN A OD1 
620 N  ND2 . ASN A 77 ? 0.1645 0.1305 0.1445 0.0011  0.0519  0.0072  295 ASN A ND2 
621 N  N   . GLY A 78 ? 0.0752 0.1348 0.1037 0.0169  0.0169  -0.0322 296 GLY A N   
622 C  CA  . GLY A 78 ? 0.0873 0.1380 0.0964 0.0294  -0.0036 -0.0223 296 GLY A CA  
623 C  C   . GLY A 78 ? 0.0974 0.1049 0.0714 0.0271  -0.0060 -0.0073 296 GLY A C   
624 O  O   . GLY A 78 ? 0.1126 0.1222 0.0941 0.0349  -0.0071 -0.0125 296 GLY A O   
625 N  N   . MLY A 79 ? 0.0744 0.1149 0.0791 0.0308  0.0019  -0.0005 297 MLY A N   
626 C  CA  . MLY A 79 ? 0.0871 0.1024 0.0872 0.0140  0.0012  -0.0037 297 MLY A CA  
627 C  CB  . MLY A 79 ? 0.1164 0.1130 0.1048 -0.0011 0.0020  -0.0060 297 MLY A CB  
628 C  CG  . MLY A 79 ? 0.1775 0.1318 0.1527 -0.0371 0.0194  -0.0357 297 MLY A CG  
629 C  CD  . MLY A 79 ? 0.2822 0.2099 0.2554 -0.1026 0.0173  -0.0500 297 MLY A CD  
630 C  CE  . MLY A 79 ? 0.2708 0.2738 0.3730 -0.1029 -0.0114 -0.0272 297 MLY A CE  
631 N  NZ  . MLY A 79 ? 0.3705 0.3451 0.4196 -0.0541 0.0149  -0.0191 297 MLY A NZ  
632 C  CH1 . MLY A 79 ? 0.3538 0.3789 0.4312 -0.0477 0.0127  -0.0062 297 MLY A CH1 
633 C  CH2 . MLY A 79 ? 0.4227 0.4047 0.4376 -0.0220 -0.0083 -0.0196 297 MLY A CH2 
634 C  C   . MLY A 79 ? 0.0769 0.1010 0.0814 0.0056  0.0012  -0.0029 297 MLY A C   
635 O  O   . MLY A 79 ? 0.0841 0.1170 0.0888 0.0147  -0.0032 -0.0031 297 MLY A O   
636 N  N   . ALA A 80 ? 0.0623 0.1022 0.1065 0.0060  0.0090  -0.0037 298 ALA A N   
637 C  CA  . ALA A 80 ? 0.0587 0.1042 0.1073 0.0097  0.0040  -0.0114 298 ALA A CA  
638 C  C   . ALA A 80 ? 0.0526 0.1073 0.1390 0.0077  -0.0021 -0.0066 298 ALA A C   
639 O  O   . ALA A 80 ? 0.0714 0.1114 0.1708 -0.0008 -0.0189 -0.0099 298 ALA A O   
640 C  CB  . ALA A 80 ? 0.0763 0.1153 0.1121 0.0171  0.0201  -0.0061 298 ALA A CB  
641 N  N   . ILE A 81 ? 0.0489 0.1162 0.1421 0.0098  -0.0044 -0.0124 299 ILE A N   
642 C  CA  . ILE A 81 ? 0.0621 0.1490 0.1354 0.0293  -0.0138 -0.0255 299 ILE A CA  
643 C  C   . ILE A 81 ? 0.0564 0.1155 0.1260 0.0101  -0.0077 0.0024  299 ILE A C   
644 O  O   . ILE A 81 ? 0.0601 0.1271 0.1853 0.0078  0.0027  -0.0466 299 ILE A O   
645 C  CB  . ILE A 81 ? 0.0828 0.2088 0.1526 0.0417  -0.0031 0.0027  299 ILE A CB  
646 C  CG1 . ILE A 81 ? 0.1483 0.2334 0.1851 0.0344  0.0208  0.0695  299 ILE A CG1 
647 C  CG2 . ILE A 81 ? 0.1104 0.2972 0.1347 0.0716  0.0050  -0.0377 299 ILE A CG2 
648 C  CD1 . ILE A 81 ? 0.2752 0.3485 0.1936 0.0100  0.0545  0.0751  299 ILE A CD1 
649 N  N   . GLY A 82 ? 0.0586 0.1183 0.1328 0.0155  -0.0030 -0.0012 300 GLY A N   
650 C  CA  . GLY A 82 ? 0.0608 0.1175 0.1089 0.0153  -0.0006 0.0206  300 GLY A CA  
651 C  C   . GLY A 82 ? 0.0503 0.1345 0.0816 0.0030  0.0069  0.0026  300 GLY A C   
652 O  O   . GLY A 82 ? 0.0841 0.1527 0.0856 0.0254  0.0070  0.0047  300 GLY A O   
653 N  N   . PHE A 83 ? 0.0573 0.1245 0.0864 0.0271  0.0124  0.0122  301 PHE A N   
654 C  CA  . PHE A 83 ? 0.0638 0.1207 0.0754 0.0215  0.0168  0.0154  301 PHE A CA  
655 C  C   . PHE A 83 ? 0.0613 0.1218 0.0633 0.0092  0.0065  0.0078  301 PHE A C   
656 O  O   . PHE A 83 ? 0.0701 0.1259 0.0657 0.0213  0.0092  0.0150  301 PHE A O   
657 C  CB  . PHE A 83 ? 0.0687 0.1510 0.0914 0.0237  0.0211  0.0232  301 PHE A CB  
658 C  CG  . PHE A 83 ? 0.0724 0.1606 0.0986 0.0027  0.0206  0.0321  301 PHE A CG  
659 C  CD1 . PHE A 83 ? 0.1311 0.1782 0.1122 -0.0131 0.0329  0.0394  301 PHE A CD1 
660 C  CD2 . PHE A 83 ? 0.0793 0.1430 0.1525 -0.0053 0.0126  0.0138  301 PHE A CD2 
661 C  CE1 . PHE A 83 ? 0.1757 0.2074 0.1279 -0.0192 0.0327  0.0458  301 PHE A CE1 
662 C  CE2 . PHE A 83 ? 0.1003 0.1517 0.1721 -0.0103 0.0037  0.0215  301 PHE A CE2 
663 C  CZ  . PHE A 83 ? 0.1450 0.1675 0.1459 -0.0278 0.0048  0.0384  301 PHE A CZ  
664 N  N   . VAL A 84 ? 0.0745 0.1191 0.0670 0.0205  0.0157  0.0112  302 VAL A N   
665 C  CA  . VAL A 84 ? 0.0648 0.1223 0.0626 0.0248  0.0138  0.0093  302 VAL A CA  
666 C  C   . VAL A 84 ? 0.0704 0.1120 0.0644 0.0234  0.0039  0.0037  302 VAL A C   
667 O  O   . VAL A 84 ? 0.0781 0.1129 0.1033 0.0167  0.0155  0.0066  302 VAL A O   
668 C  CB  . VAL A 84 ? 0.0648 0.1021 0.0722 0.0136  0.0061  0.0112  302 VAL A CB  
669 C  CG1 . VAL A 84 ? 0.0823 0.1123 0.0887 0.0129  0.0078  0.0197  302 VAL A CG1 
670 C  CG2 . VAL A 84 ? 0.1153 0.1169 0.0737 0.0120  -0.0049 0.0158  302 VAL A CG2 
671 N  N   . GLY A 85 ? 0.0779 0.1231 0.0771 0.0075  0.0108  0.0125  303 GLY A N   
672 C  CA  . GLY A 85 ? 0.0927 0.1242 0.0890 0.0025  0.0117  0.0093  303 GLY A CA  
673 C  C   . GLY A 85 ? 0.0907 0.1172 0.0804 -0.0008 0.0216  0.0063  303 GLY A C   
674 O  O   . GLY A 85 ? 0.1169 0.1120 0.1188 0.0124  -0.0044 0.0032  303 GLY A O   
675 N  N   . ILE A 86 ? 0.0846 0.1222 0.0814 0.0145  0.0115  0.0035  304 ILE A N   
676 C  CA  . ILE A 86 ? 0.0890 0.1230 0.0809 0.0173  0.0098  0.0058  304 ILE A CA  
677 C  C   . ILE A 86 ? 0.1011 0.1345 0.0772 0.0155  0.0190  0.0080  304 ILE A C   
678 O  O   . ILE A 86 ? 0.1004 0.1277 0.0797 0.0281  0.0284  0.0094  304 ILE A O   
679 C  CB  . ILE A 86 ? 0.0892 0.1409 0.0597 0.0225  0.0107  0.0086  304 ILE A CB  
680 C  CG1 . ILE A 86 ? 0.0984 0.1413 0.0901 0.0164  0.0231  0.0006  304 ILE A CG1 
681 C  CG2 . ILE A 86 ? 0.1117 0.1766 0.0854 0.0001  -0.0027 0.0130  304 ILE A CG2 
682 C  CD1 . ILE A 86 ? 0.0983 0.1428 0.0938 0.0074  0.0117  0.0103  304 ILE A CD1 
683 N  N   . GLU A 87 ? 0.1093 0.1208 0.0735 0.0210  0.0166  0.0093  305 GLU A N   
684 C  CA  . GLU A 87 ? 0.1003 0.1162 0.0894 0.0063  0.0262  0.0121  305 GLU A CA  
685 C  C   . GLU A 87 ? 0.0861 0.1112 0.0817 0.0145  0.0293  0.0216  305 GLU A C   
686 O  O   . GLU A 87 ? 0.0988 0.1347 0.0777 0.0062  0.0313  0.0259  305 GLU A O   
687 C  CB  . GLU A 87 ? 0.1035 0.1144 0.1388 0.0073  0.0243  -0.0032 305 GLU A CB  
688 C  CG  . GLU A 87 ? 0.1678 0.1261 0.2389 -0.0237 0.0193  -0.0413 305 GLU A CG  
689 C  CD  . GLU A 87 ? 0.1522 0.1661 0.3068 -0.0073 0.0300  -0.0838 305 GLU A CD  
690 O  OE1 . GLU A 87 ? 0.2094 0.1721 0.3986 -0.0061 0.1231  -0.0152 305 GLU A OE1 
691 O  OE2 . GLU A 87 ? 0.3495 0.2204 0.3590 -0.0502 0.0040  -0.0633 305 GLU A OE2 
692 N  N   . PRO A 88 ? 0.0982 0.1311 0.0763 0.0075  0.0202  0.0246  306 PRO A N   
693 C  CA  . PRO A 88 ? 0.1037 0.1093 0.0786 0.0007  0.0094  0.0234  306 PRO A CA  
694 C  C   . PRO A 88 ? 0.0883 0.1112 0.0739 -0.0039 0.0225  0.0192  306 PRO A C   
695 O  O   . PRO A 88 ? 0.0912 0.1122 0.0859 -0.0015 0.0210  0.0211  306 PRO A O   
696 C  CB  . PRO A 88 ? 0.1294 0.1259 0.1017 0.0046  -0.0026 0.0118  306 PRO A CB  
697 C  CG  . PRO A 88 ? 0.1165 0.1225 0.1113 0.0109  0.0001  0.0096  306 PRO A CG  
698 C  CD  . PRO A 88 ? 0.0919 0.1303 0.0967 0.0179  0.0179  0.0111  306 PRO A CD  
699 N  N   . MLY A 89 ? 0.0877 0.1297 0.0856 -0.0025 0.0162  0.0289  307 MLY A N   
700 C  CA  A MLY A 89 ? 0.0858 0.1402 0.0776 0.0182  0.0005  0.0183  307 MLY A CA  
701 C  CA  B MLY A 89 ? 0.0975 0.1458 0.0952 -0.0075 0.0098  0.0431  307 MLY A CA  
702 C  CB  A MLY A 89 ? 0.0537 0.1745 0.0522 -0.0063 -0.0201 0.0022  307 MLY A CB  
703 C  CB  B MLY A 89 ? 0.1127 0.1926 0.0764 -0.0063 0.0190  0.0454  307 MLY A CB  
704 C  CG  A MLY A 89 ? 0.1030 0.2202 0.0526 -0.0038 0.0247  0.0602  307 MLY A CG  
705 C  CG  B MLY A 89 ? 0.0862 0.2588 0.1562 -0.0414 -0.0092 0.0868  307 MLY A CG  
706 C  CD  A MLY A 89 ? 0.0862 0.2213 0.0980 -0.0041 -0.0119 0.0449  307 MLY A CD  
707 C  CD  B MLY A 89 ? 0.1576 0.3087 0.1813 0.0115  -0.0108 0.0156  307 MLY A CD  
708 C  CE  A MLY A 89 ? 0.0889 0.2478 0.1482 -0.0201 -0.0461 0.0242  307 MLY A CE  
709 C  CE  B MLY A 89 ? 0.2234 0.3212 0.2019 0.0053  0.0000  0.0609  307 MLY A CE  
710 N  NZ  A MLY A 89 ? 0.1835 0.2875 0.2320 -0.0194 -0.0284 0.0023  307 MLY A NZ  
711 N  NZ  B MLY A 89 ? 0.1868 0.3462 0.2291 0.0487  -0.0072 0.0924  307 MLY A NZ  
712 C  CH1 A MLY A 89 ? 0.2485 0.2956 0.2556 -0.0121 -0.0154 0.0185  307 MLY A CH1 
713 C  CH1 B MLY A 89 ? 0.2532 0.3310 0.2025 0.0460  0.0127  0.1037  307 MLY A CH1 
714 C  CH2 A MLY A 89 ? 0.1102 0.2644 0.2552 -0.0493 0.0008  0.0034  307 MLY A CH2 
715 C  CH2 B MLY A 89 ? 0.2043 0.3474 0.2088 0.0312  -0.0077 0.0999  307 MLY A CH2 
716 C  C   . MLY A 89 ? 0.0895 0.1382 0.0788 0.0105  0.0097  0.0150  307 MLY A C   
717 O  O   . MLY A 89 ? 0.1033 0.1342 0.0820 -0.0020 0.0088  0.0243  307 MLY A O   
718 N  N   . VAL A 90 ? 0.0952 0.1452 0.0878 0.0079  0.0195  0.0291  308 VAL A N   
719 C  CA  . VAL A 90 ? 0.0915 0.1365 0.0969 -0.0007 0.0184  0.0267  308 VAL A CA  
720 C  C   . VAL A 90 ? 0.0838 0.1377 0.0877 -0.0074 0.0077  0.0214  308 VAL A C   
721 O  O   . VAL A 90 ? 0.0974 0.2047 0.1024 -0.0143 0.0061  0.0229  308 VAL A O   
722 C  CB  . VAL A 90 ? 0.1091 0.1405 0.1039 -0.0032 0.0220  0.0301  308 VAL A CB  
723 C  CG1 . VAL A 90 ? 0.1744 0.1531 0.1172 0.0035  0.0415  0.0427  308 VAL A CG1 
724 C  CG2 . VAL A 90 ? 0.1417 0.1942 0.1071 -0.0151 0.0519  0.0007  308 VAL A CG2 
725 N  N   . ILE A 91 ? 0.0924 0.1567 0.0969 -0.0242 0.0085  0.0273  309 ILE A N   
726 C  CA  . ILE A 91 ? 0.1338 0.1570 0.0733 -0.0255 0.0172  0.0019  309 ILE A CA  
727 C  C   . ILE A 91 ? 0.1049 0.1767 0.0884 -0.0309 0.0092  0.0380  309 ILE A C   
728 O  O   . ILE A 91 ? 0.1148 0.1946 0.0835 -0.0243 0.0048  0.0415  309 ILE A O   
729 C  CB  . ILE A 91 ? 0.1589 0.1771 0.0938 -0.0263 0.0163  0.0040  309 ILE A CB  
730 C  CG1 . ILE A 91 ? 0.1337 0.1887 0.1076 -0.0124 0.0188  0.0114  309 ILE A CG1 
731 C  CG2 . ILE A 91 ? 0.2225 0.1516 0.1640 -0.0285 0.0197  0.0344  309 ILE A CG2 
732 C  CD1 . ILE A 91 ? 0.1614 0.2341 0.1357 -0.0002 0.0399  -0.0119 309 ILE A CD1 
733 O  OXT . ILE A 91 ? 0.1305 0.1771 0.1103 -0.0557 0.0085  0.0341  309 ILE A OXT 
734 O  O   . HOH B .  ? 0.0737 0.1165 0.0985 -0.0106 -0.0101 0.0184  1   HOH A O   
735 O  O   . HOH B .  ? 0.0982 0.1167 0.0751 0.0232  0.0204  0.0067  2   HOH A O   
736 O  O   . HOH B .  ? 0.0865 0.1549 0.1424 0.0275  0.0092  -0.0198 3   HOH A O   
737 O  O   . HOH B .  ? 0.1092 0.1476 0.0695 -0.0152 -0.0029 0.0241  4   HOH A O   
738 O  O   . HOH B .  ? 0.0957 0.1750 0.1054 0.0132  0.0223  -0.0069 5   HOH A O   
739 O  O   . HOH B .  ? 0.1125 0.1438 0.1116 0.0024  0.0201  -0.0261 6   HOH A O   
740 O  O   . HOH B .  ? 0.1227 0.1651 0.1326 0.0011  0.0227  0.0622  7   HOH A O   
741 O  O   . HOH B .  ? 0.1461 0.1675 0.1124 -0.0356 -0.0076 0.0396  8   HOH A O   
742 O  O   . HOH B .  ? 0.0932 0.1997 0.0989 0.0266  -0.0048 -0.0142 9   HOH A O   
743 O  O   . HOH B .  ? 0.1428 0.1566 0.1025 -0.0027 0.0210  0.0160  10  HOH A O   
744 O  O   . HOH B .  ? 0.1163 0.1691 0.1524 0.0084  0.0107  0.0079  11  HOH A O   
745 O  O   . HOH B .  ? 0.1102 0.2482 0.1121 0.0256  0.0073  0.0429  12  HOH A O   
746 O  O   . HOH B .  ? 0.1329 0.1572 0.3023 -0.0377 0.0805  -0.0571 13  HOH A O   
747 O  O   . HOH B .  ? 0.1498 0.1315 0.2067 -0.0009 0.0341  0.0035  14  HOH A O   
748 O  O   . HOH B .  ? 0.1285 0.1785 0.1621 0.0515  -0.0101 -0.0521 15  HOH A O   
749 O  O   . HOH B .  ? 0.1528 0.1679 0.1749 -0.0549 -0.0208 0.0564  16  HOH A O   
750 O  O   . HOH B .  ? 0.1440 0.1437 0.1670 0.0368  0.0449  0.0481  17  HOH A O   
751 O  O   . HOH B .  ? 0.3738 0.1366 0.1238 0.0465  0.0447  0.0168  18  HOH A O   
752 O  O   . HOH B .  ? 0.1615 0.1478 0.1824 -0.0295 0.0049  0.0596  19  HOH A O   
753 O  O   . HOH B .  ? 0.1138 0.1698 0.2142 -0.0156 0.0111  0.0682  20  HOH A O   
754 O  O   . HOH B .  ? 0.1283 0.1710 0.2027 -0.0361 0.0068  0.0266  21  HOH A O   
755 O  O   . HOH B .  ? 0.1362 0.1471 0.1954 -0.0435 -0.0182 0.0320  22  HOH A O   
756 O  O   . HOH B .  ? 0.1785 0.1946 0.1522 -0.0159 0.0202  -0.0328 23  HOH A O   
757 O  O   . HOH B .  ? 0.1139 0.3148 0.1276 0.0129  -0.0197 0.0115  24  HOH A O   
758 O  O   . HOH B .  ? 0.1404 0.4136 0.1574 0.0478  -0.0143 -0.0340 25  HOH A O   
759 O  O   . HOH B .  ? 0.2566 0.2380 0.2066 0.0226  -0.0940 -0.0437 26  HOH A O   
760 O  O   . HOH B .  ? 0.1766 0.1846 0.2262 -0.0229 -0.0531 0.0000  27  HOH A O   
761 O  O   . HOH B .  ? 0.2042 0.2300 0.2123 -0.0501 -0.0218 0.0824  28  HOH A O   
762 O  O   . HOH B .  ? 0.2291 0.2796 0.1793 -0.0690 0.0569  -0.0267 29  HOH A O   
763 O  O   . HOH B .  ? 0.2340 0.1973 0.2602 -0.0018 -0.0215 0.0655  30  HOH A O   
764 O  O   . HOH B .  ? 0.2442 0.1732 0.2371 -0.0640 0.0492  -0.0546 31  HOH A O   
765 O  O   . HOH B .  ? 0.3345 0.2047 0.1087 -0.0478 -0.0230 -0.0009 32  HOH A O   
766 O  O   . HOH B .  ? 0.1918 0.2693 0.1361 -0.0202 -0.0055 -0.0409 33  HOH A O   
767 O  O   . HOH B .  ? 0.2624 0.2511 0.2244 -0.1051 0.0151  -0.0626 34  HOH A O   
768 O  O   . HOH B .  ? 0.2774 0.1669 0.2332 -0.0405 0.0367  -0.0146 35  HOH A O   
769 O  O   . HOH B .  ? 0.1854 0.2552 0.1901 0.0683  0.0471  -0.0133 36  HOH A O   
770 O  O   . HOH B .  ? 0.2204 0.3989 0.3345 0.0801  0.0079  0.0619  37  HOH A O   
771 O  O   . HOH B .  ? 0.3277 0.2828 0.2120 -0.1258 0.0886  -0.0501 38  HOH A O   
772 O  O   . HOH B .  ? 0.2123 0.3181 0.2056 -0.0677 -0.0146 0.0379  39  HOH A O   
773 O  O   . HOH B .  ? 0.2792 0.2772 0.2428 -0.0194 -0.0970 0.0319  40  HOH A O   
774 O  O   . HOH B .  ? 0.2597 0.3895 0.1933 -0.1041 -0.0037 0.0115  41  HOH A O   
775 O  O   . HOH B .  ? 0.2093 0.2450 0.1817 0.0056  0.0096  0.0303  42  HOH A O   
776 O  O   . HOH B .  ? 0.3104 0.2567 0.2946 0.0112  0.0746  -0.0427 43  HOH A O   
777 O  O   . HOH B .  ? 0.2630 0.2235 0.1526 -0.0108 0.0139  -0.0019 44  HOH A O   
778 O  O   . HOH B .  ? 0.1352 0.1974 0.3319 -0.0156 -0.0310 0.0483  45  HOH A O   
779 O  O   . HOH B .  ? 0.3040 0.1527 0.2861 0.0163  0.0851  -0.0397 46  HOH A O   
780 O  O   . HOH B .  ? 0.4025 0.2410 0.1352 -0.0926 -0.0066 0.0017  47  HOH A O   
781 O  O   . HOH B .  ? 0.2933 0.3906 0.2716 0.0711  -0.0661 0.0742  48  HOH A O   
782 O  O   . HOH B .  ? 0.1995 0.2544 0.1327 -0.0650 0.0458  0.0050  49  HOH A O   
783 O  O   . HOH B .  ? 0.1467 0.1766 0.1078 0.0192  -0.0029 0.0127  50  HOH A O   
784 O  O   . HOH B .  ? 0.1174 0.2074 0.3087 0.0046  0.0127  -0.0359 51  HOH A O   
785 O  O   . HOH B .  ? 0.2829 0.1745 0.1853 -0.0555 0.0134  -0.0009 52  HOH A O   
786 O  O   . HOH B .  ? 0.2169 0.3070 0.1950 -0.0643 0.0367  -0.0653 53  HOH A O   
787 O  O   . HOH B .  ? 0.2078 0.2587 0.1862 -0.0415 -0.0057 -0.0240 54  HOH A O   
788 O  O   . HOH B .  ? 0.2201 0.2347 0.2097 0.0079  0.0496  0.0739  55  HOH A O   
789 O  O   . HOH B .  ? 0.2058 0.4773 0.1546 -0.0781 0.1026  -0.0675 56  HOH A O   
790 O  O   . HOH B .  ? 0.1854 0.2017 0.4099 -0.0234 0.0520  -0.0321 57  HOH A O   
791 O  O   . HOH B .  ? 0.2805 0.3918 0.2079 -0.0117 -0.0177 0.0741  58  HOH A O   
792 O  O   . HOH B .  ? 0.2790 0.2358 0.2102 -0.0052 -0.0158 0.0563  59  HOH A O   
793 O  O   . HOH B .  ? 0.1980 0.3635 0.2269 -0.0222 0.0237  0.0548  60  HOH A O   
794 O  O   . HOH B .  ? 0.3473 0.4046 0.2418 0.0553  0.0018  0.0701  61  HOH A O   
795 O  O   . HOH B .  ? 0.2600 0.3561 0.3171 0.0704  -0.0959 -0.0881 62  HOH A O   
796 O  O   . HOH B .  ? 0.3643 0.3134 0.2119 -0.0127 0.0005  0.0641  63  HOH A O   
797 O  O   . HOH B .  ? 0.4341 0.2775 0.2967 -0.0862 -0.1253 0.0342  64  HOH A O   
798 O  O   . HOH B .  ? 0.1958 0.2863 0.2743 -0.0217 -0.0141 -0.0312 65  HOH A O   
799 O  O   . HOH B .  ? 0.2496 0.3121 0.2363 -0.0185 -0.0079 0.0712  66  HOH A O   
800 O  O   . HOH B .  ? 0.2526 0.2795 0.2542 -0.0171 0.0018  0.0654  67  HOH A O   
801 O  O   . HOH B .  ? 0.1769 0.3020 0.4047 -0.0119 -0.0357 0.1229  68  HOH A O   
802 O  O   . HOH B .  ? 0.3220 0.3020 0.2228 0.0428  0.0046  0.0464  69  HOH A O   
803 O  O   . HOH B .  ? 0.2895 0.3395 0.3022 -0.0678 0.0175  -0.1347 70  HOH A O   
804 O  O   . HOH B .  ? 0.3844 0.2280 0.4708 0.0209  -0.0842 0.0153  71  HOH A O   
805 O  O   . HOH B .  ? 0.2266 0.1965 0.4427 -0.0184 -0.1493 -0.0276 72  HOH A O   
806 O  O   . HOH B .  ? 0.3224 0.4339 0.3119 -0.0074 -0.0422 -0.0098 73  HOH A O   
807 O  O   . HOH B .  ? 0.2752 0.2701 0.2984 0.0880  -0.0533 0.0357  74  HOH A O   
808 O  O   . HOH B .  ? 0.3225 0.3491 0.3651 0.0339  0.0548  -0.0743 75  HOH A O   
809 O  O   . HOH B .  ? 0.2412 0.2361 0.2543 -0.0388 0.0280  -0.0074 76  HOH A O   
810 O  O   . HOH B .  ? 0.2483 0.3616 0.2711 0.0257  -0.0359 0.0175  77  HOH A O   
811 O  O   . HOH B .  ? 0.2503 0.3290 0.3654 -0.0639 -0.0586 -0.0511 78  HOH A O   
812 O  O   . HOH B .  ? 0.1913 0.4030 0.3099 -0.0176 0.0597  0.0631  79  HOH A O   
813 O  O   . HOH B .  ? 0.2805 0.2399 0.5020 0.0645  0.0094  -0.0834 80  HOH A O   
814 O  O   . HOH B .  ? 0.3929 0.3339 0.3392 -0.0662 0.0769  0.0010  81  HOH A O   
815 O  O   . HOH B .  ? 0.2229 0.5421 0.1360 -0.0533 0.0074  0.0055  82  HOH A O   
816 O  O   . HOH B .  ? 0.3875 0.2920 0.2776 0.0336  0.0488  0.0002  83  HOH A O   
817 O  O   . HOH B .  ? 0.2570 0.3979 0.3171 0.2149  0.0127  -0.0305 84  HOH A O   
818 O  O   . HOH B .  ? 0.3784 0.2215 0.2617 -0.0403 0.0257  -0.0109 85  HOH A O   
819 O  O   . HOH B .  ? 0.4910 0.5328 0.5569 0.0136  -0.0248 -0.0090 86  HOH A O   
820 O  O   . HOH B .  ? 0.2489 0.3235 0.3928 0.0409  0.0021  0.0260  87  HOH A O   
821 O  O   . HOH B .  ? 0.2628 0.3345 0.3870 0.0902  -0.1333 -0.1343 88  HOH A O   
822 O  O   . HOH B .  ? 0.3889 0.3952 0.4824 -0.0491 -0.0359 -0.0260 89  HOH A O   
823 O  O   . HOH B .  ? 0.2476 0.3100 0.4656 0.0324  -0.0941 -0.0839 90  HOH A O   
824 O  O   . HOH B .  ? 0.2448 0.2480 0.4026 -0.0005 0.0631  0.0077  91  HOH A O   
825 O  O   . HOH B .  ? 0.3273 0.3362 0.2740 0.0345  -0.0385 0.0253  92  HOH A O   
826 O  O   . HOH B .  ? 0.2148 0.3078 0.2226 0.0005  0.0925  0.0629  93  HOH A O   
827 O  O   . HOH B .  ? 0.3991 0.3087 0.3379 -0.0228 0.0191  0.1094  94  HOH A O   
828 O  O   . HOH B .  ? 0.1676 0.1712 0.3607 -0.0279 0.0002  0.0528  95  HOH A O   
829 O  O   . HOH B .  ? 0.2643 0.2474 0.1783 -0.0390 -0.0165 -0.0137 96  HOH A O   
830 O  O   . HOH B .  ? 0.3779 0.2030 0.2879 -0.0015 0.1303  0.0575  97  HOH A O   
831 O  O   . HOH B .  ? 0.2702 0.1860 0.3488 -0.0268 -0.0248 0.0440  98  HOH A O   
832 O  O   . HOH B .  ? 0.4062 0.3391 0.2848 0.0830  -0.0135 0.0139  99  HOH A O   
833 O  O   . HOH B .  ? 0.2978 0.4597 0.3054 0.0192  0.0653  -0.0108 100 HOH A O   
834 O  O   . HOH B .  ? 0.3661 0.3291 0.2631 0.0146  -0.0317 -0.0381 101 HOH A O   
835 O  O   . HOH B .  ? 0.3468 0.4398 0.2879 0.0339  -0.0196 -0.0303 102 HOH A O   
836 O  O   . HOH B .  ? 0.2811 0.5149 0.4387 -0.0823 -0.1005 -0.0280 103 HOH A O   
837 O  O   . HOH B .  ? 0.3214 0.4344 0.3699 0.0451  0.0016  0.0038  104 HOH A O   
838 O  O   . HOH B .  ? 0.3522 0.3276 0.3970 0.0610  -0.0132 0.0123  105 HOH A O   
839 O  O   . HOH B .  ? 0.4493 0.3999 0.3032 0.0350  0.0075  0.1023  106 HOH A O   
840 O  O   . HOH B .  ? 0.3142 0.2128 0.4573 0.0353  -0.0343 -0.0131 107 HOH A O   
841 O  O   . HOH B .  ? 0.4004 0.3118 0.4639 0.0726  0.0044  -0.0552 108 HOH A O   
842 O  O   . HOH B .  ? 0.3367 0.5390 0.3339 0.0331  0.0369  0.0450  109 HOH A O   
843 O  O   . HOH B .  ? 0.4271 0.4676 0.3001 -0.0157 0.0609  0.0238  110 HOH A O   
844 O  O   . HOH B .  ? 0.4035 0.5302 0.4318 0.0164  -0.0450 0.0509  111 HOH A O   
845 O  O   . HOH B .  ? 0.5286 0.4092 0.5040 -0.0082 -0.0096 -0.0024 112 HOH A O   
846 O  O   . HOH B .  ? 0.4666 0.4637 0.5066 -0.0006 -0.0229 -0.0042 113 HOH A O   
847 O  O   . HOH B .  ? 0.4038 0.4193 0.2596 0.0614  -0.0447 -0.0321 114 HOH A O   
848 O  O   . HOH B .  ? 0.3965 0.4232 0.3144 -0.0342 -0.0861 -0.0373 115 HOH A O   
849 O  O   . HOH B .  ? 0.4397 0.4935 0.5196 0.0120  -0.0187 -0.0315 116 HOH A O   
850 O  O   . HOH B .  ? 0.3144 0.3036 0.3331 -0.0065 -0.0071 -0.0086 117 HOH A O   
851 O  O   . HOH B .  ? 0.5218 0.4634 0.4780 0.0215  0.0069  0.0442  118 HOH A O   
852 O  O   . HOH B .  ? 0.2781 0.3826 0.4156 -0.0027 -0.0397 0.0470  119 HOH A O   
853 O  O   . HOH B .  ? 0.3664 0.3537 0.4309 -0.0068 -0.0073 -0.0502 120 HOH A O   
854 O  O   . HOH B .  ? 0.3843 0.4054 0.3540 0.0407  -0.0160 0.0432  121 HOH A O   
855 O  O   . HOH B .  ? 0.4226 0.2114 0.4843 -0.0061 -0.0144 0.0364  122 HOH A O   
856 O  O   . HOH B .  ? 0.3725 0.3015 0.4067 -0.0277 0.0384  0.0382  123 HOH A O   
857 O  O   . HOH B .  ? 0.4557 0.4502 0.5420 0.0100  -0.0017 -0.0637 124 HOH A O   
858 O  O   . HOH B .  ? 0.4268 0.4603 0.3819 -0.0269 -0.0028 0.0137  125 HOH A O   
859 O  O   . HOH B .  ? 0.4053 0.4559 0.5035 -0.0144 0.0168  -0.0193 126 HOH A O   
860 O  O   . HOH B .  ? 0.4816 0.4286 0.3713 0.0242  -0.0050 0.0451  127 HOH A O   
861 O  O   . HOH B .  ? 0.3626 0.2999 0.4577 0.0164  -0.0207 0.0553  128 HOH A O   
862 O  O   . HOH B .  ? 0.4076 0.4089 0.2840 0.0204  0.0983  0.0060  129 HOH A O   
863 O  O   . HOH B .  ? 0.4450 0.4541 0.3696 0.0236  0.0142  0.0193  130 HOH A O   
864 O  O   . HOH B .  ? 0.4291 0.4716 0.3712 0.0256  -0.0095 0.0370  131 HOH A O   
865 O  O   . HOH B .  ? 0.2916 0.2638 0.3767 -0.0333 0.0501  -0.0531 132 HOH A O   
866 O  O   . HOH B .  ? 0.2285 0.3340 0.3764 0.0529  -0.0247 -0.0153 133 HOH A O   
867 O  O   . HOH B .  ? 0.3492 0.3886 0.3798 0.1051  -0.0084 0.0259  134 HOH A O   
868 O  O   . HOH B .  ? 0.2737 0.3186 0.3057 0.0464  0.0007  0.0306  135 HOH A O   
869 O  O   . HOH B .  ? 0.2080 0.1835 0.1572 -0.0321 -0.0175 0.0000  136 HOH A O   
870 O  O   . HOH B .  ? 0.2340 0.2284 0.1447 -0.0465 0.0072  -0.0115 137 HOH A O   
871 O  O   . HOH B .  ? 0.2946 0.1481 0.1756 -0.0171 0.0074  -0.0059 138 HOH A O   
872 O  O   . HOH B .  ? 0.2246 0.3685 0.3070 -0.0462 -0.0194 0.0256  139 HOH A O   
873 O  O   . HOH B .  ? 0.3482 0.2636 0.3394 -0.0686 -0.0083 0.0172  140 HOH A O   
874 O  O   . HOH B .  ? 0.2658 0.3880 0.3683 0.0428  0.0151  0.1437  141 HOH A O   
875 O  O   . HOH B .  ? 0.4342 0.3667 0.5332 -0.0019 -0.0105 -0.0258 142 HOH A O   
876 O  O   . HOH B .  ? 0.4349 0.3206 0.4055 -0.0682 0.0619  -0.0420 143 HOH A O   
877 O  O   . HOH B .  ? 0.4612 0.4724 0.4555 0.0069  -0.0255 -0.0207 144 HOH A O   
878 O  O   . HOH B .  ? 0.3010 0.2126 0.3529 -0.0249 0.0724  -0.0294 145 HOH A O   
879 O  O   . HOH B .  ? 0.2731 0.3981 0.3377 -0.0883 0.0055  -0.0096 146 HOH A O   
880 O  O   . HOH B .  ? 0.3504 0.3128 0.4508 0.0210  0.0761  -0.0135 147 HOH A O   
881 O  O   . HOH B .  ? 0.3159 0.4374 0.2214 0.0162  -0.0086 0.0982  148 HOH A O   
882 O  O   . HOH B .  ? 0.2781 0.4635 0.2754 0.0374  0.0528  0.0179  149 HOH A O   
883 O  O   . HOH B .  ? 0.4889 0.3819 0.3145 -0.0334 0.0111  0.0694  150 HOH A O   
884 O  O   . HOH B .  ? 0.3569 0.3439 0.3512 0.0254  -0.0366 -0.0701 152 HOH A O   
# 
